data_7W02
#
_entry.id   7W02
#
_cell.length_a   1.00
_cell.length_b   1.00
_cell.length_c   1.00
_cell.angle_alpha   90.00
_cell.angle_beta   90.00
_cell.angle_gamma   90.00
#
_symmetry.space_group_name_H-M   'P 1'
#
loop_
_entity.id
_entity.type
_entity.pdbx_description
1 polymer 'Phospholipid-transporting ATPase ABCA3'
2 non-polymer "ADENOSINE-5'-TRIPHOSPHATE"
3 non-polymer 'MAGNESIUM ION'
4 non-polymer 2-acetamido-2-deoxy-beta-D-glucopyranose
#
_entity_poly.entity_id   1
_entity_poly.type   'polypeptide(L)'
_entity_poly.pdbx_seq_one_letter_code
;MADYKDDDDKSGPDEVDASGRMAVLRQLALLLWKNYTLQKRKVLVTVLELFLPLLFSGILIWLRLKIQSENVPNATIYPG
QSIQELPLFFTFPPPGDTWELAYIPSHSDAAKTVTETVRRALVINMRVRGFPSEKDFEDYIRYDNCSSSVLAAVVFEHPF
NHSKEPLPLAVKYHLRFSYTRRNYMWTQTGSFFLKETEGWHTTSLFPLFPNPGPREPTSPDGGEPGYIREGFLAVQHAVD
RAIMEYHADAATRQLFQRLTVTIKRFPYPPFIADPFLVAIQYQLPLLLLLSFTYTALTIARAVVQEKERRLKEYMRMMGL
SSWLHWSAWFLLFFLFLLIAASFMTLLFCVKVKPNVAVLSRSDPSLVLAFLLCFAISTISFSFMVSTFFSKANMAAAFGG
FLYFFTYIPYFFVAPRYNWMTLSQKLCSCLLSNVAMAMGAQLIGKFEAKGMGIQWRDLLSPVNVDDDFCFGQVLGMLLLD
SVLYGLVTWYMEAVFPGQFGVPQPWYFFIMPSYWCGKPRAVAGKEEEDSDPEKALRNEYFEAEPEDLVAGIKIKHLSKVF
RVGNKDRAAVRDLNLNLYEGQITVLLGHNGAGKTTTLSMLTGLFPPTSGRAYISGYEISQDMVQIRKSLGLCPQHDILFD
NLTVAEHLYFYAQLKGLSRQKCPEEVKQMLHIIGLEDKWNSRSRFLSGGMRRKLSIGIALIAGSKVLILDQPTSGMDAIS
RRAIWDLLQRQKSDRTIVLTTHFMDEADLLGDRIAIMAKGELQCCGSSLFLKQKYGAGYHMTLVKEPHCNPEDISQLVHH
HVPNATLESSAGAELSFILPRESTHRFEGLFAKLEKKQKELGIASFGASITTMEEVFLRVGKLVDSSMDIQAIQLPALQY
QHERRASDWAVDSNLCGAMDPSDGIGALIEEERTAVKLNTGLALHCQQFWAMFLKKAAYSWREWKMVAAQVLVPLTCVTL
ALLAINYSSELFDDPMLRLTLGEYGRTVVPFSVPGTSQLGQQLSEHLKDALQAEGQEPREVLGDLEEFLIFRASVEGGGF
NERCLVAASFRDVGERTVVNALFNNQAYHSPATALAVVDNLLFKLLCGPHASIVVSNFPQPRSALQAAKDQFNEGRKGFD
IALNLLFAMAFLASTFSILAVSERAVQAKHVQFVSGVHVASFWLSALLWDLISFLIPSLLLLVVFKAFDVRAFTRDGHMA
DTLLLLLLYGWAIIPLMYLMNFFFLGAATAYTRLTIFNILSGIATFLMVTIMRIPAVKLEELSKTLDHVFLVLPNHCLGM
AVSSFYENYETRRYCTSSEVAAHYCKKYNIQYQENFYAWSAPGVGRFVASMAASGCAYLILLFLIETNLLQRLRGILCAL
RRRRTLTELYTRMPVLPEDQDVADERTRILAPSPDSLLHTPLIIKELSKVYEQRVPLLAVDRLSLAVQKGECFGLLGFNG
AGKTTTFKMLTGEESLTSGDAFVGGHRISSDVGKVRQRIGYCPQFDALLDHMTGREMLVMYARLRGIPERHIGACVENTL
RGLLLEPHANKLVRTYSGGNKRKLSTGIALIGEPAVIFLDQPSTGMDPVARRLLWDTVARARESGKAIIITSHSMEECEA
LCTRLAIMVQGQFKCLGSPQHLKSKFGSGYSLRAKVQSEGQQEALEEFKAFVDLTFPGSVLEDEHQGMVHYHLPGRDLSW
AKVFGILEKAKEKYGVDDYSVSQISLEQVFLSFAHLQPPTAEEGRLEGSDEVDAVEGSHHHHHHHHHH
;
_entity_poly.pdbx_strand_id   A
#
loop_
_chem_comp.id
_chem_comp.type
_chem_comp.name
_chem_comp.formula
ATP non-polymer ADENOSINE-5'-TRIPHOSPHATE 'C10 H16 N5 O13 P3'
MG non-polymer 'MAGNESIUM ION' 'Mg 2'
NAG D-saccharide, beta linking 2-acetamido-2-deoxy-beta-D-glucopyranose 'C8 H15 N O6'
#
# COMPACT_ATOMS: atom_id res chain seq x y z
N MET A 22 7.26 1.62 35.47
CA MET A 22 8.65 1.34 35.09
C MET A 22 8.71 0.21 34.06
N ALA A 23 7.72 -0.68 34.10
CA ALA A 23 7.65 -1.74 33.10
C ALA A 23 7.38 -1.20 31.71
N VAL A 24 6.65 -0.09 31.61
CA VAL A 24 6.36 0.49 30.31
C VAL A 24 7.64 0.91 29.61
N LEU A 25 8.56 1.55 30.33
CA LEU A 25 9.81 1.97 29.71
C LEU A 25 10.72 0.79 29.47
N ARG A 26 10.61 -0.26 30.29
CA ARG A 26 11.41 -1.46 30.09
C ARG A 26 10.92 -2.31 28.93
N GLN A 27 9.69 -2.08 28.47
CA GLN A 27 9.14 -2.81 27.32
C GLN A 27 9.20 -2.00 26.03
N LEU A 28 9.15 -0.68 26.12
CA LEU A 28 9.37 0.15 24.94
C LEU A 28 10.75 -0.08 24.35
N ALA A 29 11.76 -0.18 25.22
CA ALA A 29 13.11 -0.49 24.74
C ALA A 29 13.16 -1.85 24.06
N LEU A 30 12.39 -2.82 24.56
CA LEU A 30 12.34 -4.14 23.93
C LEU A 30 11.76 -4.05 22.53
N LEU A 31 10.65 -3.33 22.37
CA LEU A 31 10.06 -3.19 21.04
C LEU A 31 11.02 -2.48 20.09
N LEU A 32 11.69 -1.45 20.57
CA LEU A 32 12.66 -0.73 19.73
C LEU A 32 13.81 -1.63 19.33
N TRP A 33 14.28 -2.46 20.25
CA TRP A 33 15.35 -3.41 19.92
C TRP A 33 14.88 -4.40 18.86
N LYS A 34 13.65 -4.89 18.97
CA LYS A 34 13.15 -5.80 17.96
C LYS A 34 13.10 -5.15 16.59
N ASN A 35 12.61 -3.92 16.51
CA ASN A 35 12.54 -3.23 15.23
C ASN A 35 13.93 -2.98 14.66
N TYR A 36 14.89 -2.57 15.49
CA TYR A 36 16.25 -2.36 15.01
C TYR A 36 16.89 -3.64 14.52
N THR A 37 16.67 -4.76 15.23
CA THR A 37 17.22 -6.04 14.78
C THR A 37 16.62 -6.46 13.44
N LEU A 38 15.31 -6.31 13.28
CA LEU A 38 14.70 -6.68 12.01
C LEU A 38 15.19 -5.80 10.86
N GLN A 39 15.38 -4.51 11.12
CA GLN A 39 15.88 -3.61 10.09
C GLN A 39 17.34 -3.83 9.74
N LYS A 40 18.14 -4.28 10.72
CA LYS A 40 19.56 -4.50 10.48
C LYS A 40 19.84 -5.60 9.46
N ARG A 41 18.89 -6.50 9.22
CA ARG A 41 19.13 -7.66 8.38
C ARG A 41 18.57 -7.51 6.98
N LYS A 42 18.12 -6.31 6.60
CA LYS A 42 17.83 -5.99 5.20
C LYS A 42 18.38 -4.59 4.96
N VAL A 43 19.66 -4.52 4.57
CA VAL A 43 20.34 -3.23 4.46
C VAL A 43 20.26 -2.70 3.04
N LEU A 44 20.24 -3.60 2.05
CA LEU A 44 20.06 -3.13 0.68
C LEU A 44 18.71 -2.44 0.51
N VAL A 45 17.64 -3.06 1.01
CA VAL A 45 16.33 -2.44 0.93
C VAL A 45 16.27 -1.12 1.67
N THR A 46 16.81 -1.06 2.89
CA THR A 46 16.81 0.17 3.66
C THR A 46 17.59 1.30 2.98
N VAL A 47 18.80 1.02 2.50
CA VAL A 47 19.58 2.05 1.83
C VAL A 47 18.88 2.50 0.56
N LEU A 48 18.26 1.57 -0.16
CA LEU A 48 17.55 1.94 -1.37
C LEU A 48 16.42 2.91 -1.06
N GLU A 49 15.54 2.55 -0.13
CA GLU A 49 14.39 3.40 0.14
C GLU A 49 14.74 4.64 0.95
N LEU A 50 15.95 4.73 1.47
CA LEU A 50 16.39 5.95 2.13
C LEU A 50 16.90 7.00 1.15
N PHE A 51 17.11 6.65 -0.12
CA PHE A 51 17.65 7.58 -1.09
C PHE A 51 16.75 7.71 -2.31
N LEU A 52 15.50 7.26 -2.23
CA LEU A 52 14.49 7.55 -3.23
C LEU A 52 13.94 8.97 -3.09
N PRO A 53 13.75 9.51 -1.87
CA PRO A 53 13.35 10.92 -1.76
C PRO A 53 14.35 11.90 -2.34
N LEU A 54 15.56 11.48 -2.70
CA LEU A 54 16.55 12.40 -3.21
C LEU A 54 16.57 12.49 -4.72
N LEU A 55 15.97 11.53 -5.43
CA LEU A 55 15.90 11.60 -6.88
C LEU A 55 14.89 12.63 -7.37
N PHE A 56 14.09 13.20 -6.48
CA PHE A 56 13.19 14.30 -6.83
C PHE A 56 13.74 15.65 -6.43
N SER A 57 14.59 15.71 -5.43
CA SER A 57 15.25 16.95 -5.06
C SER A 57 16.61 17.11 -5.71
N GLY A 58 17.10 16.10 -6.43
CA GLY A 58 18.27 16.28 -7.26
C GLY A 58 17.99 16.92 -8.60
N ILE A 59 16.73 16.84 -9.06
CA ILE A 59 16.34 17.53 -10.28
C ILE A 59 16.65 19.01 -10.15
N LEU A 60 16.25 19.61 -9.03
CA LEU A 60 16.48 21.03 -8.82
C LEU A 60 17.95 21.35 -8.68
N ILE A 61 18.70 20.55 -7.92
CA ILE A 61 20.12 20.83 -7.73
C ILE A 61 20.92 20.57 -9.00
N TRP A 62 20.37 19.88 -9.99
CA TRP A 62 21.05 19.78 -11.26
C TRP A 62 20.68 20.94 -12.18
N LEU A 63 19.39 21.24 -12.25
CA LEU A 63 18.94 22.41 -13.00
C LEU A 63 19.64 23.67 -12.54
N ARG A 64 20.01 23.73 -11.26
CA ARG A 64 20.66 24.93 -10.75
C ARG A 64 22.08 25.06 -11.25
N LEU A 65 22.77 23.93 -11.47
CA LEU A 65 24.07 24.01 -12.12
C LEU A 65 23.93 24.35 -13.59
N LYS A 66 22.88 23.86 -14.26
CA LYS A 66 22.73 24.15 -15.68
C LYS A 66 22.41 25.62 -15.91
N ILE A 67 21.29 26.10 -15.37
CA ILE A 67 20.89 27.50 -15.56
C ILE A 67 21.90 28.44 -14.93
N GLN A 68 22.13 29.58 -15.59
CA GLN A 68 23.15 30.52 -15.14
C GLN A 68 22.64 31.95 -15.19
N SER A 69 23.36 32.83 -14.48
CA SER A 69 22.98 34.22 -14.30
C SER A 69 23.81 35.15 -15.19
N GLU A 70 23.56 36.46 -15.08
CA GLU A 70 24.20 37.42 -15.97
C GLU A 70 24.91 38.56 -15.27
N ASN A 71 24.37 39.07 -14.17
CA ASN A 71 25.01 40.12 -13.36
C ASN A 71 25.26 41.40 -14.17
N VAL A 72 24.16 42.06 -14.52
CA VAL A 72 24.23 43.39 -15.12
C VAL A 72 24.95 44.35 -14.16
N PRO A 73 26.01 45.02 -14.59
CA PRO A 73 26.89 45.71 -13.63
C PRO A 73 26.50 47.15 -13.28
N ASN A 74 25.85 47.87 -14.20
CA ASN A 74 25.60 49.28 -14.01
C ASN A 74 24.11 49.58 -13.93
N ALA A 75 23.77 50.71 -13.34
CA ALA A 75 22.38 51.07 -13.11
C ALA A 75 21.69 51.42 -14.43
N THR A 76 20.36 51.37 -14.40
CA THR A 76 19.53 51.63 -15.57
C THR A 76 18.79 52.94 -15.37
N ILE A 77 18.79 53.79 -16.41
CA ILE A 77 18.17 55.11 -16.34
C ILE A 77 17.13 55.20 -17.45
N TYR A 78 16.13 56.06 -17.23
CA TYR A 78 15.05 56.22 -18.18
C TYR A 78 14.78 57.70 -18.43
N PRO A 79 14.32 58.05 -19.63
CA PRO A 79 13.98 59.44 -19.92
C PRO A 79 12.52 59.76 -19.65
N GLY A 80 12.25 61.05 -19.52
CA GLY A 80 10.92 61.49 -19.15
C GLY A 80 9.95 61.47 -20.32
N GLN A 81 8.67 61.59 -19.97
CA GLN A 81 7.59 61.72 -20.94
C GLN A 81 6.88 63.06 -20.78
N SER A 82 5.78 63.22 -21.51
CA SER A 82 5.00 64.44 -21.48
C SER A 82 3.53 64.06 -21.61
N ILE A 83 2.71 64.60 -20.73
CA ILE A 83 1.31 64.20 -20.66
C ILE A 83 0.42 65.38 -21.03
N GLN A 84 0.95 66.29 -21.85
CA GLN A 84 0.15 67.43 -22.29
C GLN A 84 -0.99 66.99 -23.20
N GLU A 85 -0.77 65.98 -24.02
CA GLU A 85 -1.71 65.59 -25.07
C GLU A 85 -1.82 64.07 -25.13
N LEU A 86 -2.85 63.61 -25.83
CA LEU A 86 -3.05 62.18 -26.01
C LEU A 86 -1.93 61.60 -26.88
N PRO A 87 -1.64 60.31 -26.74
CA PRO A 87 -0.62 59.69 -27.59
C PRO A 87 -1.02 59.72 -29.06
N LEU A 88 -0.02 59.57 -29.93
CA LEU A 88 -0.22 59.71 -31.38
C LEU A 88 -0.85 58.45 -31.96
N PHE A 89 -1.98 58.06 -31.37
CA PHE A 89 -2.80 56.98 -31.89
C PHE A 89 -4.28 57.32 -31.93
N PHE A 90 -4.75 58.25 -31.11
CA PHE A 90 -6.16 58.58 -31.02
C PHE A 90 -6.56 59.72 -31.96
N THR A 91 -5.61 60.28 -32.70
CA THR A 91 -5.95 61.24 -33.73
C THR A 91 -6.68 60.58 -34.88
N PHE A 92 -6.43 59.30 -35.11
CA PHE A 92 -7.12 58.55 -36.16
C PHE A 92 -8.43 58.00 -35.60
N PRO A 93 -9.58 58.42 -36.15
CA PRO A 93 -10.84 57.90 -35.63
C PRO A 93 -10.97 56.41 -35.89
N PRO A 94 -11.69 55.68 -35.05
CA PRO A 94 -11.88 54.25 -35.30
C PRO A 94 -12.70 54.05 -36.56
N PRO A 95 -12.50 52.94 -37.27
CA PRO A 95 -13.26 52.72 -38.51
C PRO A 95 -14.76 52.75 -38.27
N GLY A 96 -15.42 53.76 -38.83
CA GLY A 96 -16.85 53.89 -38.69
C GLY A 96 -17.32 55.19 -38.07
N ASP A 97 -16.59 55.70 -37.08
CA ASP A 97 -17.08 56.87 -36.35
C ASP A 97 -15.89 57.57 -35.71
N THR A 98 -16.17 58.48 -34.77
CA THR A 98 -15.16 59.22 -34.04
C THR A 98 -15.15 58.77 -32.57
N TRP A 99 -14.09 59.14 -31.87
CA TRP A 99 -13.97 58.80 -30.46
C TRP A 99 -15.04 59.49 -29.64
N GLU A 100 -15.47 58.85 -28.57
CA GLU A 100 -16.65 59.26 -27.83
C GLU A 100 -16.32 59.35 -26.35
N LEU A 101 -16.96 60.32 -25.67
CA LEU A 101 -16.70 60.64 -24.28
C LEU A 101 -18.01 60.80 -23.55
N ALA A 102 -18.02 60.52 -22.24
CA ALA A 102 -19.27 60.49 -21.50
C ALA A 102 -19.05 60.95 -20.07
N TYR A 103 -20.15 61.29 -19.40
CA TYR A 103 -20.15 61.59 -17.98
C TYR A 103 -21.44 61.06 -17.36
N ILE A 104 -21.32 60.54 -16.15
CA ILE A 104 -22.42 59.81 -15.52
C ILE A 104 -23.48 60.71 -14.90
N PRO A 105 -23.15 61.73 -14.12
CA PRO A 105 -24.22 62.64 -13.68
C PRO A 105 -24.61 63.59 -14.80
N SER A 106 -25.74 63.35 -15.45
CA SER A 106 -26.14 64.14 -16.59
C SER A 106 -27.13 65.25 -16.25
N HIS A 107 -27.78 65.17 -15.10
CA HIS A 107 -28.75 66.17 -14.72
C HIS A 107 -28.14 67.31 -13.92
N SER A 108 -26.85 67.59 -14.12
CA SER A 108 -26.19 68.69 -13.43
C SER A 108 -25.32 69.46 -14.41
N ASP A 109 -25.42 70.78 -14.36
CA ASP A 109 -24.75 71.62 -15.35
C ASP A 109 -23.25 71.65 -15.13
N ALA A 110 -22.81 71.60 -13.86
CA ALA A 110 -21.39 71.62 -13.59
C ALA A 110 -20.67 70.40 -14.17
N ALA A 111 -21.28 69.23 -14.02
CA ALA A 111 -20.71 67.99 -14.55
C ALA A 111 -20.62 68.00 -16.07
N LYS A 112 -21.35 68.89 -16.74
CA LYS A 112 -21.25 69.04 -18.18
C LYS A 112 -20.28 70.14 -18.59
N THR A 113 -20.25 71.26 -17.87
CA THR A 113 -19.33 72.33 -18.21
C THR A 113 -17.88 71.95 -17.90
N VAL A 114 -17.66 71.01 -16.97
CA VAL A 114 -16.32 70.48 -16.78
C VAL A 114 -15.93 69.62 -17.98
N THR A 115 -16.84 68.75 -18.42
CA THR A 115 -16.52 67.87 -19.53
C THR A 115 -16.34 68.63 -20.83
N GLU A 116 -17.02 69.76 -20.99
CA GLU A 116 -16.81 70.58 -22.17
C GLU A 116 -15.37 71.13 -22.20
N THR A 117 -14.90 71.61 -21.06
CA THR A 117 -13.52 72.06 -20.97
C THR A 117 -12.56 70.92 -21.27
N VAL A 118 -12.86 69.73 -20.76
CA VAL A 118 -12.01 68.57 -21.04
C VAL A 118 -11.99 68.28 -22.54
N ARG A 119 -13.15 68.36 -23.19
CA ARG A 119 -13.21 68.12 -24.63
C ARG A 119 -12.38 69.14 -25.39
N ARG A 120 -12.44 70.40 -24.98
CA ARG A 120 -11.60 71.42 -25.63
C ARG A 120 -10.13 71.12 -25.44
N ALA A 121 -9.75 70.66 -24.24
CA ALA A 121 -8.34 70.40 -23.97
C ALA A 121 -7.79 69.28 -24.85
N LEU A 122 -8.52 68.17 -24.94
CA LEU A 122 -8.12 67.06 -25.80
C LEU A 122 -8.52 67.40 -27.22
N VAL A 123 -7.57 67.87 -28.01
CA VAL A 123 -7.89 68.52 -29.30
C VAL A 123 -7.97 67.40 -30.34
N ILE A 124 -9.12 66.72 -30.36
CA ILE A 124 -9.46 65.78 -31.42
C ILE A 124 -10.96 65.88 -31.67
N ASN A 125 -11.46 65.09 -32.61
CA ASN A 125 -12.89 65.06 -32.89
C ASN A 125 -13.55 64.08 -31.93
N MET A 126 -14.30 64.60 -30.97
CA MET A 126 -14.96 63.76 -29.97
C MET A 126 -16.39 64.25 -29.77
N ARG A 127 -17.26 63.34 -29.33
CA ARG A 127 -18.64 63.67 -29.04
C ARG A 127 -18.98 63.21 -27.62
N VAL A 128 -19.64 64.07 -26.86
CA VAL A 128 -20.01 63.77 -25.49
C VAL A 128 -21.37 63.08 -25.44
N ARG A 129 -21.69 62.50 -24.29
CA ARG A 129 -22.99 61.87 -24.05
C ARG A 129 -23.39 62.17 -22.60
N GLY A 130 -24.39 61.47 -22.12
CA GLY A 130 -24.85 61.65 -20.75
C GLY A 130 -25.84 60.58 -20.35
N PHE A 131 -25.77 60.14 -19.10
CA PHE A 131 -26.59 59.06 -18.60
C PHE A 131 -27.22 59.47 -17.29
N PRO A 132 -28.36 58.87 -16.92
CA PRO A 132 -28.99 59.21 -15.64
C PRO A 132 -28.37 58.52 -14.44
N SER A 133 -27.54 57.50 -14.64
CA SER A 133 -26.93 56.76 -13.54
C SER A 133 -25.80 55.93 -14.11
N GLU A 134 -25.09 55.22 -13.23
CA GLU A 134 -24.03 54.33 -13.67
C GLU A 134 -24.57 53.04 -14.26
N LYS A 135 -25.74 52.60 -13.79
CA LYS A 135 -26.34 51.37 -14.30
C LYS A 135 -26.65 51.49 -15.78
N ASP A 136 -27.15 52.65 -16.20
CA ASP A 136 -27.42 52.87 -17.62
C ASP A 136 -26.15 52.77 -18.44
N PHE A 137 -25.05 53.33 -17.94
CA PHE A 137 -23.80 53.23 -18.66
C PHE A 137 -23.32 51.78 -18.75
N GLU A 138 -23.43 51.03 -17.65
CA GLU A 138 -22.99 49.64 -17.68
C GLU A 138 -23.79 48.85 -18.71
N ASP A 139 -25.11 49.04 -18.74
CA ASP A 139 -25.94 48.34 -19.71
C ASP A 139 -25.60 48.76 -21.14
N TYR A 140 -25.45 50.07 -21.37
CA TYR A 140 -25.09 50.54 -22.71
C TYR A 140 -23.76 49.96 -23.17
N ILE A 141 -22.84 49.73 -22.23
CA ILE A 141 -21.57 49.11 -22.62
C ILE A 141 -21.78 47.63 -22.94
N ARG A 142 -22.51 46.91 -22.10
CA ARG A 142 -22.60 45.46 -22.27
C ARG A 142 -23.83 44.99 -23.04
N TYR A 143 -24.78 45.88 -23.36
CA TYR A 143 -25.98 45.48 -24.09
C TYR A 143 -26.26 46.40 -25.27
N ASP A 144 -25.25 46.67 -26.10
CA ASP A 144 -25.43 47.49 -27.28
C ASP A 144 -24.33 47.16 -28.27
N ASN A 145 -24.44 47.72 -29.48
CA ASN A 145 -23.42 47.50 -30.48
C ASN A 145 -22.82 48.78 -31.04
N CYS A 146 -23.47 49.92 -30.87
CA CYS A 146 -22.87 51.19 -31.25
C CYS A 146 -21.83 51.68 -30.24
N SER A 147 -21.73 51.00 -29.09
CA SER A 147 -20.71 51.29 -28.09
C SER A 147 -19.40 50.66 -28.52
N SER A 148 -18.45 50.55 -27.59
CA SER A 148 -17.10 50.06 -27.85
C SER A 148 -16.30 51.06 -28.69
N SER A 149 -16.75 52.31 -28.68
CA SER A 149 -15.95 53.43 -29.16
C SER A 149 -15.76 54.50 -28.09
N VAL A 150 -16.34 54.33 -26.90
CA VAL A 150 -16.13 55.27 -25.80
C VAL A 150 -14.69 55.20 -25.34
N LEU A 151 -14.08 56.37 -25.15
CA LEU A 151 -12.72 56.42 -24.61
C LEU A 151 -12.72 56.35 -23.09
N ALA A 152 -13.39 57.29 -22.44
CA ALA A 152 -13.44 57.34 -20.99
C ALA A 152 -14.86 57.73 -20.57
N ALA A 153 -15.11 57.68 -19.27
CA ALA A 153 -16.43 58.05 -18.75
C ALA A 153 -16.25 58.62 -17.35
N VAL A 154 -16.22 59.94 -17.24
CA VAL A 154 -16.03 60.58 -15.94
C VAL A 154 -17.27 60.41 -15.09
N VAL A 155 -17.07 59.97 -13.85
CA VAL A 155 -18.17 59.67 -12.93
C VAL A 155 -17.99 60.52 -11.68
N PHE A 156 -18.90 61.45 -11.45
CA PHE A 156 -18.83 62.31 -10.28
C PHE A 156 -19.70 61.73 -9.17
N GLU A 157 -19.11 61.56 -7.99
CA GLU A 157 -19.79 60.95 -6.85
C GLU A 157 -20.36 62.01 -5.92
N HIS A 158 -21.37 62.74 -6.41
CA HIS A 158 -21.98 63.76 -5.59
C HIS A 158 -23.50 63.73 -5.74
N PRO A 159 -24.23 64.06 -4.67
CA PRO A 159 -25.70 64.07 -4.73
C PRO A 159 -26.28 64.94 -5.84
N PHE A 160 -25.81 66.17 -5.95
CA PHE A 160 -26.18 67.06 -7.06
C PHE A 160 -27.68 67.33 -7.16
N ASN A 161 -28.26 68.04 -6.20
CA ASN A 161 -29.65 68.44 -6.27
C ASN A 161 -29.91 69.40 -7.43
N HIS A 162 -31.01 69.17 -8.13
CA HIS A 162 -31.67 70.11 -9.03
C HIS A 162 -30.77 70.94 -9.94
N SER A 163 -29.75 70.32 -10.54
CA SER A 163 -29.04 70.88 -11.68
C SER A 163 -28.59 72.33 -11.49
N LYS A 164 -28.33 72.74 -10.26
CA LYS A 164 -27.83 74.09 -10.01
C LYS A 164 -26.73 74.05 -8.95
N GLU A 165 -26.46 72.85 -8.44
CA GLU A 165 -25.45 72.72 -7.41
C GLU A 165 -24.06 72.95 -7.98
N PRO A 166 -23.18 73.65 -7.27
CA PRO A 166 -21.81 73.82 -7.73
C PRO A 166 -20.90 72.70 -7.24
N LEU A 167 -19.79 72.53 -7.94
CA LEU A 167 -18.80 71.54 -7.53
C LEU A 167 -18.21 71.93 -6.19
N PRO A 168 -18.18 71.02 -5.21
CA PRO A 168 -17.58 71.35 -3.92
C PRO A 168 -16.07 71.50 -4.04
N LEU A 169 -15.46 71.99 -2.97
CA LEU A 169 -13.99 72.03 -2.94
C LEU A 169 -13.42 70.62 -2.95
N ALA A 170 -14.03 69.70 -2.21
CA ALA A 170 -13.56 68.32 -2.14
C ALA A 170 -14.31 67.51 -3.17
N VAL A 171 -13.66 67.24 -4.30
CA VAL A 171 -14.27 66.48 -5.39
C VAL A 171 -13.59 65.13 -5.50
N LYS A 172 -14.29 64.20 -6.12
CA LYS A 172 -13.76 62.86 -6.36
C LYS A 172 -14.52 62.25 -7.52
N TYR A 173 -13.85 61.36 -8.25
CA TYR A 173 -14.46 60.81 -9.46
C TYR A 173 -13.75 59.52 -9.86
N HIS A 174 -14.32 58.85 -10.86
CA HIS A 174 -13.73 57.69 -11.50
C HIS A 174 -13.30 58.05 -12.91
N LEU A 175 -12.66 57.08 -13.58
CA LEU A 175 -12.47 57.15 -15.02
C LEU A 175 -12.66 55.74 -15.56
N ARG A 176 -13.75 55.54 -16.30
CA ARG A 176 -14.07 54.24 -16.88
C ARG A 176 -13.38 54.13 -18.23
N PHE A 177 -12.24 53.43 -18.25
CA PHE A 177 -11.56 53.15 -19.51
C PHE A 177 -11.95 51.78 -20.04
N SER A 178 -11.35 51.43 -21.17
CA SER A 178 -11.67 50.18 -21.84
C SER A 178 -11.23 48.99 -20.98
N TYR A 179 -11.57 47.80 -21.45
CA TYR A 179 -11.19 46.58 -20.75
C TYR A 179 -10.06 45.84 -21.45
N THR A 180 -9.63 46.29 -22.63
CA THR A 180 -8.63 45.59 -23.40
C THR A 180 -7.55 46.56 -23.86
N ARG A 181 -6.38 46.00 -24.14
CA ARG A 181 -5.24 46.75 -24.61
C ARG A 181 -5.56 47.34 -25.98
N ARG A 182 -5.78 48.65 -26.03
CA ARG A 182 -6.39 49.32 -27.18
C ARG A 182 -5.35 49.95 -28.11
N ASN A 183 -4.11 50.08 -27.68
CA ASN A 183 -3.13 50.90 -28.42
C ASN A 183 -1.97 50.01 -28.87
N TYR A 184 -2.09 49.42 -30.05
CA TYR A 184 -0.99 48.69 -30.65
C TYR A 184 -0.15 49.60 -31.55
N GLU A 198 -5.71 39.62 -19.82
CA GLU A 198 -5.14 40.63 -18.94
C GLU A 198 -5.84 41.96 -19.11
N GLY A 199 -6.18 42.60 -17.99
CA GLY A 199 -6.85 43.89 -18.02
C GLY A 199 -6.07 44.99 -17.37
N TRP A 200 -6.67 45.68 -16.41
CA TRP A 200 -6.01 46.77 -15.71
C TRP A 200 -5.41 46.37 -14.37
N HIS A 201 -5.55 45.11 -13.97
CA HIS A 201 -4.93 44.60 -12.75
C HIS A 201 -5.30 45.40 -11.51
N THR A 202 -6.56 45.83 -11.43
CA THR A 202 -6.98 46.58 -10.26
C THR A 202 -7.24 45.71 -9.04
N THR A 203 -7.07 44.40 -9.17
CA THR A 203 -7.31 43.49 -8.06
C THR A 203 -6.16 43.42 -7.08
N SER A 204 -5.02 44.02 -7.40
CA SER A 204 -3.84 43.93 -6.56
C SER A 204 -2.99 45.17 -6.77
N LEU A 205 -2.07 45.41 -5.83
CA LEU A 205 -1.19 46.57 -5.89
C LEU A 205 0.20 46.24 -6.39
N PHE A 206 0.65 45.00 -6.22
CA PHE A 206 1.94 44.51 -6.67
C PHE A 206 1.73 43.24 -7.47
N PRO A 207 2.63 42.93 -8.39
CA PRO A 207 2.53 41.65 -9.11
C PRO A 207 2.67 40.47 -8.15
N LEU A 208 1.95 39.40 -8.46
CA LEU A 208 1.87 38.28 -7.52
C LEU A 208 3.23 37.65 -7.28
N PHE A 209 3.93 37.28 -8.36
CA PHE A 209 5.26 36.70 -8.26
C PHE A 209 6.24 37.53 -9.07
N PRO A 210 7.06 38.36 -8.44
CA PRO A 210 7.96 39.24 -9.19
C PRO A 210 9.31 38.61 -9.46
N ASN A 211 9.89 38.97 -10.60
CA ASN A 211 11.22 38.53 -10.98
C ASN A 211 12.22 39.67 -10.83
N PRO A 212 13.50 39.35 -10.67
CA PRO A 212 14.49 40.40 -10.44
C PRO A 212 14.65 41.31 -11.64
N GLY A 213 15.11 42.52 -11.37
CA GLY A 213 15.26 43.52 -12.39
C GLY A 213 13.99 44.29 -12.60
N PRO A 214 14.05 45.33 -13.42
CA PRO A 214 12.87 46.19 -13.62
C PRO A 214 11.69 45.38 -14.15
N ARG A 215 10.49 45.79 -13.75
CA ARG A 215 9.30 45.02 -14.11
C ARG A 215 9.13 44.96 -15.62
N GLU A 216 9.34 46.08 -16.31
CA GLU A 216 9.36 46.11 -17.77
C GLU A 216 10.71 46.67 -18.18
N PRO A 217 11.71 45.83 -18.49
CA PRO A 217 13.07 46.34 -18.68
C PRO A 217 13.18 47.39 -19.78
N THR A 218 12.47 47.21 -20.88
CA THR A 218 12.41 48.22 -21.93
C THR A 218 11.22 49.14 -21.66
N SER A 219 10.83 49.94 -22.65
CA SER A 219 9.61 50.74 -22.54
C SER A 219 9.67 51.69 -21.36
N PRO A 220 10.43 52.77 -21.46
CA PRO A 220 10.54 53.70 -20.33
C PRO A 220 9.32 54.59 -20.17
N ASP A 221 8.14 53.98 -20.25
CA ASP A 221 6.90 54.73 -20.11
C ASP A 221 5.87 53.98 -19.27
N GLY A 222 6.28 52.98 -18.51
CA GLY A 222 5.33 52.21 -17.75
C GLY A 222 5.42 50.73 -18.07
N GLY A 223 4.30 50.14 -18.51
CA GLY A 223 4.27 48.71 -18.70
C GLY A 223 2.89 48.13 -18.87
N GLU A 224 2.57 47.09 -18.10
CA GLU A 224 1.47 46.20 -18.45
C GLU A 224 0.12 46.90 -18.50
N PRO A 225 -0.34 47.62 -17.47
CA PRO A 225 -1.61 48.36 -17.62
C PRO A 225 -1.47 49.60 -18.49
N GLY A 226 -0.25 49.98 -18.84
CA GLY A 226 0.01 51.10 -19.71
C GLY A 226 -0.01 52.44 -19.01
N TYR A 227 -1.20 52.97 -18.75
CA TYR A 227 -1.40 54.21 -18.01
C TYR A 227 -0.84 55.43 -18.75
N ILE A 228 -0.08 55.23 -19.82
CA ILE A 228 0.35 56.35 -20.66
C ILE A 228 -0.02 56.04 -22.11
N ARG A 229 -0.06 54.76 -22.45
CA ARG A 229 -0.48 54.37 -23.80
C ARG A 229 -1.97 54.59 -23.99
N GLU A 230 -2.79 54.24 -23.01
CA GLU A 230 -4.23 54.38 -23.12
C GLU A 230 -4.71 55.76 -22.74
N GLY A 231 -3.81 56.70 -22.47
CA GLY A 231 -4.21 58.04 -22.13
C GLY A 231 -4.95 58.18 -20.83
N PHE A 232 -4.64 57.34 -19.84
CA PHE A 232 -5.21 57.55 -18.52
C PHE A 232 -4.66 58.84 -17.91
N LEU A 233 -3.35 59.02 -17.97
CA LEU A 233 -2.73 60.18 -17.36
C LEU A 233 -3.14 61.47 -18.07
N ALA A 234 -3.26 61.43 -19.40
CA ALA A 234 -3.62 62.64 -20.14
C ALA A 234 -5.02 63.12 -19.76
N VAL A 235 -6.00 62.21 -19.76
CA VAL A 235 -7.36 62.60 -19.39
C VAL A 235 -7.42 63.01 -17.92
N GLN A 236 -6.68 62.31 -17.06
CA GLN A 236 -6.69 62.67 -15.65
C GLN A 236 -6.14 64.07 -15.43
N HIS A 237 -5.03 64.41 -16.10
CA HIS A 237 -4.49 65.76 -15.99
C HIS A 237 -5.45 66.79 -16.57
N ALA A 238 -6.11 66.46 -17.68
CA ALA A 238 -7.06 67.40 -18.26
C ALA A 238 -8.20 67.69 -17.32
N VAL A 239 -8.74 66.67 -16.66
CA VAL A 239 -9.83 66.88 -15.71
C VAL A 239 -9.33 67.64 -14.48
N ASP A 240 -8.12 67.32 -14.01
CA ASP A 240 -7.61 68.01 -12.84
C ASP A 240 -7.37 69.49 -13.12
N ARG A 241 -7.02 69.83 -14.37
CA ARG A 241 -6.93 71.24 -14.73
C ARG A 241 -8.29 71.86 -14.97
N ALA A 242 -9.26 71.09 -15.46
CA ALA A 242 -10.61 71.61 -15.64
C ALA A 242 -11.23 72.01 -14.32
N ILE A 243 -10.97 71.26 -13.25
CA ILE A 243 -11.50 71.62 -11.94
C ILE A 243 -11.00 73.00 -11.53
N MET A 244 -9.69 73.23 -11.67
CA MET A 244 -9.12 74.52 -11.30
C MET A 244 -9.64 75.63 -12.21
N GLU A 245 -9.75 75.36 -13.51
CA GLU A 245 -10.29 76.37 -14.42
C GLU A 245 -11.74 76.69 -14.10
N TYR A 246 -12.48 75.76 -13.53
CA TYR A 246 -13.84 76.04 -13.08
C TYR A 246 -13.86 76.87 -11.80
N HIS A 247 -12.99 76.58 -10.84
CA HIS A 247 -13.02 77.32 -9.59
C HIS A 247 -12.37 78.70 -9.64
N ALA A 248 -11.31 78.88 -10.43
CA ALA A 248 -10.60 80.15 -10.48
C ALA A 248 -10.70 80.84 -11.83
N ASP A 249 -10.26 80.18 -12.90
CA ASP A 249 -10.45 80.59 -14.29
C ASP A 249 -9.61 81.81 -14.67
N ALA A 250 -8.94 82.41 -13.71
CA ALA A 250 -8.10 83.56 -14.00
C ALA A 250 -6.72 83.42 -13.41
N ALA A 251 -6.62 82.90 -12.17
CA ALA A 251 -5.31 82.57 -11.61
C ALA A 251 -4.76 81.29 -12.20
N THR A 252 -5.63 80.37 -12.62
CA THR A 252 -5.15 79.11 -13.16
C THR A 252 -4.49 79.27 -14.53
N ARG A 253 -4.96 80.22 -15.35
CA ARG A 253 -4.28 80.50 -16.60
C ARG A 253 -2.91 81.10 -16.35
N GLN A 254 -2.80 81.98 -15.36
CA GLN A 254 -1.50 82.55 -15.01
C GLN A 254 -0.58 81.50 -14.42
N LEU A 255 -1.13 80.51 -13.70
CA LEU A 255 -0.29 79.45 -13.17
C LEU A 255 0.19 78.53 -14.29
N PHE A 256 -0.74 77.93 -15.03
CA PHE A 256 -0.36 77.00 -16.09
C PHE A 256 0.09 77.77 -17.33
N GLN A 257 1.02 78.70 -17.11
CA GLN A 257 1.76 79.34 -18.19
C GLN A 257 3.25 79.41 -17.88
N ARG A 258 3.66 79.11 -16.65
CA ARG A 258 5.06 79.18 -16.24
C ARG A 258 5.54 77.90 -15.57
N LEU A 259 4.78 76.81 -15.66
CA LEU A 259 5.29 75.52 -15.25
C LEU A 259 4.57 74.42 -16.03
N THR A 260 5.31 73.36 -16.33
CA THR A 260 4.77 72.16 -16.96
C THR A 260 5.16 70.95 -16.12
N VAL A 261 4.31 69.94 -16.14
CA VAL A 261 4.48 68.75 -15.31
C VAL A 261 4.82 67.58 -16.22
N THR A 262 5.94 66.92 -15.94
CA THR A 262 6.40 65.77 -16.70
C THR A 262 6.70 64.62 -15.74
N ILE A 263 6.58 63.40 -16.25
CA ILE A 263 6.66 62.19 -15.43
C ILE A 263 7.84 61.35 -15.89
N LYS A 264 8.67 60.94 -14.93
CA LYS A 264 9.81 60.07 -15.17
C LYS A 264 9.63 58.77 -14.38
N ARG A 265 10.68 57.97 -14.34
CA ARG A 265 10.67 56.67 -13.67
C ARG A 265 11.91 56.55 -12.79
N PHE A 266 11.78 55.81 -11.70
CA PHE A 266 12.95 55.58 -10.85
C PHE A 266 14.06 54.87 -11.63
N PRO A 267 15.31 55.24 -11.42
CA PRO A 267 16.42 54.45 -11.95
C PRO A 267 16.61 53.19 -11.12
N TYR A 268 16.90 52.08 -11.81
CA TYR A 268 17.06 50.83 -11.07
C TYR A 268 18.53 50.55 -10.81
N PRO A 269 18.86 50.03 -9.63
CA PRO A 269 20.26 49.74 -9.30
C PRO A 269 20.76 48.52 -10.04
N PRO A 270 22.05 48.20 -9.92
CA PRO A 270 22.55 46.97 -10.54
C PRO A 270 22.00 45.72 -9.87
N PHE A 271 21.92 44.64 -10.63
CA PHE A 271 21.29 43.42 -10.17
C PHE A 271 21.94 42.22 -10.88
N ILE A 272 21.34 41.04 -10.69
CA ILE A 272 21.69 39.83 -11.43
C ILE A 272 20.40 39.25 -12.00
N ALA A 273 20.52 38.53 -13.11
CA ALA A 273 19.33 38.16 -13.89
C ALA A 273 18.69 36.86 -13.42
N ASP A 274 19.41 35.75 -13.56
CA ASP A 274 19.04 34.47 -12.96
C ASP A 274 17.58 34.06 -13.17
N PRO A 275 17.19 33.61 -14.35
CA PRO A 275 15.79 33.22 -14.59
C PRO A 275 15.45 31.82 -14.08
N PHE A 276 15.73 31.57 -12.81
CA PHE A 276 15.55 30.24 -12.22
C PHE A 276 14.23 30.11 -11.47
N LEU A 277 14.01 30.96 -10.46
CA LEU A 277 12.84 30.82 -9.62
C LEU A 277 11.55 30.96 -10.42
N VAL A 278 11.56 31.77 -11.47
CA VAL A 278 10.35 31.98 -12.25
C VAL A 278 9.95 30.69 -12.96
N ALA A 279 10.94 29.92 -13.40
CA ALA A 279 10.65 28.64 -14.06
C ALA A 279 10.05 27.65 -13.07
N ILE A 280 10.80 27.31 -12.02
CA ILE A 280 10.32 26.35 -11.02
C ILE A 280 9.58 27.15 -9.95
N GLN A 281 8.33 27.47 -10.24
CA GLN A 281 7.50 28.06 -9.20
C GLN A 281 6.15 27.36 -9.12
N TYR A 282 5.63 26.93 -10.26
CA TYR A 282 4.31 26.32 -10.27
C TYR A 282 4.34 24.89 -9.76
N GLN A 283 5.47 24.21 -9.92
CA GLN A 283 5.58 22.82 -9.48
C GLN A 283 6.77 22.60 -8.55
N LEU A 284 6.90 23.47 -7.57
CA LEU A 284 7.67 23.18 -6.35
C LEU A 284 6.84 22.36 -5.36
N PRO A 285 5.56 22.68 -5.13
CA PRO A 285 4.75 21.80 -4.27
C PRO A 285 4.63 20.38 -4.78
N LEU A 286 4.52 20.20 -6.10
CA LEU A 286 4.44 18.87 -6.68
C LEU A 286 5.75 18.11 -6.61
N LEU A 287 6.86 18.79 -6.38
CA LEU A 287 8.12 18.11 -6.12
C LEU A 287 8.35 17.85 -4.64
N LEU A 288 7.74 18.63 -3.76
CA LEU A 288 7.82 18.31 -2.34
C LEU A 288 6.88 17.18 -1.93
N LEU A 289 5.69 17.11 -2.51
CA LEU A 289 4.79 15.99 -2.21
C LEU A 289 5.31 14.68 -2.73
N LEU A 290 5.90 14.70 -3.91
CA LEU A 290 6.21 13.50 -4.66
C LEU A 290 7.49 12.85 -4.16
N SER A 291 8.09 13.37 -3.10
CA SER A 291 9.23 12.75 -2.46
C SER A 291 8.88 12.08 -1.14
N PHE A 292 7.89 12.58 -0.42
CA PHE A 292 7.36 11.90 0.76
C PHE A 292 6.27 10.91 0.41
N THR A 293 5.82 10.87 -0.85
CA THR A 293 4.82 9.88 -1.25
C THR A 293 5.24 8.46 -0.91
N TYR A 294 6.52 8.12 -1.07
CA TYR A 294 6.92 6.72 -0.92
C TYR A 294 6.75 6.24 0.50
N THR A 295 7.25 6.99 1.47
CA THR A 295 7.02 6.61 2.85
C THR A 295 5.55 6.71 3.21
N ALA A 296 4.80 7.62 2.58
CA ALA A 296 3.36 7.66 2.81
C ALA A 296 2.69 6.35 2.46
N LEU A 297 3.04 5.71 1.34
CA LEU A 297 2.38 4.45 1.00
C LEU A 297 3.15 3.23 1.49
N THR A 298 4.31 3.41 2.11
CA THR A 298 4.95 2.33 2.84
C THR A 298 4.36 2.13 4.22
N ILE A 299 4.12 3.23 4.95
CA ILE A 299 3.58 3.11 6.30
C ILE A 299 2.21 2.44 6.28
N ALA A 300 1.38 2.82 5.31
CA ALA A 300 0.00 2.36 5.30
C ALA A 300 -0.09 0.85 5.21
N ARG A 301 0.75 0.22 4.39
CA ARG A 301 0.67 -1.23 4.29
C ARG A 301 1.56 -1.95 5.28
N ALA A 302 2.66 -1.33 5.74
CA ALA A 302 3.46 -1.99 6.77
C ALA A 302 2.69 -2.08 8.07
N VAL A 303 1.78 -1.14 8.31
CA VAL A 303 0.96 -1.23 9.52
C VAL A 303 -0.16 -2.25 9.36
N VAL A 304 -0.65 -2.46 8.14
CA VAL A 304 -1.83 -3.29 7.93
C VAL A 304 -1.47 -4.75 7.71
N GLN A 305 -0.34 -5.05 7.09
CA GLN A 305 -0.04 -6.45 6.83
C GLN A 305 0.55 -7.15 8.05
N GLU A 306 0.77 -6.44 9.14
CA GLU A 306 1.17 -7.09 10.38
C GLU A 306 0.01 -7.21 11.36
N LYS A 307 -1.17 -6.74 10.98
CA LYS A 307 -2.40 -7.13 11.67
C LYS A 307 -3.27 -8.05 10.86
N GLU A 308 -3.12 -8.04 9.53
CA GLU A 308 -3.73 -9.06 8.69
C GLU A 308 -3.05 -10.42 8.86
N ARG A 309 -1.82 -10.42 9.33
CA ARG A 309 -1.05 -11.63 9.56
C ARG A 309 -1.24 -12.21 10.95
N ARG A 310 -2.21 -11.68 11.72
CA ARG A 310 -2.52 -12.08 13.09
C ARG A 310 -1.35 -11.83 14.04
N LEU A 311 -0.34 -11.09 13.62
CA LEU A 311 0.83 -10.86 14.45
C LEU A 311 0.63 -9.77 15.49
N LYS A 312 -0.43 -8.99 15.38
CA LYS A 312 -0.74 -7.97 16.36
C LYS A 312 -1.61 -8.51 17.49
N GLU A 313 -2.64 -9.29 17.15
CA GLU A 313 -3.43 -9.96 18.17
C GLU A 313 -2.57 -10.93 18.98
N TYR A 314 -1.59 -11.56 18.36
CA TYR A 314 -0.75 -12.50 19.08
C TYR A 314 0.03 -11.80 20.19
N MET A 315 0.74 -10.72 19.84
CA MET A 315 1.50 -10.01 20.85
C MET A 315 0.60 -9.35 21.88
N ARG A 316 -0.61 -8.93 21.48
CA ARG A 316 -1.53 -8.42 22.50
C ARG A 316 -1.97 -9.52 23.45
N MET A 317 -2.20 -10.73 22.93
CA MET A 317 -2.58 -11.84 23.78
C MET A 317 -1.49 -12.17 24.78
N MET A 318 -0.23 -12.17 24.34
CA MET A 318 0.86 -12.45 25.24
C MET A 318 1.18 -11.29 26.18
N GLY A 319 0.59 -10.12 25.97
CA GLY A 319 0.80 -8.99 26.84
C GLY A 319 1.55 -7.86 26.18
N LEU A 320 0.82 -6.84 25.72
CA LEU A 320 1.42 -5.72 24.99
C LEU A 320 0.43 -4.58 25.00
N SER A 321 0.87 -3.42 25.48
CA SER A 321 0.00 -2.26 25.51
C SER A 321 -0.13 -1.69 24.11
N SER A 322 -1.35 -1.29 23.75
CA SER A 322 -1.62 -0.86 22.39
C SER A 322 -1.04 0.50 22.06
N TRP A 323 -0.72 1.31 23.08
CA TRP A 323 -0.09 2.60 22.85
C TRP A 323 1.42 2.52 22.88
N LEU A 324 1.99 1.36 23.23
CA LEU A 324 3.41 1.12 23.09
C LEU A 324 3.77 0.59 21.72
N HIS A 325 2.77 0.33 20.88
CA HIS A 325 3.01 -0.13 19.52
C HIS A 325 2.99 1.04 18.55
N TRP A 326 2.03 1.95 18.72
CA TRP A 326 2.03 3.18 17.93
C TRP A 326 3.30 3.98 18.17
N SER A 327 3.77 4.03 19.41
CA SER A 327 4.99 4.76 19.71
C SER A 327 6.19 4.15 19.01
N ALA A 328 6.28 2.82 19.00
CA ALA A 328 7.38 2.16 18.31
C ALA A 328 7.33 2.42 16.81
N TRP A 329 6.13 2.34 16.21
CA TRP A 329 6.00 2.64 14.79
C TRP A 329 6.42 4.08 14.50
N PHE A 330 5.97 5.02 15.34
CA PHE A 330 6.29 6.43 15.13
C PHE A 330 7.78 6.67 15.22
N LEU A 331 8.43 6.10 16.23
CA LEU A 331 9.87 6.30 16.37
C LEU A 331 10.64 5.60 15.27
N LEU A 332 10.10 4.52 14.71
CA LEU A 332 10.75 3.86 13.59
C LEU A 332 10.68 4.73 12.34
N PHE A 333 9.50 5.27 12.04
CA PHE A 333 9.28 5.98 10.80
C PHE A 333 9.61 7.47 10.89
N PHE A 334 9.92 7.98 12.06
CA PHE A 334 10.37 9.36 12.20
C PHE A 334 11.86 9.50 11.98
N LEU A 335 12.65 8.49 12.30
CA LEU A 335 14.08 8.54 12.04
C LEU A 335 14.38 8.58 10.55
N PHE A 336 13.64 7.83 9.75
CA PHE A 336 13.84 7.87 8.31
C PHE A 336 13.57 9.26 7.75
N LEU A 337 12.45 9.85 8.10
CA LEU A 337 12.09 11.17 7.62
C LEU A 337 12.86 12.25 8.30
N LEU A 338 13.61 11.96 9.35
CA LEU A 338 14.56 12.90 9.92
C LEU A 338 15.89 12.89 9.19
N ILE A 339 16.34 11.72 8.72
CA ILE A 339 17.52 11.71 7.86
C ILE A 339 17.21 12.31 6.49
N ALA A 340 16.06 11.95 5.90
CA ALA A 340 15.71 12.50 4.59
C ALA A 340 15.50 14.00 4.64
N ALA A 341 14.79 14.49 5.66
CA ALA A 341 14.56 15.92 5.77
C ALA A 341 15.82 16.69 6.08
N SER A 342 16.90 16.02 6.48
CA SER A 342 18.18 16.67 6.63
C SER A 342 18.97 16.67 5.33
N PHE A 343 18.88 15.59 4.56
CA PHE A 343 19.58 15.59 3.28
C PHE A 343 18.94 16.57 2.29
N MET A 344 17.61 16.69 2.31
CA MET A 344 16.96 17.68 1.45
C MET A 344 17.36 19.10 1.85
N THR A 345 17.37 19.39 3.15
CA THR A 345 17.81 20.70 3.60
C THR A 345 19.27 20.94 3.25
N LEU A 346 20.10 19.90 3.26
CA LEU A 346 21.47 20.06 2.84
C LEU A 346 21.56 20.45 1.38
N LEU A 347 20.91 19.70 0.50
CA LEU A 347 20.92 20.11 -0.91
C LEU A 347 19.69 20.93 -1.29
N PHE A 348 19.35 21.87 -0.41
CA PHE A 348 18.57 23.06 -0.75
C PHE A 348 19.28 24.33 -0.35
N CYS A 349 20.46 24.25 0.26
CA CYS A 349 21.10 25.44 0.79
C CYS A 349 22.58 25.55 0.47
N VAL A 350 23.28 24.47 0.13
CA VAL A 350 24.70 24.57 -0.13
C VAL A 350 24.94 25.31 -1.43
N LYS A 351 25.85 26.27 -1.40
CA LYS A 351 26.20 27.04 -2.59
C LYS A 351 27.00 26.16 -3.53
N VAL A 352 26.39 25.77 -4.65
CA VAL A 352 27.11 25.02 -5.66
C VAL A 352 28.13 25.91 -6.36
N LYS A 353 27.74 27.14 -6.67
CA LYS A 353 28.59 28.20 -7.16
C LYS A 353 28.50 29.38 -6.20
N PRO A 354 29.48 30.29 -6.20
CA PRO A 354 29.48 31.36 -5.21
C PRO A 354 28.17 32.12 -5.10
N ASN A 355 27.48 31.94 -3.96
CA ASN A 355 26.25 32.65 -3.63
C ASN A 355 25.18 32.47 -4.72
N VAL A 356 24.85 31.21 -5.01
CA VAL A 356 23.94 30.95 -6.12
C VAL A 356 22.87 29.93 -5.71
N ALA A 357 23.01 29.34 -4.54
CA ALA A 357 22.31 28.10 -4.21
C ALA A 357 20.81 28.21 -4.39
N VAL A 358 20.16 27.05 -4.59
CA VAL A 358 18.71 26.98 -4.48
C VAL A 358 18.31 27.54 -3.14
N LEU A 359 17.16 28.21 -3.08
CA LEU A 359 16.73 28.90 -1.86
C LEU A 359 17.87 29.77 -1.34
N SER A 360 18.19 30.79 -2.14
CA SER A 360 19.50 31.43 -2.09
C SER A 360 19.83 32.00 -0.72
N ARG A 361 18.82 32.37 0.06
CA ARG A 361 19.06 32.89 1.40
C ARG A 361 17.82 32.61 2.25
N SER A 362 17.82 31.48 2.97
CA SER A 362 16.61 31.12 3.69
C SER A 362 16.83 30.50 5.07
N ASP A 363 18.00 30.65 5.68
CA ASP A 363 18.20 30.20 7.06
C ASP A 363 17.83 28.73 7.25
N PRO A 364 18.69 27.80 6.83
CA PRO A 364 18.33 26.37 6.78
C PRO A 364 17.56 25.82 7.97
N SER A 365 17.67 26.47 9.14
CA SER A 365 16.97 25.99 10.32
C SER A 365 15.47 25.96 10.09
N LEU A 366 14.92 27.03 9.50
CA LEU A 366 13.47 27.09 9.35
C LEU A 366 12.98 26.20 8.21
N VAL A 367 13.79 26.01 7.18
CA VAL A 367 13.45 25.01 6.16
C VAL A 367 13.37 23.63 6.79
N LEU A 368 14.35 23.30 7.63
CA LEU A 368 14.33 22.00 8.30
C LEU A 368 13.12 21.86 9.21
N ALA A 369 12.77 22.92 9.92
CA ALA A 369 11.58 22.86 10.78
C ALA A 369 10.32 22.64 9.96
N PHE A 370 10.22 23.30 8.80
CA PHE A 370 9.07 23.09 7.93
C PHE A 370 8.98 21.65 7.46
N LEU A 371 10.11 21.07 7.06
CA LEU A 371 10.09 19.69 6.58
C LEU A 371 9.75 18.71 7.69
N LEU A 372 10.25 18.93 8.91
CA LEU A 372 9.85 18.08 10.03
C LEU A 372 8.36 18.21 10.35
N CYS A 373 7.84 19.43 10.34
CA CYS A 373 6.41 19.59 10.61
C CYS A 373 5.56 18.96 9.52
N PHE A 374 6.09 18.84 8.30
CA PHE A 374 5.38 18.10 7.28
C PHE A 374 5.52 16.59 7.47
N ALA A 375 6.69 16.12 7.90
CA ALA A 375 6.89 14.69 8.11
C ALA A 375 6.00 14.14 9.21
N ILE A 376 5.87 14.87 10.31
CA ILE A 376 5.02 14.38 11.40
C ILE A 376 3.58 14.21 10.92
N SER A 377 3.08 15.19 10.18
CA SER A 377 1.72 15.13 9.65
C SER A 377 1.54 14.02 8.63
N THR A 378 2.51 13.78 7.76
CA THR A 378 2.39 12.71 6.77
C THR A 378 2.64 11.34 7.36
N ILE A 379 3.12 11.26 8.60
CA ILE A 379 3.12 9.98 9.33
C ILE A 379 1.76 9.75 9.97
N SER A 380 1.22 10.77 10.63
CA SER A 380 -0.07 10.65 11.28
C SER A 380 -1.19 10.37 10.27
N PHE A 381 -1.13 10.97 9.09
CA PHE A 381 -2.15 10.70 8.08
C PHE A 381 -2.14 9.22 7.66
N SER A 382 -0.96 8.65 7.46
CA SER A 382 -0.87 7.23 7.13
C SER A 382 -1.38 6.36 8.25
N PHE A 383 -1.06 6.70 9.51
CA PHE A 383 -1.61 5.94 10.63
C PHE A 383 -3.13 5.97 10.61
N MET A 384 -3.73 7.12 10.32
CA MET A 384 -5.18 7.21 10.27
C MET A 384 -5.76 6.40 9.13
N VAL A 385 -5.13 6.44 7.96
CA VAL A 385 -5.65 5.70 6.82
C VAL A 385 -5.58 4.20 7.06
N SER A 386 -4.52 3.73 7.72
CA SER A 386 -4.34 2.29 7.86
C SER A 386 -5.40 1.63 8.71
N THR A 387 -6.22 2.39 9.42
CA THR A 387 -7.23 1.82 10.29
C THR A 387 -8.59 1.66 9.63
N PHE A 388 -8.67 1.84 8.32
CA PHE A 388 -9.89 1.61 7.57
C PHE A 388 -9.88 0.31 6.79
N PHE A 389 -8.73 -0.35 6.68
CA PHE A 389 -8.58 -1.52 5.84
C PHE A 389 -8.12 -2.71 6.67
N SER A 390 -8.43 -3.90 6.19
CA SER A 390 -8.03 -5.14 6.82
C SER A 390 -7.16 -6.02 5.96
N LYS A 391 -7.05 -5.74 4.67
CA LYS A 391 -6.24 -6.51 3.75
C LYS A 391 -5.13 -5.62 3.20
N ALA A 392 -3.90 -6.15 3.15
CA ALA A 392 -2.76 -5.32 2.77
C ALA A 392 -2.82 -4.91 1.32
N ASN A 393 -3.43 -5.73 0.45
CA ASN A 393 -3.51 -5.37 -0.97
C ASN A 393 -4.32 -4.10 -1.17
N MET A 394 -5.52 -4.05 -0.59
CA MET A 394 -6.37 -2.87 -0.72
C MET A 394 -5.81 -1.69 0.05
N ALA A 395 -5.17 -1.93 1.19
CA ALA A 395 -4.52 -0.85 1.90
C ALA A 395 -3.44 -0.20 1.05
N ALA A 396 -2.60 -0.99 0.38
CA ALA A 396 -1.59 -0.44 -0.51
C ALA A 396 -2.18 0.21 -1.74
N ALA A 397 -3.30 -0.30 -2.26
CA ALA A 397 -3.88 0.26 -3.47
C ALA A 397 -4.74 1.48 -3.20
N PHE A 398 -5.14 1.72 -1.95
CA PHE A 398 -5.99 2.84 -1.61
C PHE A 398 -5.38 3.81 -0.61
N GLY A 399 -4.16 3.56 -0.14
CA GLY A 399 -3.53 4.52 0.73
C GLY A 399 -2.48 5.32 0.00
N GLY A 400 -2.11 4.85 -1.18
CA GLY A 400 -1.24 5.63 -2.05
C GLY A 400 -2.07 6.55 -2.91
N PHE A 401 -3.34 6.23 -3.08
CA PHE A 401 -4.22 7.10 -3.84
C PHE A 401 -4.82 8.20 -2.98
N LEU A 402 -5.16 7.90 -1.73
CA LEU A 402 -5.73 8.92 -0.87
C LEU A 402 -4.73 10.02 -0.55
N TYR A 403 -3.44 9.68 -0.50
CA TYR A 403 -2.41 10.69 -0.25
C TYR A 403 -2.38 11.75 -1.35
N PHE A 404 -2.52 11.33 -2.61
CA PHE A 404 -2.61 12.28 -3.71
C PHE A 404 -3.99 12.91 -3.81
N PHE A 405 -5.04 12.16 -3.50
CA PHE A 405 -6.39 12.67 -3.49
C PHE A 405 -6.56 13.84 -2.54
N THR A 406 -5.86 13.82 -1.42
CA THR A 406 -5.85 14.93 -0.47
C THR A 406 -5.20 16.19 -1.04
N TYR A 407 -4.43 16.07 -2.11
CA TYR A 407 -3.74 17.21 -2.71
C TYR A 407 -4.51 17.87 -3.84
N ILE A 408 -5.55 17.19 -4.36
CA ILE A 408 -6.28 17.73 -5.50
C ILE A 408 -6.87 19.10 -5.23
N PRO A 409 -7.50 19.39 -4.08
CA PRO A 409 -8.16 20.69 -3.92
C PRO A 409 -7.21 21.88 -3.97
N TYR A 410 -5.92 21.64 -4.20
CA TYR A 410 -5.01 22.74 -4.48
C TYR A 410 -5.10 23.22 -5.91
N PHE A 411 -5.61 22.39 -6.83
CA PHE A 411 -5.83 22.83 -8.20
C PHE A 411 -6.90 23.92 -8.27
N PHE A 412 -7.82 23.94 -7.30
CA PHE A 412 -8.85 24.95 -7.23
C PHE A 412 -8.46 26.13 -6.35
N VAL A 413 -7.33 26.05 -5.66
CA VAL A 413 -6.91 27.09 -4.73
C VAL A 413 -5.83 27.93 -5.37
N ALA A 414 -4.98 27.31 -6.18
CA ALA A 414 -3.89 28.07 -6.80
C ALA A 414 -4.38 29.22 -7.67
N PRO A 415 -5.36 29.05 -8.58
CA PRO A 415 -5.80 30.21 -9.38
C PRO A 415 -6.49 31.28 -8.55
N ARG A 416 -7.50 30.89 -7.78
CA ARG A 416 -8.28 31.84 -6.99
C ARG A 416 -7.68 32.05 -5.61
N TYR A 417 -6.41 32.35 -5.53
CA TYR A 417 -5.78 32.62 -4.23
C TYR A 417 -5.88 34.08 -3.84
N ASN A 418 -5.98 34.98 -4.79
CA ASN A 418 -6.03 36.41 -4.52
C ASN A 418 -7.44 36.86 -4.14
N TRP A 419 -8.43 35.95 -4.22
CA TRP A 419 -9.81 36.29 -3.91
C TRP A 419 -10.30 35.71 -2.60
N MET A 420 -9.58 34.77 -2.00
CA MET A 420 -10.04 34.11 -0.79
C MET A 420 -9.82 35.00 0.44
N THR A 421 -10.44 34.60 1.54
CA THR A 421 -10.35 35.28 2.83
C THR A 421 -9.43 34.47 3.74
N LEU A 422 -8.97 35.11 4.82
CA LEU A 422 -8.14 34.40 5.78
C LEU A 422 -8.89 33.22 6.41
N SER A 423 -10.17 33.38 6.69
CA SER A 423 -10.97 32.26 7.16
C SER A 423 -11.06 31.15 6.13
N GLN A 424 -11.28 31.50 4.86
CA GLN A 424 -11.35 30.50 3.80
C GLN A 424 -10.00 29.92 3.44
N LYS A 425 -8.91 30.55 3.86
CA LYS A 425 -7.59 29.99 3.67
C LYS A 425 -7.19 29.08 4.81
N LEU A 426 -7.62 29.38 6.03
CA LEU A 426 -7.38 28.47 7.15
C LEU A 426 -8.33 27.28 7.13
N CYS A 427 -9.52 27.43 6.54
CA CYS A 427 -10.46 26.31 6.48
C CYS A 427 -9.99 25.25 5.50
N SER A 428 -9.23 25.62 4.48
CA SER A 428 -8.70 24.66 3.53
C SER A 428 -7.32 24.14 3.93
N CYS A 429 -6.82 24.54 5.09
CA CYS A 429 -5.56 24.01 5.62
C CYS A 429 -5.79 22.82 6.54
N LEU A 430 -7.04 22.33 6.64
CA LEU A 430 -7.30 21.13 7.40
C LEU A 430 -6.82 19.87 6.70
N LEU A 431 -6.42 19.97 5.45
CA LEU A 431 -5.76 18.88 4.74
C LEU A 431 -4.26 19.16 4.74
N SER A 432 -3.47 18.13 5.06
CA SER A 432 -2.05 18.34 5.26
C SER A 432 -1.34 18.68 3.94
N ASN A 433 -1.79 18.09 2.84
CA ASN A 433 -1.12 18.33 1.57
C ASN A 433 -1.37 19.75 1.08
N VAL A 434 -2.59 20.26 1.26
CA VAL A 434 -2.84 21.66 0.91
C VAL A 434 -2.09 22.61 1.83
N ALA A 435 -1.98 22.26 3.11
CA ALA A 435 -1.21 23.08 4.03
C ALA A 435 0.27 23.10 3.67
N MET A 436 0.79 22.02 3.10
CA MET A 436 2.16 22.05 2.62
C MET A 436 2.28 22.85 1.34
N ALA A 437 1.30 22.74 0.45
CA ALA A 437 1.35 23.47 -0.81
C ALA A 437 1.33 24.97 -0.57
N MET A 438 0.46 25.44 0.31
CA MET A 438 0.48 26.87 0.66
C MET A 438 1.57 27.23 1.65
N GLY A 439 2.58 26.39 1.82
CA GLY A 439 3.80 26.84 2.47
C GLY A 439 4.94 26.86 1.49
N ALA A 440 4.93 25.88 0.59
CA ALA A 440 5.89 25.86 -0.51
C ALA A 440 5.63 26.97 -1.50
N GLN A 441 4.42 27.54 -1.50
CA GLN A 441 4.16 28.72 -2.29
C GLN A 441 4.78 29.97 -1.65
N LEU A 442 4.60 30.14 -0.34
CA LEU A 442 5.19 31.30 0.34
C LEU A 442 6.71 31.23 0.34
N ILE A 443 7.29 30.03 0.36
CA ILE A 443 8.75 29.95 0.28
C ILE A 443 9.24 30.56 -1.02
N GLY A 444 8.57 30.23 -2.12
CA GLY A 444 8.92 30.86 -3.39
C GLY A 444 8.66 32.35 -3.40
N LYS A 445 7.50 32.77 -2.90
CA LYS A 445 7.17 34.19 -2.93
C LYS A 445 8.14 35.02 -2.12
N PHE A 446 8.53 34.54 -0.93
CA PHE A 446 9.55 35.19 -0.13
C PHE A 446 10.93 35.11 -0.76
N GLU A 447 11.23 34.04 -1.49
CA GLU A 447 12.54 33.88 -2.10
C GLU A 447 12.78 34.87 -3.25
N ALA A 448 11.84 34.97 -4.18
CA ALA A 448 12.01 35.86 -5.32
C ALA A 448 11.50 37.26 -5.01
N LYS A 449 11.88 37.75 -3.84
CA LYS A 449 11.59 39.12 -3.43
C LYS A 449 12.75 39.81 -2.75
N GLY A 450 13.72 39.07 -2.22
CA GLY A 450 14.65 39.65 -1.27
C GLY A 450 15.09 38.65 -0.23
N MET A 451 14.83 38.96 1.03
CA MET A 451 15.37 38.22 2.17
C MET A 451 15.00 36.73 2.19
N GLY A 452 13.71 36.38 2.24
CA GLY A 452 13.31 34.99 2.30
C GLY A 452 12.70 34.64 3.65
N ILE A 453 13.04 33.44 4.12
CA ILE A 453 12.44 32.86 5.32
C ILE A 453 13.43 32.99 6.47
N GLN A 454 13.03 33.68 7.57
CA GLN A 454 14.06 34.20 8.47
C GLN A 454 13.79 34.12 9.98
N TRP A 455 12.77 33.41 10.46
CA TRP A 455 12.48 33.27 11.90
C TRP A 455 12.04 34.55 12.57
N ARG A 456 12.06 35.68 11.87
CA ARG A 456 11.55 36.92 12.44
C ARG A 456 10.42 37.48 11.59
N ASP A 457 9.96 36.73 10.59
CA ASP A 457 8.82 37.09 9.77
C ASP A 457 7.68 36.08 9.94
N LEU A 458 7.71 35.28 11.01
CA LEU A 458 6.70 34.25 11.21
C LEU A 458 5.30 34.83 11.32
N LEU A 459 5.18 36.12 11.63
CA LEU A 459 3.86 36.73 11.82
C LEU A 459 3.63 37.92 10.90
N SER A 460 4.47 38.11 9.88
CA SER A 460 4.33 39.22 8.96
C SER A 460 4.14 38.69 7.55
N PRO A 461 3.05 39.04 6.86
CA PRO A 461 2.84 38.53 5.51
C PRO A 461 3.82 39.10 4.49
N VAL A 462 3.69 38.69 3.24
CA VAL A 462 4.66 39.03 2.21
C VAL A 462 4.51 40.50 1.84
N ASN A 463 3.34 40.87 1.37
CA ASN A 463 3.03 42.21 0.88
C ASN A 463 1.91 42.80 1.72
N VAL A 464 1.37 43.93 1.25
CA VAL A 464 0.31 44.62 1.97
C VAL A 464 -1.04 44.26 1.36
N ASP A 465 -1.11 43.12 0.66
CA ASP A 465 -2.37 42.76 0.02
C ASP A 465 -2.94 41.45 0.57
N ASP A 466 -2.09 40.54 1.03
CA ASP A 466 -2.55 39.28 1.63
C ASP A 466 -2.15 39.23 3.09
N ASP A 467 -3.09 38.81 3.95
CA ASP A 467 -2.81 38.61 5.37
C ASP A 467 -2.69 37.11 5.64
N PHE A 468 -1.54 36.54 5.26
CA PHE A 468 -1.27 35.13 5.49
C PHE A 468 0.19 34.99 5.88
N CYS A 469 0.44 34.67 7.15
CA CYS A 469 1.79 34.58 7.68
C CYS A 469 2.41 33.24 7.30
N PHE A 470 3.63 33.01 7.74
CA PHE A 470 4.23 31.70 7.59
C PHE A 470 4.06 30.83 8.83
N GLY A 471 3.87 31.44 10.00
CA GLY A 471 3.59 30.67 11.19
C GLY A 471 2.23 30.01 11.19
N GLN A 472 1.27 30.56 10.46
CA GLN A 472 -0.04 29.95 10.35
C GLN A 472 -0.02 28.68 9.53
N VAL A 473 1.06 28.42 8.81
CA VAL A 473 1.22 27.14 8.13
C VAL A 473 1.73 26.07 9.08
N LEU A 474 2.76 26.40 9.86
CA LEU A 474 3.27 25.49 10.87
C LEU A 474 2.26 25.23 11.98
N GLY A 475 1.36 26.17 12.25
CA GLY A 475 0.31 25.91 13.21
C GLY A 475 -0.68 24.87 12.74
N MET A 476 -1.16 25.01 11.50
CA MET A 476 -2.10 24.04 10.97
C MET A 476 -1.45 22.69 10.71
N LEU A 477 -0.18 22.66 10.30
CA LEU A 477 0.50 21.39 10.09
C LEU A 477 0.67 20.60 11.38
N LEU A 478 0.61 21.25 12.53
CA LEU A 478 0.69 20.57 13.82
C LEU A 478 -0.67 20.35 14.46
N LEU A 479 -1.68 21.14 14.09
CA LEU A 479 -3.04 20.82 14.50
C LEU A 479 -3.61 19.63 13.77
N ASP A 480 -3.23 19.44 12.51
CA ASP A 480 -3.69 18.30 11.72
C ASP A 480 -3.23 16.97 12.30
N SER A 481 -2.01 16.92 12.85
CA SER A 481 -1.53 15.68 13.46
C SER A 481 -2.45 15.25 14.59
N VAL A 482 -2.83 16.17 15.46
CA VAL A 482 -3.73 15.87 16.56
C VAL A 482 -5.11 15.50 16.03
N LEU A 483 -5.60 16.21 15.02
CA LEU A 483 -6.92 15.90 14.50
C LEU A 483 -6.99 14.50 13.90
N TYR A 484 -5.90 14.05 13.27
CA TYR A 484 -5.88 12.70 12.71
C TYR A 484 -5.66 11.65 13.80
N GLY A 485 -4.87 11.97 14.82
CA GLY A 485 -4.73 11.08 15.95
C GLY A 485 -6.03 10.80 16.68
N LEU A 486 -6.89 11.82 16.80
CA LEU A 486 -8.18 11.59 17.43
C LEU A 486 -9.13 10.75 16.60
N VAL A 487 -8.80 10.47 15.34
CA VAL A 487 -9.64 9.60 14.51
C VAL A 487 -9.06 8.20 14.52
N THR A 488 -7.73 8.10 14.47
CA THR A 488 -7.11 6.79 14.59
C THR A 488 -7.24 6.21 16.00
N TRP A 489 -7.53 7.02 17.00
CA TRP A 489 -7.76 6.49 18.34
C TRP A 489 -9.17 5.93 18.50
N TYR A 490 -10.13 6.44 17.75
CA TYR A 490 -11.51 6.00 17.82
C TYR A 490 -11.82 4.83 16.90
N MET A 491 -11.33 4.86 15.66
CA MET A 491 -11.54 3.75 14.75
C MET A 491 -10.84 2.47 15.21
N GLU A 492 -9.65 2.58 15.80
CA GLU A 492 -8.93 1.43 16.30
C GLU A 492 -9.60 0.81 17.52
N ALA A 493 -10.59 1.47 18.10
CA ALA A 493 -11.24 0.96 19.30
C ALA A 493 -12.70 0.58 19.11
N VAL A 494 -13.40 1.17 18.14
CA VAL A 494 -14.79 0.80 17.91
C VAL A 494 -15.00 -0.05 16.66
N PHE A 495 -14.12 0.04 15.67
CA PHE A 495 -14.24 -0.75 14.44
C PHE A 495 -12.93 -1.48 14.23
N PRO A 496 -12.63 -2.51 15.03
CA PRO A 496 -11.30 -3.12 15.00
C PRO A 496 -11.00 -3.90 13.74
N GLY A 497 -12.01 -4.21 12.93
CA GLY A 497 -11.77 -4.95 11.71
C GLY A 497 -12.30 -6.35 11.76
N GLN A 498 -11.44 -7.33 11.51
CA GLN A 498 -11.83 -8.73 11.48
C GLN A 498 -11.17 -9.57 12.56
N PHE A 499 -10.24 -9.01 13.34
CA PHE A 499 -9.53 -9.80 14.33
C PHE A 499 -9.57 -9.24 15.73
N GLY A 500 -10.25 -8.12 15.97
CA GLY A 500 -10.36 -7.57 17.29
C GLY A 500 -11.72 -7.80 17.90
N VAL A 501 -11.80 -7.52 19.20
CA VAL A 501 -13.06 -7.54 19.93
C VAL A 501 -13.46 -6.10 20.24
N PRO A 502 -14.59 -5.62 19.75
CA PRO A 502 -14.88 -4.18 19.76
C PRO A 502 -15.22 -3.61 21.12
N GLN A 503 -15.59 -2.34 21.15
CA GLN A 503 -16.01 -1.62 22.34
C GLN A 503 -17.25 -0.82 21.99
N PRO A 504 -18.04 -0.44 22.99
CA PRO A 504 -19.26 0.33 22.70
C PRO A 504 -18.91 1.70 22.14
N TRP A 505 -19.90 2.32 21.51
CA TRP A 505 -19.66 3.62 20.89
C TRP A 505 -19.40 4.70 21.93
N TYR A 506 -19.65 4.44 23.20
CA TYR A 506 -19.49 5.42 24.28
C TYR A 506 -18.42 5.01 25.27
N PHE A 507 -17.37 4.35 24.79
CA PHE A 507 -16.39 3.73 25.69
C PHE A 507 -15.61 4.75 26.49
N PHE A 508 -15.50 5.99 26.03
CA PHE A 508 -14.74 7.00 26.77
C PHE A 508 -15.53 7.65 27.90
N ILE A 509 -16.85 7.48 27.91
CA ILE A 509 -17.68 8.09 28.94
C ILE A 509 -17.40 7.46 30.30
N MET A 510 -17.31 6.13 30.35
CA MET A 510 -17.13 5.45 31.62
C MET A 510 -15.72 5.70 32.16
N PRO A 511 -15.57 5.78 33.48
CA PRO A 511 -14.26 5.99 34.09
C PRO A 511 -13.48 4.73 34.41
N SER A 512 -14.01 3.55 34.08
CA SER A 512 -13.26 2.32 34.23
C SER A 512 -12.39 1.99 33.04
N TYR A 513 -12.53 2.73 31.94
CA TYR A 513 -11.66 2.55 30.79
C TYR A 513 -10.29 3.17 31.02
N TRP A 514 -10.23 4.20 31.85
CA TRP A 514 -8.99 4.94 32.07
C TRP A 514 -8.17 4.36 33.22
N ASN A 537 -28.59 -35.29 30.37
CA ASN A 537 -28.19 -36.37 29.47
C ASN A 537 -27.57 -37.51 30.27
N GLU A 538 -27.32 -38.64 29.62
CA GLU A 538 -26.72 -39.80 30.26
C GLU A 538 -25.36 -40.16 29.70
N TYR A 539 -24.93 -39.54 28.61
CA TYR A 539 -23.55 -39.67 28.13
C TYR A 539 -22.61 -38.70 28.82
N PHE A 540 -23.12 -37.85 29.70
CA PHE A 540 -22.34 -36.83 30.38
C PHE A 540 -22.05 -37.27 31.81
N GLU A 541 -20.78 -37.31 32.18
CA GLU A 541 -20.40 -37.66 33.54
C GLU A 541 -20.90 -36.60 34.52
N ALA A 542 -20.87 -36.94 35.79
CA ALA A 542 -21.25 -36.03 36.85
C ALA A 542 -20.03 -35.23 37.29
N GLU A 543 -20.17 -33.92 37.31
CA GLU A 543 -19.03 -33.04 37.47
C GLU A 543 -18.44 -33.18 38.88
N PRO A 544 -17.13 -33.04 39.03
CA PRO A 544 -16.52 -33.14 40.35
C PRO A 544 -16.59 -31.82 41.12
N GLU A 545 -16.87 -31.94 42.42
CA GLU A 545 -16.99 -30.79 43.30
C GLU A 545 -15.74 -30.56 44.15
N ASP A 546 -14.66 -31.29 43.88
CA ASP A 546 -13.42 -31.13 44.61
C ASP A 546 -12.44 -30.19 43.93
N LEU A 547 -12.84 -29.57 42.81
CA LEU A 547 -11.93 -28.76 42.01
C LEU A 547 -12.52 -27.37 41.79
N VAL A 548 -11.70 -26.50 41.21
CA VAL A 548 -12.05 -25.10 40.97
C VAL A 548 -12.17 -24.91 39.47
N ALA A 549 -13.30 -24.35 39.04
CA ALA A 549 -13.58 -24.19 37.62
C ALA A 549 -12.81 -22.99 37.09
N GLY A 550 -11.83 -23.25 36.22
CA GLY A 550 -11.16 -22.16 35.56
C GLY A 550 -12.07 -21.49 34.57
N ILE A 551 -12.36 -22.17 33.48
CA ILE A 551 -13.19 -21.62 32.41
C ILE A 551 -14.62 -22.12 32.59
N LYS A 552 -15.58 -21.25 32.33
CA LYS A 552 -16.99 -21.60 32.39
C LYS A 552 -17.65 -21.07 31.13
N ILE A 553 -18.18 -21.97 30.31
CA ILE A 553 -18.85 -21.60 29.06
C ILE A 553 -20.34 -21.83 29.22
N LYS A 554 -21.14 -20.87 28.73
CA LYS A 554 -22.58 -20.93 28.95
C LYS A 554 -23.29 -20.40 27.72
N HIS A 555 -23.91 -21.31 26.96
CA HIS A 555 -24.74 -20.97 25.80
C HIS A 555 -23.97 -20.21 24.74
N LEU A 556 -22.67 -20.46 24.63
CA LEU A 556 -21.87 -19.78 23.63
C LEU A 556 -22.33 -20.19 22.23
N SER A 557 -22.17 -19.27 21.28
CA SER A 557 -22.59 -19.54 19.91
C SER A 557 -21.81 -18.66 18.95
N LYS A 558 -21.88 -19.01 17.68
CA LYS A 558 -21.18 -18.29 16.63
C LYS A 558 -21.79 -18.65 15.29
N VAL A 559 -22.10 -17.64 14.49
CA VAL A 559 -22.73 -17.84 13.19
C VAL A 559 -21.94 -17.05 12.15
N PHE A 560 -21.65 -17.68 11.02
CA PHE A 560 -20.89 -17.04 9.96
C PHE A 560 -21.84 -16.57 8.86
N ARG A 561 -21.26 -15.94 7.83
CA ARG A 561 -22.04 -15.29 6.78
C ARG A 561 -21.81 -15.93 5.41
N VAL A 562 -21.82 -17.25 5.34
CA VAL A 562 -21.65 -17.91 4.05
C VAL A 562 -22.93 -17.81 3.25
N GLY A 563 -22.80 -17.39 1.98
CA GLY A 563 -23.96 -17.29 1.11
C GLY A 563 -24.97 -16.29 1.62
N ASN A 564 -26.23 -16.72 1.71
CA ASN A 564 -27.33 -15.91 2.23
C ASN A 564 -28.21 -16.75 3.16
N LYS A 565 -27.57 -17.55 4.00
CA LYS A 565 -28.32 -18.50 4.83
C LYS A 565 -27.89 -18.57 6.29
N ASP A 566 -26.79 -17.95 6.70
CA ASP A 566 -26.36 -17.89 8.10
C ASP A 566 -26.12 -19.29 8.66
N ARG A 567 -25.16 -19.99 8.06
CA ARG A 567 -24.74 -21.28 8.58
C ARG A 567 -23.95 -21.11 9.87
N ALA A 568 -24.13 -22.03 10.80
CA ALA A 568 -23.56 -21.92 12.13
C ALA A 568 -22.34 -22.82 12.29
N ALA A 569 -21.34 -22.31 13.01
CA ALA A 569 -20.12 -23.05 13.30
C ALA A 569 -20.16 -23.72 14.67
N VAL A 570 -20.39 -22.95 15.72
CA VAL A 570 -20.66 -23.47 17.06
C VAL A 570 -22.10 -23.12 17.38
N ARG A 571 -22.70 -23.87 18.30
CA ARG A 571 -24.11 -23.65 18.62
C ARG A 571 -24.40 -24.19 20.02
N ASP A 572 -24.64 -23.28 20.95
CA ASP A 572 -25.15 -23.60 22.28
C ASP A 572 -24.22 -24.57 23.02
N LEU A 573 -23.02 -24.08 23.29
CA LEU A 573 -22.04 -24.85 24.04
C LEU A 573 -22.26 -24.67 25.54
N ASN A 574 -21.87 -25.70 26.30
CA ASN A 574 -21.96 -25.67 27.75
C ASN A 574 -20.84 -26.53 28.30
N LEU A 575 -19.91 -25.95 29.06
CA LEU A 575 -18.74 -26.69 29.48
C LEU A 575 -18.14 -26.05 30.71
N ASN A 576 -17.31 -26.82 31.41
CA ASN A 576 -16.58 -26.34 32.57
C ASN A 576 -15.24 -27.05 32.62
N LEU A 577 -14.15 -26.29 32.61
CA LEU A 577 -12.80 -26.84 32.65
C LEU A 577 -12.15 -26.46 33.96
N TYR A 578 -11.57 -27.43 34.65
CA TYR A 578 -11.14 -27.26 36.03
C TYR A 578 -9.64 -27.03 36.13
N GLU A 579 -9.25 -26.43 37.24
CA GLU A 579 -7.87 -26.05 37.48
C GLU A 579 -7.09 -27.23 38.03
N GLY A 580 -5.94 -27.51 37.45
CA GLY A 580 -5.09 -28.59 37.89
C GLY A 580 -5.15 -29.87 37.09
N GLN A 581 -5.89 -29.88 35.98
CA GLN A 581 -5.99 -31.07 35.14
C GLN A 581 -6.13 -30.65 33.69
N ILE A 582 -5.80 -31.56 32.80
CA ILE A 582 -5.84 -31.33 31.36
C ILE A 582 -7.16 -31.82 30.80
N THR A 583 -7.79 -30.98 29.98
CA THR A 583 -9.03 -31.33 29.31
C THR A 583 -8.78 -31.36 27.82
N VAL A 584 -9.11 -32.48 27.17
CA VAL A 584 -8.82 -32.69 25.77
C VAL A 584 -10.11 -32.61 24.97
N LEU A 585 -10.10 -31.83 23.90
CA LEU A 585 -11.26 -31.59 23.06
C LEU A 585 -11.04 -32.28 21.73
N LEU A 586 -11.94 -33.22 21.40
CA LEU A 586 -11.82 -34.05 20.22
C LEU A 586 -12.89 -33.66 19.20
N GLY A 587 -12.85 -34.30 18.05
CA GLY A 587 -13.85 -34.05 17.02
C GLY A 587 -13.26 -34.24 15.65
N HIS A 588 -14.13 -34.21 14.65
CA HIS A 588 -13.73 -34.40 13.27
C HIS A 588 -13.32 -33.05 12.67
N ASN A 589 -13.11 -33.03 11.36
CA ASN A 589 -12.55 -31.87 10.68
C ASN A 589 -13.67 -30.90 10.32
N GLY A 590 -13.83 -29.84 11.10
CA GLY A 590 -14.83 -28.84 10.81
C GLY A 590 -15.97 -28.80 11.80
N ALA A 591 -15.70 -29.07 13.07
CA ALA A 591 -16.71 -29.00 14.11
C ALA A 591 -16.15 -28.19 15.27
N GLY A 592 -16.28 -26.86 15.19
CA GLY A 592 -15.74 -26.03 16.25
C GLY A 592 -14.26 -26.28 16.43
N LYS A 593 -13.83 -26.30 17.69
CA LYS A 593 -12.47 -26.67 18.11
C LYS A 593 -11.43 -25.60 17.78
N THR A 594 -11.79 -24.61 16.99
CA THR A 594 -10.89 -23.50 16.76
C THR A 594 -11.71 -22.23 16.86
N THR A 595 -12.99 -22.33 16.51
CA THR A 595 -13.90 -21.23 16.77
C THR A 595 -14.17 -21.07 18.25
N THR A 596 -14.11 -22.17 19.01
CA THR A 596 -14.22 -22.06 20.46
C THR A 596 -12.95 -21.48 21.07
N LEU A 597 -11.80 -21.97 20.64
CA LEU A 597 -10.53 -21.50 21.20
C LEU A 597 -10.16 -20.10 20.72
N SER A 598 -10.60 -19.71 19.54
CA SER A 598 -10.39 -18.34 19.07
C SER A 598 -11.39 -17.37 19.66
N MET A 599 -12.43 -17.86 20.32
CA MET A 599 -13.36 -17.00 21.03
C MET A 599 -13.07 -16.89 22.50
N LEU A 600 -12.45 -17.91 23.10
CA LEU A 600 -11.97 -17.79 24.46
C LEU A 600 -10.73 -16.90 24.55
N THR A 601 -10.00 -16.73 23.46
CA THR A 601 -8.79 -15.92 23.45
C THR A 601 -8.98 -14.57 22.78
N GLY A 602 -10.19 -14.19 22.44
CA GLY A 602 -10.44 -12.87 21.91
C GLY A 602 -9.89 -12.60 20.54
N LEU A 603 -10.05 -13.53 19.61
CA LEU A 603 -9.72 -13.28 18.22
C LEU A 603 -10.90 -12.74 17.43
N PHE A 604 -12.13 -13.03 17.87
CA PHE A 604 -13.33 -12.43 17.32
C PHE A 604 -14.48 -12.71 18.26
N PRO A 605 -15.46 -11.80 18.34
CA PRO A 605 -16.42 -11.86 19.43
C PRO A 605 -17.46 -12.95 19.21
N PRO A 606 -18.09 -13.43 20.27
CA PRO A 606 -19.20 -14.38 20.10
C PRO A 606 -20.41 -13.72 19.45
N THR A 607 -21.19 -14.52 18.74
CA THR A 607 -22.46 -14.03 18.23
C THR A 607 -23.47 -13.88 19.37
N SER A 608 -23.46 -14.82 20.31
CA SER A 608 -24.29 -14.72 21.50
C SER A 608 -23.72 -15.63 22.58
N GLY A 609 -24.14 -15.40 23.81
CA GLY A 609 -23.67 -16.17 24.93
C GLY A 609 -22.59 -15.44 25.71
N ARG A 610 -21.91 -16.21 26.56
CA ARG A 610 -20.86 -15.62 27.40
C ARG A 610 -19.97 -16.74 27.93
N ALA A 611 -18.85 -16.34 28.53
CA ALA A 611 -17.90 -17.27 29.10
C ALA A 611 -17.02 -16.53 30.10
N TYR A 612 -16.59 -17.21 31.15
CA TYR A 612 -15.91 -16.58 32.28
C TYR A 612 -14.57 -17.28 32.51
N ILE A 613 -13.47 -16.64 32.07
CA ILE A 613 -12.17 -17.27 32.18
C ILE A 613 -11.70 -17.34 33.64
N SER A 614 -11.85 -16.24 34.37
CA SER A 614 -11.62 -16.27 35.81
C SER A 614 -12.64 -15.37 36.50
N GLY A 615 -13.90 -15.48 36.08
CA GLY A 615 -14.90 -14.55 36.54
C GLY A 615 -14.87 -13.23 35.79
N TYR A 616 -14.19 -13.18 34.65
CA TYR A 616 -13.94 -11.94 33.95
C TYR A 616 -14.78 -11.72 32.70
N GLU A 617 -15.63 -12.68 32.29
CA GLU A 617 -16.60 -12.36 31.26
C GLU A 617 -15.94 -11.88 29.97
N ILE A 618 -15.33 -12.80 29.22
CA ILE A 618 -14.46 -12.50 28.09
C ILE A 618 -14.97 -11.38 27.19
N SER A 619 -16.28 -11.18 27.15
CA SER A 619 -16.86 -10.12 26.33
C SER A 619 -16.86 -8.76 27.02
N GLN A 620 -16.55 -8.71 28.32
CA GLN A 620 -16.62 -7.47 29.07
C GLN A 620 -15.24 -6.83 29.23
N ASP A 621 -14.30 -7.54 29.83
CA ASP A 621 -12.93 -7.03 29.99
C ASP A 621 -11.91 -8.16 29.82
N MET A 622 -11.42 -8.30 28.59
CA MET A 622 -10.39 -9.29 28.30
C MET A 622 -8.98 -8.77 28.54
N VAL A 623 -8.82 -7.46 28.75
CA VAL A 623 -7.49 -6.93 29.05
C VAL A 623 -6.97 -7.43 30.39
N GLN A 624 -7.84 -7.95 31.25
CA GLN A 624 -7.40 -8.56 32.50
C GLN A 624 -7.11 -10.05 32.34
N ILE A 625 -7.86 -10.72 31.48
CA ILE A 625 -7.56 -12.12 31.17
C ILE A 625 -6.20 -12.24 30.49
N ARG A 626 -5.91 -11.35 29.56
CA ARG A 626 -4.68 -11.51 28.80
C ARG A 626 -3.44 -11.21 29.60
N LYS A 627 -3.53 -11.01 30.92
CA LYS A 627 -2.32 -10.89 31.74
C LYS A 627 -1.64 -12.24 31.92
N SER A 628 -2.43 -13.31 32.12
CA SER A 628 -1.88 -14.62 32.40
C SER A 628 -2.13 -15.64 31.30
N LEU A 629 -2.68 -15.23 30.17
CA LEU A 629 -2.94 -16.15 29.08
C LEU A 629 -1.64 -16.54 28.38
N GLY A 630 -1.62 -17.74 27.80
CA GLY A 630 -0.55 -18.17 26.94
C GLY A 630 -1.02 -19.27 26.01
N LEU A 631 -0.82 -19.15 24.71
CA LEU A 631 -1.40 -20.09 23.77
C LEU A 631 -0.50 -20.28 22.57
N CYS A 632 -0.73 -21.37 21.84
CA CYS A 632 -0.11 -21.59 20.56
C CYS A 632 -1.22 -21.83 19.54
N PRO A 633 -1.17 -21.21 18.37
CA PRO A 633 -2.27 -21.35 17.42
C PRO A 633 -2.11 -22.60 16.57
N GLN A 634 -3.07 -22.87 15.69
CA GLN A 634 -2.93 -24.04 14.82
C GLN A 634 -1.82 -23.83 13.81
N HIS A 635 -1.79 -22.68 13.16
CA HIS A 635 -0.74 -22.31 12.22
C HIS A 635 0.14 -21.27 12.90
N ASP A 636 1.43 -21.54 12.94
CA ASP A 636 2.34 -20.76 13.76
C ASP A 636 2.47 -19.32 13.26
N ILE A 637 2.78 -18.43 14.19
CA ILE A 637 2.91 -17.00 13.91
C ILE A 637 4.30 -16.59 14.39
N LEU A 638 5.26 -16.57 13.47
CA LEU A 638 6.66 -16.31 13.82
C LEU A 638 7.20 -15.16 12.98
N PHE A 639 8.31 -14.59 13.45
CA PHE A 639 9.04 -13.56 12.72
C PHE A 639 10.07 -14.23 11.82
N ASP A 640 9.96 -14.03 10.52
CA ASP A 640 11.09 -14.34 9.66
C ASP A 640 12.22 -13.37 9.94
N ASN A 641 13.45 -13.80 9.70
CA ASN A 641 14.64 -13.00 9.98
C ASN A 641 14.75 -12.70 11.47
N LEU A 642 14.42 -13.68 12.31
CA LEU A 642 14.61 -13.55 13.74
C LEU A 642 14.86 -14.95 14.30
N THR A 643 15.98 -15.12 14.98
CA THR A 643 16.47 -16.45 15.33
C THR A 643 15.61 -17.06 16.43
N VAL A 644 16.03 -18.25 16.89
CA VAL A 644 15.23 -19.02 17.84
C VAL A 644 15.42 -18.50 19.26
N ALA A 645 16.68 -18.34 19.67
CA ALA A 645 16.95 -17.78 20.98
C ALA A 645 16.42 -16.36 21.10
N GLU A 646 16.46 -15.60 19.99
CA GLU A 646 15.86 -14.27 19.99
C GLU A 646 14.35 -14.35 20.20
N HIS A 647 13.68 -15.28 19.53
CA HIS A 647 12.25 -15.46 19.74
C HIS A 647 11.94 -15.72 21.20
N LEU A 648 12.65 -16.69 21.80
CA LEU A 648 12.36 -17.06 23.18
C LEU A 648 12.67 -15.91 24.13
N TYR A 649 13.79 -15.21 23.91
CA TYR A 649 14.14 -14.07 24.75
C TYR A 649 13.07 -12.99 24.69
N PHE A 650 12.65 -12.63 23.48
CA PHE A 650 11.65 -11.58 23.32
C PHE A 650 10.34 -11.95 23.98
N TYR A 651 9.87 -13.18 23.77
CA TYR A 651 8.57 -13.53 24.33
C TYR A 651 8.62 -13.89 25.80
N ALA A 652 9.81 -14.13 26.36
CA ALA A 652 9.91 -14.20 27.82
C ALA A 652 9.90 -12.82 28.44
N GLN A 653 10.56 -11.85 27.79
CA GLN A 653 10.58 -10.49 28.33
C GLN A 653 9.23 -9.82 28.21
N LEU A 654 8.49 -10.11 27.14
CA LEU A 654 7.20 -9.46 26.93
C LEU A 654 6.22 -9.78 28.06
N LYS A 655 6.22 -11.03 28.51
CA LYS A 655 5.22 -11.47 29.48
C LYS A 655 5.46 -10.87 30.85
N GLY A 656 6.71 -10.59 31.21
CA GLY A 656 6.95 -9.89 32.45
C GLY A 656 8.17 -10.38 33.22
N LEU A 657 8.77 -11.47 32.74
CA LEU A 657 9.85 -12.13 33.46
C LEU A 657 11.04 -11.19 33.65
N SER A 658 11.69 -11.28 34.80
CA SER A 658 12.76 -10.37 35.16
C SER A 658 13.97 -10.58 34.25
N ARG A 659 14.77 -9.52 34.11
CA ARG A 659 15.95 -9.56 33.25
C ARG A 659 17.10 -10.33 33.89
N GLN A 660 17.10 -10.49 35.21
CA GLN A 660 18.20 -11.20 35.87
C GLN A 660 18.17 -12.69 35.55
N LYS A 661 17.00 -13.31 35.64
CA LYS A 661 16.86 -14.76 35.56
C LYS A 661 16.37 -15.25 34.21
N CYS A 662 16.59 -14.48 33.14
CA CYS A 662 16.12 -14.88 31.83
C CYS A 662 17.02 -15.92 31.14
N PRO A 663 18.34 -15.70 31.07
CA PRO A 663 19.17 -16.61 30.25
C PRO A 663 19.11 -18.07 30.65
N GLU A 664 19.10 -18.36 31.95
CA GLU A 664 19.00 -19.75 32.38
C GLU A 664 17.67 -20.37 31.96
N GLU A 665 16.58 -19.60 32.05
CA GLU A 665 15.28 -20.09 31.61
C GLU A 665 15.30 -20.40 30.11
N VAL A 666 15.89 -19.52 29.32
CA VAL A 666 15.95 -19.76 27.88
C VAL A 666 16.78 -20.99 27.58
N LYS A 667 17.89 -21.18 28.29
CA LYS A 667 18.70 -22.37 28.10
C LYS A 667 17.91 -23.63 28.45
N GLN A 668 17.16 -23.60 29.55
CA GLN A 668 16.34 -24.74 29.93
C GLN A 668 15.35 -25.07 28.82
N MET A 669 14.67 -24.06 28.28
CA MET A 669 13.68 -24.34 27.24
C MET A 669 14.32 -24.86 25.96
N LEU A 670 15.46 -24.31 25.56
CA LEU A 670 16.15 -24.82 24.39
C LEU A 670 16.56 -26.28 24.57
N HIS A 671 17.02 -26.63 25.76
CA HIS A 671 17.33 -28.04 26.03
C HIS A 671 16.08 -28.91 25.97
N ILE A 672 14.98 -28.44 26.56
CA ILE A 672 13.78 -29.26 26.66
C ILE A 672 13.21 -29.57 25.28
N ILE A 673 12.90 -28.52 24.51
CA ILE A 673 12.13 -28.73 23.29
C ILE A 673 12.90 -29.59 22.30
N GLY A 674 14.21 -29.40 22.21
CA GLY A 674 15.01 -30.20 21.31
C GLY A 674 15.78 -29.38 20.31
N LEU A 675 15.41 -28.10 20.21
CA LEU A 675 16.11 -27.16 19.34
C LEU A 675 17.36 -26.70 20.05
N GLU A 676 18.47 -27.38 19.77
CA GLU A 676 19.75 -27.02 20.32
C GLU A 676 20.75 -26.59 19.26
N ASP A 677 20.95 -27.41 18.24
CA ASP A 677 21.80 -27.05 17.11
C ASP A 677 21.14 -26.06 16.18
N LYS A 678 19.83 -25.86 16.29
CA LYS A 678 19.14 -24.86 15.48
C LYS A 678 19.10 -23.51 16.16
N TRP A 679 19.68 -23.39 17.35
CA TRP A 679 19.92 -22.12 18.00
C TRP A 679 20.54 -21.10 17.03
N ASN A 680 20.17 -19.84 17.19
CA ASN A 680 20.46 -18.72 16.30
C ASN A 680 20.39 -19.05 14.82
N SER A 681 19.39 -19.84 14.42
CA SER A 681 19.04 -20.01 13.03
C SER A 681 17.74 -19.30 12.74
N ARG A 682 17.67 -18.65 11.59
CA ARG A 682 16.48 -17.86 11.25
C ARG A 682 15.26 -18.77 11.12
N SER A 683 14.10 -18.24 11.53
CA SER A 683 12.87 -19.01 11.49
C SER A 683 12.42 -19.32 10.07
N ARG A 684 12.95 -18.59 9.09
CA ARG A 684 12.52 -18.81 7.71
C ARG A 684 12.99 -20.15 7.17
N PHE A 685 14.12 -20.62 7.68
CA PHE A 685 14.67 -21.89 7.24
C PHE A 685 14.02 -23.02 8.03
N LEU A 686 14.57 -23.31 9.20
CA LEU A 686 14.04 -24.35 10.07
C LEU A 686 13.76 -25.67 9.35
N SER A 687 12.49 -26.07 9.32
CA SER A 687 12.11 -27.32 8.68
C SER A 687 10.63 -27.37 8.35
N GLY A 688 9.84 -27.67 9.38
CA GLY A 688 8.41 -27.78 9.26
C GLY A 688 7.86 -28.39 10.54
N GLY A 689 8.69 -29.21 11.17
CA GLY A 689 8.34 -29.86 12.42
C GLY A 689 8.99 -29.13 13.59
N MET A 690 9.90 -28.21 13.28
CA MET A 690 10.56 -27.43 14.30
C MET A 690 9.75 -26.18 14.58
N ARG A 691 8.95 -25.76 13.61
CA ARG A 691 8.10 -24.60 13.76
C ARG A 691 7.19 -24.86 14.96
N ARG A 692 6.57 -26.03 14.99
CA ARG A 692 5.69 -26.40 16.10
C ARG A 692 6.44 -26.46 17.41
N LYS A 693 7.67 -26.96 17.40
CA LYS A 693 8.47 -27.00 18.62
C LYS A 693 8.73 -25.60 19.14
N LEU A 694 9.11 -24.68 18.26
CA LEU A 694 9.33 -23.30 18.68
C LEU A 694 8.05 -22.68 19.21
N SER A 695 6.92 -22.95 18.55
CA SER A 695 5.65 -22.40 19.00
C SER A 695 5.31 -22.88 20.40
N ILE A 696 5.52 -24.16 20.67
CA ILE A 696 5.26 -24.70 22.00
C ILE A 696 6.19 -24.07 23.03
N GLY A 697 7.46 -23.91 22.67
CA GLY A 697 8.38 -23.25 23.57
C GLY A 697 7.95 -21.85 23.93
N ILE A 698 7.49 -21.09 22.93
CA ILE A 698 6.99 -19.74 23.19
C ILE A 698 5.76 -19.79 24.09
N ALA A 699 4.87 -20.75 23.85
CA ALA A 699 3.64 -20.82 24.63
C ALA A 699 3.91 -21.12 26.09
N LEU A 700 4.84 -22.03 26.38
CA LEU A 700 5.07 -22.45 27.75
C LEU A 700 6.05 -21.58 28.52
N ILE A 701 6.86 -20.77 27.82
CA ILE A 701 7.87 -19.97 28.49
C ILE A 701 7.19 -18.94 29.40
N ALA A 702 7.87 -18.62 30.50
CA ALA A 702 7.48 -17.62 31.50
C ALA A 702 6.29 -18.03 32.36
N GLY A 703 5.69 -19.19 32.13
CA GLY A 703 4.59 -19.63 32.97
C GLY A 703 3.30 -18.89 32.68
N SER A 704 2.16 -19.55 32.88
CA SER A 704 0.87 -18.91 32.65
C SER A 704 -0.20 -19.70 33.39
N LYS A 705 -1.19 -18.98 33.91
CA LYS A 705 -2.25 -19.65 34.66
C LYS A 705 -3.22 -20.37 33.74
N VAL A 706 -3.35 -19.92 32.50
CA VAL A 706 -4.27 -20.53 31.54
C VAL A 706 -3.49 -20.84 30.26
N LEU A 707 -3.35 -22.12 29.95
CA LEU A 707 -2.70 -22.56 28.72
C LEU A 707 -3.75 -23.11 27.78
N ILE A 708 -3.74 -22.62 26.54
CA ILE A 708 -4.72 -23.00 25.53
C ILE A 708 -3.92 -23.45 24.31
N LEU A 709 -3.79 -24.76 24.12
CA LEU A 709 -3.01 -25.31 23.03
C LEU A 709 -3.94 -25.90 21.99
N ASP A 710 -3.70 -25.58 20.72
CA ASP A 710 -4.52 -26.04 19.60
C ASP A 710 -3.66 -26.88 18.68
N GLN A 711 -3.72 -28.19 18.83
CA GLN A 711 -2.94 -29.15 18.06
C GLN A 711 -1.46 -28.85 18.20
N PRO A 712 -0.90 -29.06 19.38
CA PRO A 712 0.51 -28.73 19.59
C PRO A 712 1.46 -29.64 18.83
N THR A 713 1.29 -30.94 18.99
CA THR A 713 2.22 -31.92 18.43
C THR A 713 1.68 -32.50 17.13
N SER A 714 1.57 -31.64 16.12
CA SER A 714 1.10 -32.04 14.81
C SER A 714 2.25 -31.87 13.83
N GLY A 715 2.94 -32.95 13.53
CA GLY A 715 4.06 -32.94 12.63
C GLY A 715 5.41 -33.18 13.26
N MET A 716 5.47 -33.82 14.42
CA MET A 716 6.74 -34.17 15.04
C MET A 716 6.87 -35.68 15.15
N ASP A 717 8.13 -36.13 15.24
CA ASP A 717 8.42 -37.53 15.46
C ASP A 717 8.14 -37.91 16.91
N ALA A 718 8.11 -39.22 17.16
CA ALA A 718 7.73 -39.71 18.48
C ALA A 718 8.72 -39.29 19.56
N ILE A 719 10.02 -39.26 19.24
CA ILE A 719 11.04 -39.02 20.25
C ILE A 719 10.90 -37.65 20.87
N SER A 720 10.19 -36.73 20.22
CA SER A 720 9.92 -35.42 20.77
C SER A 720 8.51 -35.26 21.31
N ARG A 721 7.54 -36.00 20.74
CA ARG A 721 6.21 -36.01 21.34
C ARG A 721 6.27 -36.53 22.77
N ARG A 722 7.12 -37.51 23.04
CA ARG A 722 7.24 -38.00 24.40
C ARG A 722 7.72 -36.89 25.35
N ALA A 723 8.70 -36.10 24.90
CA ALA A 723 9.20 -35.02 25.75
C ALA A 723 8.12 -33.96 25.99
N ILE A 724 7.36 -33.63 24.95
CA ILE A 724 6.26 -32.68 25.13
C ILE A 724 5.26 -33.20 26.13
N TRP A 725 4.93 -34.50 26.04
CA TRP A 725 4.01 -35.11 26.97
C TRP A 725 4.54 -35.02 28.41
N ASP A 726 5.83 -35.30 28.59
CA ASP A 726 6.41 -35.24 29.92
C ASP A 726 6.34 -33.83 30.50
N LEU A 727 6.68 -32.82 29.70
CA LEU A 727 6.59 -31.46 30.21
C LEU A 727 5.16 -31.10 30.58
N LEU A 728 4.20 -31.42 29.71
CA LEU A 728 2.81 -31.07 30.01
C LEU A 728 2.32 -31.79 31.25
N GLN A 729 2.81 -33.01 31.49
CA GLN A 729 2.49 -33.70 32.73
C GLN A 729 3.09 -32.96 33.93
N ARG A 730 4.32 -32.47 33.81
CA ARG A 730 4.98 -31.80 34.92
C ARG A 730 4.51 -30.38 35.15
N GLN A 731 3.72 -29.80 34.24
CA GLN A 731 3.33 -28.40 34.38
C GLN A 731 1.82 -28.20 34.43
N LYS A 732 1.09 -29.07 35.13
CA LYS A 732 -0.36 -28.92 35.26
C LYS A 732 -0.81 -28.82 36.72
N SER A 733 0.12 -28.51 37.63
CA SER A 733 -0.21 -28.51 39.04
C SER A 733 -1.26 -27.45 39.38
N ASP A 734 -1.02 -26.21 38.99
CA ASP A 734 -1.83 -25.08 39.42
C ASP A 734 -2.21 -24.20 38.24
N ARG A 735 -2.69 -24.80 37.16
CA ARG A 735 -3.14 -24.05 35.99
C ARG A 735 -4.13 -24.92 35.23
N THR A 736 -4.86 -24.29 34.32
CA THR A 736 -5.78 -24.99 33.44
C THR A 736 -5.13 -25.17 32.08
N ILE A 737 -5.32 -26.33 31.47
CA ILE A 737 -4.78 -26.63 30.16
C ILE A 737 -5.89 -27.18 29.29
N VAL A 738 -5.94 -26.72 28.04
CA VAL A 738 -6.97 -27.13 27.09
C VAL A 738 -6.25 -27.62 25.84
N LEU A 739 -6.54 -28.85 25.44
CA LEU A 739 -5.87 -29.48 24.30
C LEU A 739 -6.88 -29.90 23.24
N THR A 740 -6.49 -29.70 21.99
CA THR A 740 -7.21 -30.27 20.85
C THR A 740 -6.21 -31.12 20.09
N THR A 741 -6.56 -32.36 19.80
CA THR A 741 -5.60 -33.30 19.24
C THR A 741 -6.29 -34.28 18.30
N HIS A 742 -5.50 -34.86 17.40
CA HIS A 742 -6.00 -35.85 16.46
C HIS A 742 -5.33 -37.21 16.61
N PHE A 743 -4.41 -37.36 17.56
CA PHE A 743 -3.83 -38.66 17.87
C PHE A 743 -4.56 -39.23 19.09
N MET A 744 -5.14 -40.41 18.94
CA MET A 744 -6.08 -40.91 19.92
C MET A 744 -5.42 -41.66 21.06
N ASP A 745 -4.11 -41.86 21.03
CA ASP A 745 -3.41 -42.34 22.22
C ASP A 745 -3.02 -41.18 23.12
N GLU A 746 -2.79 -40.01 22.53
CA GLU A 746 -2.52 -38.81 23.33
C GLU A 746 -3.72 -38.44 24.19
N ALA A 747 -4.93 -38.55 23.65
CA ALA A 747 -6.13 -38.21 24.39
C ALA A 747 -6.40 -39.17 25.54
N ASP A 748 -5.78 -40.34 25.55
CA ASP A 748 -5.95 -41.30 26.64
C ASP A 748 -4.81 -41.24 27.63
N LEU A 749 -3.56 -41.12 27.16
CA LEU A 749 -2.42 -41.10 28.06
C LEU A 749 -2.48 -39.89 28.98
N LEU A 750 -2.63 -38.70 28.40
CA LEU A 750 -2.68 -37.45 29.16
C LEU A 750 -4.02 -36.79 28.90
N GLY A 751 -5.00 -37.12 29.74
CA GLY A 751 -6.30 -36.50 29.67
C GLY A 751 -7.14 -36.92 30.85
N ASP A 752 -7.74 -35.95 31.54
CA ASP A 752 -8.58 -36.25 32.67
C ASP A 752 -10.06 -36.17 32.34
N ARG A 753 -10.43 -35.34 31.37
CA ARG A 753 -11.79 -35.27 30.89
C ARG A 753 -11.74 -35.04 29.39
N ILE A 754 -12.65 -35.67 28.65
CA ILE A 754 -12.63 -35.63 27.20
C ILE A 754 -14.01 -35.21 26.69
N ALA A 755 -14.02 -34.35 25.68
CA ALA A 755 -15.25 -33.90 25.06
C ALA A 755 -15.13 -34.08 23.55
N ILE A 756 -16.24 -34.42 22.90
CA ILE A 756 -16.26 -34.66 21.46
C ILE A 756 -17.38 -33.86 20.84
N MET A 757 -17.07 -33.13 19.76
CA MET A 757 -18.01 -32.26 19.08
C MET A 757 -18.36 -32.85 17.72
N ALA A 758 -19.66 -32.89 17.40
CA ALA A 758 -20.09 -33.45 16.12
C ALA A 758 -20.06 -32.43 14.99
N LYS A 759 -20.93 -31.43 15.05
CA LYS A 759 -21.02 -30.43 13.99
C LYS A 759 -21.28 -29.07 14.61
N GLY A 760 -20.57 -28.77 15.68
CA GLY A 760 -20.84 -27.58 16.46
C GLY A 760 -21.60 -27.83 17.74
N GLU A 761 -21.90 -29.08 18.06
CA GLU A 761 -22.59 -29.43 19.29
C GLU A 761 -21.75 -30.43 20.08
N LEU A 762 -21.91 -30.41 21.39
CA LEU A 762 -21.16 -31.30 22.27
C LEU A 762 -21.85 -32.65 22.33
N GLN A 763 -21.11 -33.71 22.00
CA GLN A 763 -21.70 -35.05 21.94
C GLN A 763 -21.60 -35.75 23.29
N CYS A 764 -20.39 -35.90 23.80
CA CYS A 764 -20.15 -36.62 25.05
C CYS A 764 -19.10 -35.87 25.85
N CYS A 765 -19.11 -36.10 27.17
CA CYS A 765 -18.14 -35.49 28.06
C CYS A 765 -17.96 -36.38 29.27
N GLY A 766 -16.71 -36.63 29.64
CA GLY A 766 -16.43 -37.50 30.76
C GLY A 766 -14.98 -37.91 30.76
N SER A 767 -14.64 -38.76 31.71
CA SER A 767 -13.27 -39.24 31.83
C SER A 767 -12.99 -40.29 30.75
N SER A 768 -11.81 -40.89 30.83
CA SER A 768 -11.37 -41.84 29.81
C SER A 768 -11.82 -43.26 30.09
N LEU A 769 -12.45 -43.52 31.23
CA LEU A 769 -12.96 -44.85 31.56
C LEU A 769 -14.48 -44.92 31.42
N PHE A 770 -15.17 -43.90 31.94
CA PHE A 770 -16.61 -43.83 31.77
C PHE A 770 -17.00 -43.85 30.30
N LEU A 771 -16.16 -43.27 29.44
CA LEU A 771 -16.42 -43.26 28.01
C LEU A 771 -16.15 -44.62 27.36
N LYS A 772 -15.07 -45.29 27.74
CA LYS A 772 -14.79 -46.61 27.19
C LYS A 772 -15.87 -47.61 27.59
N GLN A 773 -16.29 -47.60 28.85
CA GLN A 773 -17.34 -48.55 29.23
C GLN A 773 -18.73 -47.95 29.01
N LYS A 774 -18.90 -47.33 27.84
CA LYS A 774 -20.23 -46.96 27.37
C LYS A 774 -20.40 -47.15 25.87
N TYR A 775 -19.32 -47.29 25.09
CA TYR A 775 -19.41 -47.35 23.64
C TYR A 775 -18.83 -48.62 23.06
N GLY A 776 -17.67 -49.07 23.53
CA GLY A 776 -17.12 -50.35 23.12
C GLY A 776 -17.88 -51.48 23.78
N ALA A 777 -17.44 -52.70 23.49
CA ALA A 777 -18.05 -53.87 24.11
C ALA A 777 -17.10 -54.58 25.06
N GLY A 778 -16.02 -55.20 24.57
CA GLY A 778 -15.02 -55.66 25.51
C GLY A 778 -13.55 -55.44 25.19
N TYR A 779 -13.19 -55.52 23.92
CA TYR A 779 -11.81 -55.75 23.52
C TYR A 779 -11.66 -55.39 22.04
N HIS A 780 -10.43 -55.48 21.55
CA HIS A 780 -10.11 -55.11 20.19
C HIS A 780 -9.07 -56.08 19.63
N MET A 781 -9.01 -56.16 18.30
CA MET A 781 -8.02 -56.97 17.62
C MET A 781 -7.81 -56.41 16.22
N THR A 782 -6.54 -56.22 15.85
CA THR A 782 -6.21 -55.66 14.55
C THR A 782 -5.21 -56.55 13.84
N LEU A 783 -5.24 -56.52 12.51
CA LEU A 783 -4.40 -57.40 11.69
C LEU A 783 -3.82 -56.59 10.54
N VAL A 784 -2.89 -57.20 9.81
CA VAL A 784 -2.29 -56.60 8.63
C VAL A 784 -2.09 -57.73 7.62
N LYS A 785 -2.86 -57.70 6.53
CA LYS A 785 -2.83 -58.79 5.56
C LYS A 785 -1.68 -58.60 4.57
N GLU A 786 -1.54 -59.56 3.67
CA GLU A 786 -0.50 -59.55 2.65
C GLU A 786 -1.11 -59.27 1.28
N PRO A 787 -0.29 -59.17 0.23
CA PRO A 787 -0.83 -58.84 -1.10
C PRO A 787 -1.90 -59.82 -1.56
N HIS A 788 -1.59 -61.11 -1.59
CA HIS A 788 -2.54 -62.13 -1.99
C HIS A 788 -3.29 -62.59 -0.75
N CYS A 789 -4.44 -61.96 -0.50
CA CYS A 789 -5.29 -62.32 0.63
C CYS A 789 -6.73 -61.95 0.31
N ASN A 790 -7.65 -62.59 1.02
CA ASN A 790 -9.08 -62.35 0.86
C ASN A 790 -9.69 -62.14 2.25
N PRO A 791 -10.47 -61.09 2.46
CA PRO A 791 -11.05 -60.85 3.79
C PRO A 791 -11.96 -61.97 4.27
N GLU A 792 -12.70 -62.61 3.36
CA GLU A 792 -13.64 -63.64 3.77
C GLU A 792 -12.95 -64.83 4.40
N ASP A 793 -11.70 -65.11 4.01
CA ASP A 793 -10.98 -66.22 4.60
C ASP A 793 -10.78 -66.03 6.10
N ILE A 794 -10.38 -64.82 6.51
CA ILE A 794 -10.25 -64.53 7.93
C ILE A 794 -11.62 -64.41 8.59
N SER A 795 -12.58 -63.80 7.89
CA SER A 795 -13.88 -63.54 8.48
C SER A 795 -14.61 -64.82 8.83
N GLN A 796 -14.60 -65.80 7.92
CA GLN A 796 -15.31 -67.05 8.19
C GLN A 796 -14.67 -67.83 9.31
N LEU A 797 -13.33 -67.84 9.37
CA LEU A 797 -12.66 -68.52 10.47
C LEU A 797 -12.99 -67.84 11.81
N VAL A 798 -12.97 -66.51 11.83
CA VAL A 798 -13.31 -65.78 13.05
C VAL A 798 -14.73 -66.10 13.49
N HIS A 799 -15.67 -66.10 12.54
CA HIS A 799 -17.06 -66.43 12.87
C HIS A 799 -17.18 -67.84 13.40
N HIS A 800 -16.49 -68.80 12.77
CA HIS A 800 -16.58 -70.19 13.21
C HIS A 800 -15.98 -70.38 14.60
N HIS A 801 -14.97 -69.58 14.96
CA HIS A 801 -14.41 -69.71 16.30
C HIS A 801 -15.05 -68.74 17.30
N VAL A 802 -15.21 -67.49 16.92
CA VAL A 802 -15.82 -66.46 17.77
C VAL A 802 -17.10 -65.99 17.07
N PRO A 803 -18.29 -66.43 17.53
CA PRO A 803 -19.52 -66.11 16.79
C PRO A 803 -19.86 -64.63 16.74
N ASN A 804 -19.96 -63.98 17.89
CA ASN A 804 -20.47 -62.62 17.99
C ASN A 804 -19.33 -61.63 17.82
N ALA A 805 -19.16 -61.11 16.61
CA ALA A 805 -18.14 -60.12 16.30
C ALA A 805 -18.52 -59.45 14.99
N THR A 806 -18.07 -58.20 14.84
CA THR A 806 -18.45 -57.38 13.68
C THR A 806 -17.22 -56.63 13.18
N LEU A 807 -16.90 -56.81 11.91
CA LEU A 807 -15.77 -56.12 11.30
C LEU A 807 -16.02 -54.61 11.30
N GLU A 808 -14.99 -53.84 11.65
CA GLU A 808 -15.12 -52.38 11.65
C GLU A 808 -14.89 -51.79 10.26
N SER A 809 -13.67 -51.93 9.74
CA SER A 809 -13.32 -51.32 8.47
C SER A 809 -12.01 -51.92 7.97
N SER A 810 -12.02 -52.43 6.74
CA SER A 810 -10.79 -52.90 6.10
C SER A 810 -10.18 -51.76 5.29
N ALA A 811 -9.69 -50.76 6.02
CA ALA A 811 -9.14 -49.55 5.42
C ALA A 811 -7.71 -49.84 4.95
N GLY A 812 -7.62 -50.40 3.76
CA GLY A 812 -6.33 -50.77 3.21
C GLY A 812 -5.91 -52.17 3.61
N ALA A 813 -5.09 -52.27 4.64
CA ALA A 813 -4.66 -53.55 5.20
C ALA A 813 -4.81 -53.54 6.71
N GLU A 814 -5.96 -53.08 7.19
CA GLU A 814 -6.22 -53.01 8.63
C GLU A 814 -7.17 -54.10 9.11
N LEU A 815 -8.39 -54.15 8.57
CA LEU A 815 -9.29 -55.27 8.77
C LEU A 815 -9.47 -55.58 10.25
N SER A 816 -10.08 -54.65 10.99
CA SER A 816 -10.18 -54.77 12.44
C SER A 816 -11.49 -55.45 12.86
N PHE A 817 -11.54 -55.88 14.12
CA PHE A 817 -12.69 -56.57 14.69
C PHE A 817 -13.03 -56.01 16.06
N ILE A 818 -14.26 -56.28 16.49
CA ILE A 818 -14.75 -55.88 17.80
C ILE A 818 -15.35 -57.11 18.47
N LEU A 819 -14.99 -57.34 19.74
CA LEU A 819 -15.50 -58.48 20.47
C LEU A 819 -16.05 -58.03 21.82
N PRO A 820 -17.12 -58.66 22.30
CA PRO A 820 -17.69 -58.30 23.60
C PRO A 820 -16.95 -58.99 24.74
N ARG A 821 -17.45 -58.77 25.96
CA ARG A 821 -16.92 -59.44 27.13
C ARG A 821 -17.59 -60.78 27.41
N GLU A 822 -18.83 -60.98 26.92
CA GLU A 822 -19.55 -62.22 27.19
C GLU A 822 -18.91 -63.43 26.52
N SER A 823 -18.04 -63.22 25.53
CA SER A 823 -17.38 -64.33 24.84
C SER A 823 -15.89 -64.32 25.11
N THR A 824 -15.51 -64.05 26.35
CA THR A 824 -14.10 -63.98 26.74
C THR A 824 -13.44 -65.35 26.81
N HIS A 825 -14.22 -66.41 27.03
CA HIS A 825 -13.65 -67.75 27.13
C HIS A 825 -13.08 -68.22 25.81
N ARG A 826 -13.70 -67.86 24.69
CA ARG A 826 -13.29 -68.35 23.37
C ARG A 826 -12.28 -67.40 22.73
N PHE A 827 -11.22 -67.10 23.46
CA PHE A 827 -10.14 -66.26 22.98
C PHE A 827 -8.88 -67.06 22.64
N GLU A 828 -8.50 -67.99 23.52
CA GLU A 828 -7.25 -68.71 23.36
C GLU A 828 -7.27 -69.58 22.10
N GLY A 829 -8.40 -70.23 21.84
CA GLY A 829 -8.50 -71.06 20.64
C GLY A 829 -8.32 -70.25 19.37
N LEU A 830 -9.04 -69.13 19.27
CA LEU A 830 -8.90 -68.26 18.10
C LEU A 830 -7.52 -67.64 18.01
N PHE A 831 -6.87 -67.35 19.13
CA PHE A 831 -5.53 -66.81 19.09
C PHE A 831 -4.52 -67.83 18.57
N ALA A 832 -4.56 -69.05 19.09
CA ALA A 832 -3.65 -70.10 18.62
C ALA A 832 -3.94 -70.50 17.17
N LYS A 833 -5.22 -70.49 16.78
CA LYS A 833 -5.60 -70.89 15.42
C LYS A 833 -4.92 -69.99 14.38
N LEU A 834 -4.93 -68.69 14.62
CA LEU A 834 -4.24 -67.78 13.72
C LEU A 834 -2.74 -67.71 13.99
N GLU A 835 -2.31 -68.05 15.21
CA GLU A 835 -0.87 -68.11 15.49
C GLU A 835 -0.19 -69.18 14.65
N LYS A 836 -0.81 -70.35 14.52
CA LYS A 836 -0.17 -71.44 13.79
C LYS A 836 -0.16 -71.20 12.29
N LYS A 837 -1.28 -70.73 11.74
CA LYS A 837 -1.48 -70.65 10.29
C LYS A 837 -1.35 -69.23 9.76
N GLN A 838 -0.39 -68.45 10.26
CA GLN A 838 -0.22 -67.08 9.81
C GLN A 838 0.06 -67.04 8.30
N LYS A 839 0.94 -67.91 7.82
CA LYS A 839 1.37 -67.84 6.43
C LYS A 839 0.25 -68.24 5.47
N GLU A 840 -0.65 -69.10 5.91
CA GLU A 840 -1.70 -69.61 5.02
C GLU A 840 -2.58 -68.49 4.48
N LEU A 841 -2.98 -67.57 5.35
CA LEU A 841 -3.87 -66.49 4.96
C LEU A 841 -3.17 -65.14 4.83
N GLY A 842 -1.86 -65.09 5.10
CA GLY A 842 -1.10 -63.87 4.86
C GLY A 842 -1.19 -62.80 5.91
N ILE A 843 -1.41 -63.17 7.18
CA ILE A 843 -1.49 -62.20 8.26
C ILE A 843 -0.08 -61.91 8.75
N ALA A 844 0.36 -60.67 8.60
CA ALA A 844 1.61 -60.20 9.16
C ALA A 844 1.34 -59.21 10.28
N SER A 845 2.04 -59.38 11.40
CA SER A 845 2.01 -58.43 12.51
C SER A 845 0.59 -58.25 13.06
N PHE A 846 0.05 -59.34 13.58
CA PHE A 846 -1.24 -59.31 14.25
C PHE A 846 -1.11 -58.71 15.65
N GLY A 847 -2.24 -58.25 16.18
CA GLY A 847 -2.24 -57.66 17.51
C GLY A 847 -3.61 -57.66 18.14
N ALA A 848 -3.62 -57.59 19.47
CA ALA A 848 -4.87 -57.54 20.22
C ALA A 848 -4.71 -56.61 21.41
N SER A 849 -5.82 -56.00 21.81
CA SER A 849 -5.83 -54.99 22.87
C SER A 849 -7.18 -55.04 23.56
N ILE A 850 -7.51 -53.99 24.30
CA ILE A 850 -8.78 -53.87 25.03
C ILE A 850 -9.41 -52.52 24.70
N THR A 851 -10.39 -52.53 23.79
CA THR A 851 -11.31 -51.41 23.51
C THR A 851 -10.63 -50.05 23.54
N THR A 852 -9.67 -49.88 22.63
CA THR A 852 -8.89 -48.65 22.55
C THR A 852 -9.78 -47.43 22.34
N MET A 853 -9.20 -46.25 22.59
CA MET A 853 -9.92 -44.99 22.45
C MET A 853 -10.28 -44.70 20.99
N GLU A 854 -9.52 -45.24 20.05
CA GLU A 854 -9.76 -44.95 18.64
C GLU A 854 -11.13 -45.45 18.17
N GLU A 855 -11.73 -46.39 18.88
CA GLU A 855 -13.03 -46.92 18.50
C GLU A 855 -14.19 -46.14 19.10
N VAL A 856 -14.00 -45.55 20.28
CA VAL A 856 -15.03 -44.69 20.85
C VAL A 856 -15.34 -43.54 19.91
N PHE A 857 -14.30 -42.98 19.29
CA PHE A 857 -14.49 -41.89 18.33
C PHE A 857 -15.32 -42.34 17.15
N LEU A 858 -15.03 -43.53 16.60
CA LEU A 858 -15.79 -44.03 15.48
C LEU A 858 -17.24 -44.28 15.86
N ARG A 859 -17.46 -44.83 17.05
CA ARG A 859 -18.83 -45.09 17.49
C ARG A 859 -19.62 -43.80 17.66
N VAL A 860 -18.98 -42.77 18.25
CA VAL A 860 -19.66 -41.50 18.44
C VAL A 860 -19.96 -40.85 17.09
N GLY A 861 -19.01 -40.90 16.16
CA GLY A 861 -19.24 -40.31 14.86
C GLY A 861 -20.33 -41.02 14.08
N LYS A 862 -20.32 -42.35 14.09
CA LYS A 862 -21.31 -43.11 13.34
C LYS A 862 -22.69 -43.00 13.97
N LEU A 863 -22.77 -42.86 15.29
CA LEU A 863 -24.06 -42.80 15.95
C LEU A 863 -24.85 -41.57 15.52
N VAL A 864 -24.17 -40.44 15.34
CA VAL A 864 -24.81 -39.27 14.76
C VAL A 864 -24.01 -38.79 13.55
N VAL A 916 -9.53 -44.44 -20.39
CA VAL A 916 -9.97 -43.47 -21.37
C VAL A 916 -8.78 -42.84 -22.07
N LYS A 917 -8.98 -42.34 -23.28
CA LYS A 917 -7.92 -41.73 -24.07
C LYS A 917 -7.87 -40.25 -23.74
N LEU A 918 -6.77 -39.82 -23.13
CA LEU A 918 -6.62 -38.42 -22.74
C LEU A 918 -6.41 -37.54 -23.97
N ASN A 919 -6.89 -36.31 -23.87
CA ASN A 919 -6.69 -35.34 -24.94
C ASN A 919 -5.21 -35.04 -25.12
N THR A 920 -4.83 -34.74 -26.36
CA THR A 920 -3.46 -34.35 -26.65
C THR A 920 -3.42 -33.66 -28.00
N GLY A 921 -2.35 -32.93 -28.24
CA GLY A 921 -2.22 -32.20 -29.49
C GLY A 921 -2.88 -30.85 -29.40
N LEU A 922 -3.77 -30.56 -30.35
CA LEU A 922 -4.44 -29.26 -30.37
C LEU A 922 -5.43 -29.14 -29.23
N ALA A 923 -6.25 -30.17 -29.02
CA ALA A 923 -7.30 -30.11 -28.01
C ALA A 923 -6.75 -30.03 -26.61
N LEU A 924 -5.50 -30.44 -26.40
CA LEU A 924 -4.90 -30.26 -25.08
C LEU A 924 -4.61 -28.79 -24.80
N HIS A 925 -4.01 -28.10 -25.77
CA HIS A 925 -3.68 -26.70 -25.56
C HIS A 925 -4.93 -25.83 -25.52
N CYS A 926 -5.92 -26.15 -26.35
CA CYS A 926 -7.16 -25.39 -26.31
C CYS A 926 -7.91 -25.57 -25.00
N GLN A 927 -7.60 -26.60 -24.23
CA GLN A 927 -8.20 -26.80 -22.92
C GLN A 927 -7.38 -26.17 -21.81
N GLN A 928 -6.05 -26.31 -21.88
CA GLN A 928 -5.17 -25.70 -20.91
C GLN A 928 -5.24 -24.17 -20.98
N PHE A 929 -5.52 -23.62 -22.15
CA PHE A 929 -5.69 -22.17 -22.26
C PHE A 929 -6.97 -21.71 -21.56
N TRP A 930 -8.08 -22.40 -21.83
CA TRP A 930 -9.36 -22.02 -21.24
C TRP A 930 -9.33 -22.15 -19.72
N ALA A 931 -8.68 -23.20 -19.21
CA ALA A 931 -8.61 -23.38 -17.77
C ALA A 931 -7.92 -22.22 -17.07
N MET A 932 -6.76 -21.79 -17.59
CA MET A 932 -6.04 -20.66 -17.01
C MET A 932 -6.78 -19.34 -17.21
N PHE A 933 -7.43 -19.16 -18.36
CA PHE A 933 -8.22 -17.95 -18.56
C PHE A 933 -9.32 -17.84 -17.51
N LEU A 934 -10.04 -18.93 -17.24
CA LEU A 934 -11.03 -18.89 -16.17
C LEU A 934 -10.41 -18.70 -14.80
N LYS A 935 -9.27 -19.34 -14.54
CA LYS A 935 -8.60 -19.15 -13.25
C LYS A 935 -8.30 -17.69 -12.98
N LYS A 936 -7.80 -16.97 -13.97
CA LYS A 936 -7.52 -15.56 -13.78
C LYS A 936 -8.77 -14.69 -13.80
N ALA A 937 -9.75 -15.00 -14.63
CA ALA A 937 -10.96 -14.20 -14.69
C ALA A 937 -11.80 -14.30 -13.43
N ALA A 938 -11.79 -15.45 -12.75
CA ALA A 938 -12.54 -15.60 -11.51
C ALA A 938 -11.90 -14.89 -10.34
N TYR A 939 -10.83 -14.15 -10.57
CA TYR A 939 -10.20 -13.34 -9.54
C TYR A 939 -10.76 -11.94 -9.48
N SER A 940 -11.32 -11.43 -10.57
CA SER A 940 -11.95 -10.12 -10.59
C SER A 940 -13.42 -10.19 -10.21
N TRP A 941 -14.00 -11.38 -10.13
CA TRP A 941 -15.36 -11.53 -9.64
C TRP A 941 -15.43 -11.64 -8.14
N ARG A 942 -14.44 -12.26 -7.51
CA ARG A 942 -14.48 -12.54 -6.07
C ARG A 942 -13.92 -11.40 -5.23
N GLU A 943 -12.85 -10.76 -5.66
CA GLU A 943 -12.39 -9.53 -5.02
C GLU A 943 -12.73 -8.35 -5.92
N TRP A 944 -13.96 -7.87 -5.80
CA TRP A 944 -14.43 -6.79 -6.64
C TRP A 944 -13.87 -5.44 -6.19
N LYS A 945 -13.24 -5.38 -5.02
CA LYS A 945 -12.62 -4.13 -4.60
C LYS A 945 -11.49 -3.75 -5.54
N MET A 946 -10.72 -4.73 -6.00
CA MET A 946 -9.63 -4.44 -6.94
C MET A 946 -10.15 -3.92 -8.27
N VAL A 947 -11.23 -4.51 -8.80
CA VAL A 947 -11.75 -4.00 -10.06
C VAL A 947 -12.40 -2.64 -9.85
N ALA A 948 -12.98 -2.38 -8.68
CA ALA A 948 -13.46 -1.05 -8.38
C ALA A 948 -12.34 -0.02 -8.37
N ALA A 949 -11.19 -0.36 -7.78
CA ALA A 949 -10.03 0.51 -7.80
C ALA A 949 -9.43 0.64 -9.20
N GLN A 950 -9.61 -0.36 -10.06
CA GLN A 950 -9.14 -0.27 -11.43
C GLN A 950 -10.04 0.57 -12.32
N VAL A 951 -11.32 0.70 -11.96
CA VAL A 951 -12.25 1.43 -12.83
C VAL A 951 -12.49 2.84 -12.33
N LEU A 952 -12.39 3.06 -11.02
CA LEU A 952 -12.73 4.36 -10.45
C LEU A 952 -11.52 5.26 -10.21
N VAL A 953 -10.38 4.70 -9.80
CA VAL A 953 -9.20 5.54 -9.57
C VAL A 953 -8.73 6.25 -10.84
N PRO A 954 -8.61 5.60 -12.00
CA PRO A 954 -8.18 6.33 -13.19
C PRO A 954 -9.19 7.32 -13.72
N LEU A 955 -10.40 7.35 -13.17
CA LEU A 955 -11.46 8.22 -13.69
C LEU A 955 -11.67 9.48 -12.87
N THR A 956 -11.61 9.39 -11.54
CA THR A 956 -11.74 10.57 -10.70
C THR A 956 -10.52 11.46 -10.76
N CYS A 957 -9.38 10.94 -11.22
CA CYS A 957 -8.21 11.78 -11.35
C CYS A 957 -8.23 12.61 -12.62
N VAL A 958 -9.10 12.28 -13.57
CA VAL A 958 -9.19 13.00 -14.83
C VAL A 958 -10.44 13.87 -14.85
N THR A 959 -11.52 13.38 -14.23
CA THR A 959 -12.71 14.21 -14.13
C THR A 959 -12.55 15.34 -13.13
N LEU A 960 -11.47 15.36 -12.36
CA LEU A 960 -11.17 16.46 -11.46
C LEU A 960 -10.02 17.31 -11.97
N ALA A 961 -9.44 16.95 -13.11
CA ALA A 961 -8.48 17.81 -13.79
C ALA A 961 -9.09 18.51 -14.98
N LEU A 962 -10.11 17.92 -15.61
CA LEU A 962 -10.89 18.66 -16.58
C LEU A 962 -11.87 19.60 -15.91
N LEU A 963 -12.24 19.32 -14.66
CA LEU A 963 -13.13 20.21 -13.93
C LEU A 963 -12.40 21.44 -13.43
N ALA A 964 -11.12 21.34 -13.11
CA ALA A 964 -10.32 22.46 -12.65
C ALA A 964 -9.70 23.23 -13.80
N ILE A 965 -9.96 22.84 -15.04
CA ILE A 965 -9.56 23.59 -16.20
C ILE A 965 -10.67 24.49 -16.72
N ASN A 966 -11.92 24.02 -16.73
CA ASN A 966 -13.06 24.89 -16.99
C ASN A 966 -13.25 25.95 -15.92
N TYR A 967 -13.00 25.60 -14.66
CA TYR A 967 -13.14 26.51 -13.54
C TYR A 967 -12.15 27.66 -13.56
N SER A 968 -10.91 27.43 -13.97
CA SER A 968 -9.87 28.44 -13.93
C SER A 968 -9.71 29.17 -15.24
N SER A 969 -10.79 29.35 -16.00
CA SER A 969 -10.74 29.96 -17.31
C SER A 969 -11.88 30.96 -17.45
N GLU A 970 -12.04 31.83 -16.45
CA GLU A 970 -13.10 32.83 -16.52
C GLU A 970 -12.68 34.08 -15.77
N LEU A 971 -13.06 35.24 -16.31
CA LEU A 971 -12.72 36.56 -15.82
C LEU A 971 -13.98 37.24 -15.28
N PHE A 972 -13.83 38.17 -14.32
CA PHE A 972 -15.08 38.66 -13.77
C PHE A 972 -15.39 40.14 -13.99
N ASP A 973 -14.79 41.06 -13.21
CA ASP A 973 -15.19 42.46 -13.28
C ASP A 973 -14.12 43.52 -13.06
N ASP A 974 -12.90 43.16 -12.64
CA ASP A 974 -11.91 44.19 -12.33
C ASP A 974 -12.44 45.25 -11.36
N PRO A 975 -12.48 44.97 -10.06
CA PRO A 975 -13.08 45.91 -9.10
C PRO A 975 -12.41 47.28 -9.06
N MET A 976 -12.97 48.19 -8.26
CA MET A 976 -12.51 49.57 -8.18
C MET A 976 -11.29 49.70 -7.27
N LEU A 977 -10.33 50.52 -7.69
CA LEU A 977 -9.15 50.83 -6.90
C LEU A 977 -9.10 52.32 -6.61
N ARG A 978 -8.67 52.68 -5.40
CA ARG A 978 -8.55 54.07 -4.98
C ARG A 978 -7.09 54.49 -5.13
N LEU A 979 -6.82 55.33 -6.12
CA LEU A 979 -5.45 55.73 -6.45
C LEU A 979 -5.03 56.82 -5.50
N THR A 980 -4.50 56.42 -4.35
CA THR A 980 -4.00 57.38 -3.38
C THR A 980 -2.94 56.72 -2.52
N LEU A 981 -1.96 57.52 -2.11
CA LEU A 981 -1.02 57.08 -1.09
C LEU A 981 -1.80 56.84 0.19
N GLY A 982 -1.53 55.72 0.85
CA GLY A 982 -2.30 55.38 2.03
C GLY A 982 -2.91 54.00 1.90
N GLU A 983 -3.01 53.53 0.67
CA GLU A 983 -3.31 52.12 0.43
C GLU A 983 -2.12 51.22 0.68
N TYR A 984 -0.93 51.80 0.76
CA TYR A 984 0.30 51.05 0.95
C TYR A 984 0.79 51.02 2.39
N GLY A 985 0.35 51.95 3.23
CA GLY A 985 0.82 52.05 4.60
C GLY A 985 1.45 53.40 4.88
N ARG A 986 2.60 53.38 5.54
CA ARG A 986 3.35 54.60 5.81
C ARG A 986 4.59 54.61 4.92
N THR A 987 4.45 55.23 3.76
CA THR A 987 5.54 55.33 2.82
C THR A 987 6.35 56.59 3.08
N VAL A 988 7.51 56.68 2.44
CA VAL A 988 8.35 57.88 2.48
C VAL A 988 8.38 58.48 1.08
N VAL A 989 8.46 59.80 1.01
CA VAL A 989 8.35 60.51 -0.27
C VAL A 989 9.44 61.57 -0.38
N PRO A 990 10.61 61.22 -0.91
CA PRO A 990 11.68 62.21 -1.03
C PRO A 990 11.37 63.28 -2.06
N PHE A 991 12.02 64.42 -1.91
CA PHE A 991 11.87 65.51 -2.87
C PHE A 991 13.11 66.39 -2.83
N SER A 992 13.29 67.17 -3.90
CA SER A 992 14.39 68.10 -4.00
C SER A 992 13.91 69.37 -4.65
N VAL A 993 14.53 70.49 -4.28
CA VAL A 993 14.22 71.78 -4.87
C VAL A 993 15.53 72.51 -5.19
N PRO A 994 16.27 72.08 -6.21
CA PRO A 994 17.52 72.76 -6.54
C PRO A 994 17.33 73.92 -7.50
N GLY A 995 17.78 75.12 -7.11
CA GLY A 995 17.68 76.26 -7.99
C GLY A 995 17.28 77.55 -7.29
N THR A 996 16.98 77.46 -5.99
CA THR A 996 16.74 78.60 -5.09
C THR A 996 15.76 79.63 -5.66
N SER A 997 14.95 79.24 -6.63
CA SER A 997 14.03 80.19 -7.26
C SER A 997 12.65 80.11 -6.63
N GLN A 998 11.96 81.25 -6.67
CA GLN A 998 10.60 81.35 -6.14
C GLN A 998 9.68 80.42 -6.93
N LEU A 999 8.54 80.09 -6.30
CA LEU A 999 7.53 79.15 -6.79
C LEU A 999 7.99 77.71 -6.62
N GLY A 1000 9.21 77.47 -6.16
CA GLY A 1000 9.70 76.14 -5.93
C GLY A 1000 9.64 75.75 -4.46
N GLN A 1001 9.88 76.72 -3.58
CA GLN A 1001 9.83 76.47 -2.15
C GLN A 1001 8.43 76.64 -1.57
N GLN A 1002 7.63 77.56 -2.13
CA GLN A 1002 6.25 77.70 -1.71
C GLN A 1002 5.36 76.58 -2.21
N LEU A 1003 5.84 75.77 -3.15
CA LEU A 1003 5.21 74.51 -3.49
C LEU A 1003 5.71 73.38 -2.60
N SER A 1004 7.01 73.37 -2.31
CA SER A 1004 7.57 72.33 -1.46
C SER A 1004 7.00 72.40 -0.05
N GLU A 1005 6.69 73.58 0.45
CA GLU A 1005 6.09 73.66 1.79
C GLU A 1005 4.67 73.11 1.80
N HIS A 1006 3.89 73.38 0.75
CA HIS A 1006 2.59 72.75 0.61
C HIS A 1006 2.73 71.23 0.56
N LEU A 1007 3.73 70.74 -0.18
CA LEU A 1007 3.99 69.31 -0.22
C LEU A 1007 4.32 68.77 1.17
N LYS A 1008 5.14 69.51 1.91
CA LYS A 1008 5.54 69.09 3.25
C LYS A 1008 4.32 68.96 4.17
N ASP A 1009 3.39 69.90 4.09
CA ASP A 1009 2.26 69.89 5.01
C ASP A 1009 1.17 68.91 4.60
N ALA A 1010 0.87 68.80 3.30
CA ALA A 1010 -0.25 67.97 2.85
C ALA A 1010 -0.01 66.50 3.15
N LEU A 1011 1.23 66.03 2.95
CA LEU A 1011 1.52 64.63 3.23
C LEU A 1011 1.40 64.32 4.71
N GLN A 1012 1.91 65.23 5.56
CA GLN A 1012 1.79 65.01 7.00
C GLN A 1012 0.34 64.98 7.42
N ALA A 1013 -0.50 65.79 6.77
CA ALA A 1013 -1.94 65.66 6.99
C ALA A 1013 -2.45 64.30 6.55
N GLU A 1014 -1.95 63.80 5.41
CA GLU A 1014 -2.34 62.48 4.95
C GLU A 1014 -1.84 61.39 5.89
N GLY A 1015 -0.61 61.53 6.37
CA GLY A 1015 -0.03 60.55 7.28
C GLY A 1015 1.27 59.96 6.76
N GLN A 1016 1.84 60.57 5.73
CA GLN A 1016 3.05 60.07 5.10
C GLN A 1016 4.28 60.70 5.75
N GLU A 1017 5.44 60.53 5.13
CA GLU A 1017 6.68 61.09 5.67
C GLU A 1017 7.57 61.64 4.57
N PRO A 1018 7.70 62.96 4.45
CA PRO A 1018 8.61 63.54 3.46
C PRO A 1018 10.05 63.53 3.94
N ARG A 1019 10.97 63.66 2.98
CA ARG A 1019 12.41 63.56 3.25
C ARG A 1019 13.17 64.36 2.19
N GLU A 1020 13.63 65.56 2.56
CA GLU A 1020 14.45 66.35 1.65
C GLU A 1020 15.82 65.70 1.44
N VAL A 1021 16.37 65.87 0.25
CA VAL A 1021 17.63 65.22 -0.14
C VAL A 1021 18.76 66.23 -0.33
N LEU A 1022 18.53 67.29 -1.12
CA LEU A 1022 19.51 68.36 -1.29
C LEU A 1022 20.87 67.81 -1.70
N GLY A 1023 21.06 67.46 -2.97
CA GLY A 1023 22.08 66.48 -3.31
C GLY A 1023 21.74 65.46 -4.37
N ASP A 1024 20.99 65.90 -5.40
CA ASP A 1024 20.82 65.11 -6.62
C ASP A 1024 20.03 63.82 -6.41
N LEU A 1025 18.71 63.97 -6.26
CA LEU A 1025 17.74 62.90 -6.03
C LEU A 1025 18.09 61.57 -6.70
N GLU A 1026 18.52 61.61 -7.97
CA GLU A 1026 18.72 60.37 -8.71
C GLU A 1026 19.74 59.46 -8.03
N GLU A 1027 20.91 60.02 -7.68
CA GLU A 1027 21.93 59.21 -7.04
C GLU A 1027 21.48 58.74 -5.66
N PHE A 1028 20.73 59.58 -4.93
CA PHE A 1028 20.18 59.14 -3.65
C PHE A 1028 19.27 57.94 -3.83
N LEU A 1029 18.40 57.98 -4.84
CA LEU A 1029 17.49 56.88 -5.09
C LEU A 1029 18.26 55.61 -5.44
N ILE A 1030 19.26 55.73 -6.30
CA ILE A 1030 20.04 54.55 -6.69
C ILE A 1030 20.75 53.96 -5.48
N PHE A 1031 21.35 54.80 -4.64
CA PHE A 1031 22.08 54.32 -3.48
C PHE A 1031 21.14 53.64 -2.49
N ARG A 1032 20.00 54.27 -2.21
CA ARG A 1032 19.06 53.71 -1.23
C ARG A 1032 18.43 52.42 -1.74
N ALA A 1033 18.15 52.33 -3.04
CA ALA A 1033 17.61 51.10 -3.61
C ALA A 1033 18.59 49.95 -3.55
N SER A 1034 19.89 50.22 -3.53
CA SER A 1034 20.89 49.18 -3.42
C SER A 1034 21.23 48.81 -1.99
N VAL A 1035 21.14 49.75 -1.05
CA VAL A 1035 21.41 49.46 0.36
C VAL A 1035 20.21 48.89 1.09
N GLU A 1036 19.01 49.40 0.86
CA GLU A 1036 17.82 48.96 1.57
C GLU A 1036 17.40 47.55 1.19
N GLY A 1037 17.55 47.17 -0.08
CA GLY A 1037 17.20 45.83 -0.51
C GLY A 1037 15.81 45.72 -1.08
N GLY A 1038 15.16 44.59 -0.84
CA GLY A 1038 13.81 44.37 -1.31
C GLY A 1038 12.73 45.05 -0.52
N GLY A 1039 13.07 45.62 0.64
CA GLY A 1039 12.12 46.41 1.39
C GLY A 1039 11.95 47.83 0.89
N PHE A 1040 12.78 48.26 -0.05
CA PHE A 1040 12.67 49.60 -0.61
C PHE A 1040 11.41 49.73 -1.46
N ASN A 1041 10.99 48.66 -2.12
CA ASN A 1041 9.84 48.70 -3.00
C ASN A 1041 8.52 48.82 -2.26
N GLU A 1042 8.50 48.69 -0.94
CA GLU A 1042 7.27 48.75 -0.18
C GLU A 1042 7.07 50.05 0.56
N ARG A 1043 8.09 50.90 0.66
CA ARG A 1043 8.00 52.12 1.44
C ARG A 1043 8.38 53.38 0.69
N CYS A 1044 8.86 53.28 -0.54
CA CYS A 1044 9.15 54.44 -1.37
C CYS A 1044 8.55 54.20 -2.74
N LEU A 1045 7.48 54.93 -3.06
CA LEU A 1045 6.76 54.70 -4.30
C LEU A 1045 6.56 55.94 -5.16
N VAL A 1046 6.65 57.15 -4.61
CA VAL A 1046 6.59 58.36 -5.42
C VAL A 1046 7.72 59.28 -4.98
N ALA A 1047 7.92 60.34 -5.77
CA ALA A 1047 8.93 61.33 -5.46
C ALA A 1047 8.64 62.58 -6.29
N ALA A 1048 9.36 63.66 -5.99
CA ALA A 1048 9.17 64.90 -6.71
C ALA A 1048 10.49 65.67 -6.78
N SER A 1049 10.56 66.59 -7.73
CA SER A 1049 11.74 67.44 -7.87
C SER A 1049 11.33 68.73 -8.56
N PHE A 1050 11.45 69.84 -7.85
CA PHE A 1050 10.97 71.14 -8.31
C PHE A 1050 12.15 71.92 -8.89
N ARG A 1051 12.34 71.80 -10.20
CA ARG A 1051 13.44 72.44 -10.90
C ARG A 1051 12.90 73.41 -11.94
N ASP A 1052 13.72 74.42 -12.26
CA ASP A 1052 13.33 75.49 -13.16
C ASP A 1052 14.28 75.54 -14.35
N VAL A 1053 13.73 75.88 -15.52
CA VAL A 1053 14.51 76.01 -16.75
C VAL A 1053 14.08 77.30 -17.46
N GLY A 1054 14.86 78.35 -17.26
CA GLY A 1054 14.61 79.62 -17.95
C GLY A 1054 13.30 80.28 -17.58
N GLU A 1055 13.17 80.72 -16.32
CA GLU A 1055 12.01 81.40 -15.76
C GLU A 1055 10.81 80.47 -15.64
N ARG A 1056 10.89 79.24 -16.12
CA ARG A 1056 9.80 78.28 -16.09
C ARG A 1056 10.17 77.11 -15.19
N THR A 1057 9.25 76.71 -14.32
CA THR A 1057 9.47 75.60 -13.41
C THR A 1057 9.01 74.30 -14.05
N VAL A 1058 9.73 73.23 -13.75
CA VAL A 1058 9.40 71.89 -14.24
C VAL A 1058 9.25 70.98 -13.03
N VAL A 1059 8.10 70.34 -12.91
CA VAL A 1059 7.83 69.46 -11.78
C VAL A 1059 7.90 68.02 -12.28
N ASN A 1060 8.90 67.28 -11.82
CA ASN A 1060 9.01 65.86 -12.11
C ASN A 1060 8.20 65.08 -11.08
N ALA A 1061 7.50 64.05 -11.55
CA ALA A 1061 6.72 63.18 -10.68
C ALA A 1061 7.21 61.76 -10.95
N LEU A 1062 8.19 61.31 -10.16
CA LEU A 1062 8.72 59.97 -10.32
C LEU A 1062 7.72 58.95 -9.79
N PHE A 1063 7.79 57.73 -10.33
CA PHE A 1063 6.92 56.65 -9.89
C PHE A 1063 7.67 55.33 -9.92
N ASN A 1064 7.40 54.47 -8.94
CA ASN A 1064 8.07 53.18 -8.83
C ASN A 1064 7.30 52.16 -9.63
N ASN A 1065 7.89 51.69 -10.73
CA ASN A 1065 7.16 50.80 -11.61
C ASN A 1065 7.11 49.38 -11.10
N GLN A 1066 7.78 49.07 -9.99
CA GLN A 1066 7.64 47.75 -9.40
C GLN A 1066 6.20 47.50 -8.97
N ALA A 1067 5.45 48.55 -8.69
CA ALA A 1067 4.01 48.44 -8.49
C ALA A 1067 3.28 48.75 -9.79
N TYR A 1068 2.00 48.40 -9.83
CA TYR A 1068 1.20 48.67 -11.02
C TYR A 1068 0.77 50.12 -11.11
N HIS A 1069 -0.03 50.58 -10.14
CA HIS A 1069 -0.71 51.87 -10.26
C HIS A 1069 0.09 52.98 -9.61
N SER A 1070 1.36 53.12 -9.97
CA SER A 1070 2.21 54.18 -9.45
C SER A 1070 2.08 55.49 -10.22
N PRO A 1071 2.03 55.48 -11.57
CA PRO A 1071 1.93 56.76 -12.28
C PRO A 1071 0.73 57.59 -11.88
N ALA A 1072 -0.42 56.96 -11.76
CA ALA A 1072 -1.62 57.70 -11.40
C ALA A 1072 -1.49 58.29 -10.00
N THR A 1073 -0.93 57.52 -9.07
CA THR A 1073 -0.75 58.02 -7.71
C THR A 1073 0.18 59.22 -7.68
N ALA A 1074 1.29 59.15 -8.41
CA ALA A 1074 2.22 60.27 -8.44
C ALA A 1074 1.58 61.51 -9.03
N LEU A 1075 0.88 61.36 -10.15
CA LEU A 1075 0.24 62.52 -10.78
C LEU A 1075 -0.84 63.10 -9.88
N ALA A 1076 -1.58 62.24 -9.17
CA ALA A 1076 -2.60 62.74 -8.26
C ALA A 1076 -1.97 63.51 -7.11
N VAL A 1077 -0.84 63.04 -6.60
CA VAL A 1077 -0.17 63.76 -5.52
C VAL A 1077 0.29 65.13 -5.99
N VAL A 1078 0.79 65.22 -7.23
CA VAL A 1078 1.20 66.52 -7.74
C VAL A 1078 0.00 67.45 -7.92
N ASP A 1079 -1.05 66.96 -8.57
CA ASP A 1079 -2.23 67.79 -8.81
C ASP A 1079 -2.92 68.20 -7.52
N ASN A 1080 -2.81 67.41 -6.47
CA ASN A 1080 -3.42 67.80 -5.20
C ASN A 1080 -2.80 69.09 -4.66
N LEU A 1081 -1.47 69.14 -4.59
CA LEU A 1081 -0.84 70.36 -4.12
C LEU A 1081 -1.01 71.50 -5.11
N LEU A 1082 -1.07 71.20 -6.41
CA LEU A 1082 -1.32 72.27 -7.37
C LEU A 1082 -2.68 72.92 -7.13
N PHE A 1083 -3.70 72.09 -6.88
CA PHE A 1083 -5.03 72.62 -6.58
C PHE A 1083 -5.02 73.38 -5.26
N LYS A 1084 -4.32 72.85 -4.26
CA LYS A 1084 -4.27 73.51 -2.96
C LYS A 1084 -3.55 74.84 -3.01
N LEU A 1085 -2.62 75.02 -3.96
CA LEU A 1085 -1.85 76.25 -4.03
C LEU A 1085 -2.73 77.46 -4.26
N LEU A 1086 -3.60 77.39 -5.26
CA LEU A 1086 -4.39 78.55 -5.67
C LEU A 1086 -5.78 78.58 -5.04
N CYS A 1087 -6.11 77.63 -4.18
CA CYS A 1087 -7.40 77.66 -3.47
C CYS A 1087 -7.20 77.46 -1.98
N GLY A 1088 -8.29 77.29 -1.24
CA GLY A 1088 -8.22 77.13 0.18
C GLY A 1088 -7.57 75.82 0.57
N PRO A 1089 -7.00 75.77 1.78
CA PRO A 1089 -6.32 74.54 2.22
C PRO A 1089 -7.24 73.33 2.31
N HIS A 1090 -8.56 73.54 2.43
CA HIS A 1090 -9.51 72.45 2.45
C HIS A 1090 -10.06 72.24 1.03
N ALA A 1091 -9.16 71.80 0.15
CA ALA A 1091 -9.52 71.55 -1.25
C ALA A 1091 -8.64 70.41 -1.75
N SER A 1092 -9.25 69.28 -2.06
CA SER A 1092 -8.51 68.07 -2.41
C SER A 1092 -9.14 67.42 -3.63
N ILE A 1093 -8.46 66.40 -4.16
CA ILE A 1093 -8.91 65.63 -5.30
C ILE A 1093 -8.62 64.16 -5.03
N VAL A 1094 -9.59 63.29 -5.26
CA VAL A 1094 -9.45 61.85 -5.06
C VAL A 1094 -9.88 61.14 -6.32
N VAL A 1095 -9.04 60.22 -6.80
CA VAL A 1095 -9.25 59.56 -8.09
C VAL A 1095 -9.28 58.05 -7.89
N SER A 1096 -10.09 57.38 -8.71
CA SER A 1096 -10.22 55.92 -8.67
C SER A 1096 -10.24 55.42 -10.09
N ASN A 1097 -10.06 54.10 -10.27
CA ASN A 1097 -9.96 53.56 -11.61
C ASN A 1097 -11.24 52.91 -12.10
N PHE A 1098 -11.67 51.81 -11.48
CA PHE A 1098 -12.92 51.10 -11.76
C PHE A 1098 -13.21 50.99 -13.25
N PRO A 1099 -12.51 50.14 -14.00
CA PRO A 1099 -12.68 50.10 -15.46
C PRO A 1099 -14.04 49.58 -15.88
N GLN A 1100 -14.30 49.69 -17.18
CA GLN A 1100 -15.57 49.30 -17.76
C GLN A 1100 -15.79 47.79 -17.69
N PRO A 1101 -17.03 47.35 -17.77
CA PRO A 1101 -17.30 45.91 -17.81
C PRO A 1101 -17.20 45.36 -19.22
N ARG A 1102 -16.84 44.08 -19.30
CA ARG A 1102 -16.77 43.39 -20.59
C ARG A 1102 -18.16 43.23 -21.17
N SER A 1103 -18.25 43.30 -22.49
CA SER A 1103 -19.54 43.16 -23.17
C SER A 1103 -19.87 41.68 -23.33
N ALA A 1104 -20.92 41.38 -24.10
CA ALA A 1104 -21.27 40.01 -24.42
C ALA A 1104 -20.72 39.56 -25.77
N LEU A 1105 -20.63 40.48 -26.74
CA LEU A 1105 -20.09 40.12 -28.05
C LEU A 1105 -18.58 39.95 -28.01
N GLN A 1106 -17.87 40.76 -27.23
CA GLN A 1106 -16.42 40.73 -27.18
C GLN A 1106 -15.88 39.72 -26.19
N ALA A 1107 -16.76 38.96 -25.52
CA ALA A 1107 -16.35 37.92 -24.60
C ALA A 1107 -16.34 36.54 -25.24
N ALA A 1108 -16.26 36.48 -26.58
CA ALA A 1108 -16.34 35.22 -27.32
C ALA A 1108 -15.25 35.19 -28.40
N LYS A 1109 -14.02 35.53 -28.01
CA LYS A 1109 -12.88 35.46 -28.91
C LYS A 1109 -12.07 34.19 -28.71
N ASP A 1110 -11.52 33.98 -27.51
CA ASP A 1110 -10.94 32.73 -27.03
C ASP A 1110 -10.16 31.94 -28.08
N GLN A 1111 -9.12 32.53 -28.66
CA GLN A 1111 -8.40 31.85 -29.73
C GLN A 1111 -7.35 30.88 -29.20
N PHE A 1112 -6.34 31.37 -28.48
CA PHE A 1112 -5.29 30.50 -27.99
C PHE A 1112 -5.70 29.83 -26.68
N ASN A 1113 -5.44 28.53 -26.60
CA ASN A 1113 -5.81 27.78 -25.40
C ASN A 1113 -4.76 26.76 -24.98
N GLU A 1114 -3.60 26.70 -25.63
CA GLU A 1114 -2.59 25.68 -25.34
C GLU A 1114 -2.10 25.81 -23.91
N GLY A 1115 -1.40 26.90 -23.64
CA GLY A 1115 -0.85 27.23 -22.33
C GLY A 1115 -0.35 26.02 -21.57
N ARG A 1116 -0.86 25.87 -20.36
CA ARG A 1116 -0.68 24.66 -19.58
C ARG A 1116 -1.87 23.71 -19.73
N LYS A 1117 -2.81 24.01 -20.62
CA LYS A 1117 -4.04 23.26 -20.69
C LYS A 1117 -3.84 21.85 -21.23
N GLY A 1118 -2.73 21.60 -21.92
CA GLY A 1118 -2.42 20.25 -22.34
C GLY A 1118 -1.51 19.57 -21.35
N PHE A 1119 -0.64 20.36 -20.72
CA PHE A 1119 0.25 19.85 -19.71
C PHE A 1119 -0.50 19.33 -18.49
N ASP A 1120 -1.55 20.03 -18.05
CA ASP A 1120 -2.34 19.53 -16.93
C ASP A 1120 -3.03 18.22 -17.25
N ILE A 1121 -3.64 18.11 -18.42
CA ILE A 1121 -4.28 16.87 -18.81
C ILE A 1121 -3.26 15.74 -18.85
N ALA A 1122 -2.11 15.98 -19.48
CA ALA A 1122 -1.10 14.94 -19.61
C ALA A 1122 -0.48 14.57 -18.28
N LEU A 1123 -0.48 15.48 -17.30
CA LEU A 1123 0.08 15.16 -16.00
C LEU A 1123 -0.90 14.37 -15.15
N ASN A 1124 -2.17 14.77 -15.15
CA ASN A 1124 -3.17 14.04 -14.39
C ASN A 1124 -3.54 12.72 -15.04
N LEU A 1125 -3.21 12.51 -16.30
CA LEU A 1125 -3.31 11.18 -16.87
C LEU A 1125 -2.18 10.27 -16.40
N LEU A 1126 -0.96 10.82 -16.28
CA LEU A 1126 0.15 10.04 -15.76
C LEU A 1126 -0.08 9.64 -14.30
N PHE A 1127 -0.61 10.54 -13.48
CA PHE A 1127 -0.90 10.14 -12.10
C PHE A 1127 -2.01 9.11 -11.98
N ALA A 1128 -2.82 8.91 -13.01
CA ALA A 1128 -3.82 7.86 -12.97
C ALA A 1128 -3.29 6.54 -13.48
N MET A 1129 -2.53 6.58 -14.57
CA MET A 1129 -1.93 5.37 -15.12
C MET A 1129 -0.75 4.87 -14.32
N ALA A 1130 -0.23 5.67 -13.38
CA ALA A 1130 0.76 5.15 -12.45
C ALA A 1130 0.14 4.18 -11.47
N PHE A 1131 -1.11 4.42 -11.06
CA PHE A 1131 -1.80 3.53 -10.14
C PHE A 1131 -2.55 2.41 -10.84
N LEU A 1132 -3.14 2.67 -12.00
CA LEU A 1132 -3.86 1.60 -12.70
C LEU A 1132 -2.91 0.49 -13.11
N ALA A 1133 -1.72 0.84 -13.58
CA ALA A 1133 -0.83 -0.13 -14.21
C ALA A 1133 -0.01 -0.94 -13.21
N SER A 1134 -0.15 -0.70 -11.91
CA SER A 1134 0.54 -1.51 -10.92
C SER A 1134 -0.27 -2.69 -10.43
N THR A 1135 -1.55 -2.76 -10.79
CA THR A 1135 -2.42 -3.83 -10.32
C THR A 1135 -2.34 -5.10 -11.16
N PHE A 1136 -1.52 -5.10 -12.20
CA PHE A 1136 -1.39 -6.26 -13.07
C PHE A 1136 -0.28 -7.20 -12.61
N SER A 1137 0.23 -7.00 -11.40
CA SER A 1137 1.25 -7.87 -10.83
C SER A 1137 0.84 -8.38 -9.45
N ILE A 1138 -0.43 -8.24 -9.08
CA ILE A 1138 -0.86 -8.69 -7.77
C ILE A 1138 -1.09 -10.20 -7.77
N LEU A 1139 -1.91 -10.69 -8.72
CA LEU A 1139 -2.13 -12.12 -8.79
C LEU A 1139 -0.85 -12.86 -9.21
N ALA A 1140 -0.07 -12.29 -10.10
CA ALA A 1140 1.13 -12.96 -10.56
C ALA A 1140 2.20 -13.09 -9.49
N VAL A 1141 2.12 -12.29 -8.43
CA VAL A 1141 3.04 -12.43 -7.31
C VAL A 1141 2.45 -13.28 -6.20
N SER A 1142 1.16 -13.11 -5.91
CA SER A 1142 0.55 -13.93 -4.88
C SER A 1142 0.35 -15.37 -5.33
N GLU A 1143 0.46 -15.67 -6.61
CA GLU A 1143 0.38 -17.03 -7.11
C GLU A 1143 1.72 -17.73 -7.13
N ARG A 1144 2.80 -17.00 -6.92
CA ARG A 1144 4.13 -17.57 -6.79
C ARG A 1144 4.65 -17.58 -5.37
N ALA A 1145 4.22 -16.63 -4.55
CA ALA A 1145 4.60 -16.65 -3.14
C ALA A 1145 4.02 -17.87 -2.44
N VAL A 1146 2.75 -18.19 -2.70
CA VAL A 1146 2.14 -19.38 -2.11
C VAL A 1146 2.71 -20.66 -2.72
N GLN A 1147 3.37 -20.55 -3.87
CA GLN A 1147 3.87 -21.70 -4.63
C GLN A 1147 2.73 -22.53 -5.20
N ALA A 1148 1.69 -21.84 -5.67
CA ALA A 1148 0.64 -22.46 -6.45
C ALA A 1148 0.98 -22.48 -7.94
N LYS A 1149 2.08 -21.85 -8.33
CA LYS A 1149 2.56 -21.89 -9.70
C LYS A 1149 3.48 -23.07 -9.94
N HIS A 1150 4.29 -23.42 -8.94
CA HIS A 1150 5.18 -24.57 -9.08
C HIS A 1150 4.40 -25.86 -9.25
N VAL A 1151 3.33 -26.05 -8.48
CA VAL A 1151 2.48 -27.23 -8.66
C VAL A 1151 1.78 -27.23 -10.02
N GLN A 1152 1.32 -26.07 -10.48
CA GLN A 1152 0.68 -26.00 -11.79
C GLN A 1152 1.64 -26.36 -12.91
N PHE A 1153 2.91 -25.95 -12.79
CA PHE A 1153 3.88 -26.30 -13.81
C PHE A 1153 4.36 -27.75 -13.69
N VAL A 1154 4.38 -28.30 -12.48
CA VAL A 1154 4.67 -29.73 -12.34
C VAL A 1154 3.58 -30.55 -12.99
N SER A 1155 2.32 -30.13 -12.84
CA SER A 1155 1.21 -30.84 -13.46
C SER A 1155 1.20 -30.71 -14.98
N GLY A 1156 2.03 -29.85 -15.56
CA GLY A 1156 2.27 -29.90 -16.98
C GLY A 1156 1.58 -28.86 -17.82
N VAL A 1157 1.58 -27.60 -17.38
CA VAL A 1157 0.99 -26.53 -18.15
C VAL A 1157 2.04 -25.91 -19.06
N HIS A 1158 1.71 -25.78 -20.34
CA HIS A 1158 2.63 -25.16 -21.29
C HIS A 1158 2.80 -23.69 -20.97
N VAL A 1159 4.04 -23.19 -21.12
CA VAL A 1159 4.34 -21.82 -20.70
C VAL A 1159 3.53 -20.81 -21.51
N ALA A 1160 3.41 -21.02 -22.81
CA ALA A 1160 2.64 -20.11 -23.64
C ALA A 1160 1.18 -20.06 -23.19
N SER A 1161 0.60 -21.21 -22.86
CA SER A 1161 -0.77 -21.24 -22.35
C SER A 1161 -0.87 -20.49 -21.02
N PHE A 1162 0.12 -20.61 -20.16
CA PHE A 1162 0.07 -19.90 -18.89
C PHE A 1162 0.10 -18.40 -19.08
N TRP A 1163 0.96 -17.91 -19.98
CA TRP A 1163 1.19 -16.46 -20.04
C TRP A 1163 0.26 -15.73 -21.00
N LEU A 1164 -0.11 -16.34 -22.12
CA LEU A 1164 -0.96 -15.65 -23.09
C LEU A 1164 -2.37 -15.41 -22.59
N SER A 1165 -2.95 -16.35 -21.83
CA SER A 1165 -4.27 -16.13 -21.27
C SER A 1165 -4.28 -15.03 -20.21
N ALA A 1166 -3.23 -14.97 -19.39
CA ALA A 1166 -3.09 -13.87 -18.46
C ALA A 1166 -2.95 -12.54 -19.18
N LEU A 1167 -2.19 -12.50 -20.27
CA LEU A 1167 -2.07 -11.26 -21.04
C LEU A 1167 -3.41 -10.86 -21.65
N LEU A 1168 -4.14 -11.82 -22.22
CA LEU A 1168 -5.40 -11.50 -22.87
C LEU A 1168 -6.43 -10.98 -21.87
N TRP A 1169 -6.54 -11.61 -20.71
CA TRP A 1169 -7.50 -11.09 -19.75
C TRP A 1169 -7.07 -9.72 -19.23
N ASP A 1170 -5.78 -9.47 -19.08
CA ASP A 1170 -5.34 -8.16 -18.63
C ASP A 1170 -5.64 -7.08 -19.65
N LEU A 1171 -5.48 -7.38 -20.95
CA LEU A 1171 -5.86 -6.42 -21.96
C LEU A 1171 -7.36 -6.15 -21.97
N ILE A 1172 -8.18 -7.19 -21.80
CA ILE A 1172 -9.62 -6.96 -21.69
C ILE A 1172 -9.94 -6.08 -20.49
N SER A 1173 -9.31 -6.38 -19.35
CA SER A 1173 -9.54 -5.62 -18.12
C SER A 1173 -9.09 -4.18 -18.24
N PHE A 1174 -8.02 -3.92 -19.00
CA PHE A 1174 -7.52 -2.58 -19.26
C PHE A 1174 -8.39 -1.81 -20.25
N LEU A 1175 -9.11 -2.51 -21.11
CA LEU A 1175 -9.94 -1.84 -22.11
C LEU A 1175 -11.09 -1.04 -21.53
N ILE A 1176 -11.63 -1.43 -20.37
CA ILE A 1176 -12.81 -0.74 -19.83
C ILE A 1176 -12.51 0.71 -19.45
N PRO A 1177 -11.47 1.02 -18.67
CA PRO A 1177 -11.16 2.44 -18.43
C PRO A 1177 -10.82 3.21 -19.69
N SER A 1178 -10.18 2.57 -20.67
CA SER A 1178 -9.89 3.25 -21.93
C SER A 1178 -11.17 3.60 -22.69
N LEU A 1179 -12.26 2.88 -22.45
CA LEU A 1179 -13.53 3.22 -23.06
C LEU A 1179 -14.36 4.16 -22.20
N LEU A 1180 -14.13 4.20 -20.89
CA LEU A 1180 -14.81 5.15 -20.04
C LEU A 1180 -14.15 6.52 -20.02
N LEU A 1181 -12.91 6.64 -20.50
CA LEU A 1181 -12.31 7.95 -20.67
C LEU A 1181 -12.87 8.69 -21.88
N LEU A 1182 -13.26 7.96 -22.92
CA LEU A 1182 -13.83 8.62 -24.09
C LEU A 1182 -15.14 9.31 -23.75
N VAL A 1183 -15.96 8.68 -22.90
CA VAL A 1183 -17.21 9.31 -22.48
C VAL A 1183 -16.93 10.61 -21.74
N VAL A 1184 -15.90 10.62 -20.88
CA VAL A 1184 -15.57 11.83 -20.14
C VAL A 1184 -15.09 12.93 -21.08
N PHE A 1185 -14.21 12.58 -22.03
CA PHE A 1185 -13.73 13.58 -22.98
C PHE A 1185 -14.86 14.12 -23.83
N LYS A 1186 -15.87 13.30 -24.11
CA LYS A 1186 -17.07 13.80 -24.78
C LYS A 1186 -17.89 14.73 -23.90
N ALA A 1187 -18.07 14.37 -22.64
CA ALA A 1187 -18.89 15.20 -21.75
C ALA A 1187 -18.28 16.58 -21.58
N PHE A 1188 -16.97 16.65 -21.35
CA PHE A 1188 -16.33 17.95 -21.16
C PHE A 1188 -16.00 18.64 -22.47
N ASP A 1189 -16.21 17.98 -23.60
CA ASP A 1189 -16.04 18.59 -24.93
C ASP A 1189 -14.59 19.05 -25.15
N VAL A 1190 -13.64 18.17 -24.83
CA VAL A 1190 -12.24 18.43 -25.15
C VAL A 1190 -12.06 18.18 -26.65
N ARG A 1191 -11.83 19.25 -27.41
CA ARG A 1191 -11.94 19.16 -28.86
C ARG A 1191 -10.90 18.24 -29.48
N ALA A 1192 -9.67 18.26 -28.98
CA ALA A 1192 -8.60 17.53 -29.64
C ALA A 1192 -8.82 16.03 -29.62
N PHE A 1193 -9.66 15.54 -28.71
CA PHE A 1193 -9.95 14.12 -28.65
C PHE A 1193 -11.42 13.80 -28.88
N THR A 1194 -12.16 14.72 -29.51
CA THR A 1194 -13.58 14.51 -29.73
C THR A 1194 -13.96 14.82 -31.18
N ARG A 1195 -13.20 15.70 -31.80
CA ARG A 1195 -13.46 16.20 -33.14
C ARG A 1195 -13.03 15.19 -34.20
N ASP A 1196 -12.76 15.73 -35.39
CA ASP A 1196 -13.07 15.14 -36.71
C ASP A 1196 -12.99 13.62 -36.66
N GLY A 1197 -11.85 13.02 -36.32
CA GLY A 1197 -11.80 11.58 -36.26
C GLY A 1197 -10.89 11.07 -35.17
N HIS A 1198 -10.61 11.94 -34.20
CA HIS A 1198 -9.58 11.69 -33.21
C HIS A 1198 -10.05 10.78 -32.08
N MET A 1199 -11.34 10.44 -32.04
CA MET A 1199 -11.83 9.52 -31.03
C MET A 1199 -11.15 8.16 -31.14
N ALA A 1200 -10.89 7.69 -32.36
CA ALA A 1200 -10.16 6.45 -32.54
C ALA A 1200 -8.67 6.62 -32.28
N ASP A 1201 -8.10 7.77 -32.65
CA ASP A 1201 -6.68 7.99 -32.47
C ASP A 1201 -6.29 8.11 -31.00
N THR A 1202 -7.20 8.58 -30.14
CA THR A 1202 -6.92 8.59 -28.70
C THR A 1202 -6.97 7.19 -28.12
N LEU A 1203 -8.00 6.42 -28.48
CA LEU A 1203 -8.09 5.05 -28.00
C LEU A 1203 -6.91 4.22 -28.45
N LEU A 1204 -6.38 4.52 -29.64
CA LEU A 1204 -5.19 3.80 -30.09
C LEU A 1204 -4.00 4.08 -29.18
N LEU A 1205 -3.83 5.34 -28.77
CA LEU A 1205 -2.73 5.66 -27.86
C LEU A 1205 -2.88 4.93 -26.53
N LEU A 1206 -4.09 4.96 -25.97
CA LEU A 1206 -4.30 4.30 -24.68
C LEU A 1206 -4.06 2.80 -24.78
N LEU A 1207 -4.61 2.17 -25.82
CA LEU A 1207 -4.46 0.72 -25.97
C LEU A 1207 -3.04 0.32 -26.33
N LEU A 1208 -2.28 1.20 -26.96
CA LEU A 1208 -0.88 0.92 -27.24
C LEU A 1208 -0.01 1.05 -26.02
N TYR A 1209 -0.32 1.98 -25.12
CA TYR A 1209 0.37 2.02 -23.83
C TYR A 1209 0.03 0.81 -22.97
N GLY A 1210 -1.23 0.38 -22.99
CA GLY A 1210 -1.59 -0.81 -22.27
C GLY A 1210 -0.98 -2.08 -22.81
N TRP A 1211 -0.61 -2.08 -24.09
CA TRP A 1211 0.10 -3.21 -24.69
C TRP A 1211 1.57 -3.23 -24.31
N ALA A 1212 2.15 -2.07 -24.00
CA ALA A 1212 3.58 -1.98 -23.76
C ALA A 1212 3.95 -1.96 -22.29
N ILE A 1213 3.01 -1.70 -21.40
CA ILE A 1213 3.37 -1.72 -19.98
C ILE A 1213 3.05 -3.06 -19.34
N ILE A 1214 1.99 -3.72 -19.78
CA ILE A 1214 1.56 -4.96 -19.14
C ILE A 1214 2.63 -6.04 -19.21
N PRO A 1215 3.28 -6.30 -20.34
CA PRO A 1215 4.40 -7.26 -20.32
C PRO A 1215 5.55 -6.86 -19.42
N LEU A 1216 5.70 -5.58 -19.10
CA LEU A 1216 6.79 -5.16 -18.23
C LEU A 1216 6.47 -5.38 -16.75
N MET A 1217 5.21 -5.22 -16.36
CA MET A 1217 4.82 -5.51 -14.99
C MET A 1217 4.88 -6.99 -14.67
N TYR A 1218 4.98 -7.85 -15.68
CA TYR A 1218 5.22 -9.27 -15.47
C TYR A 1218 6.70 -9.56 -15.27
N LEU A 1219 7.56 -8.89 -16.02
CA LEU A 1219 9.00 -9.03 -15.81
C LEU A 1219 9.39 -8.53 -14.43
N MET A 1220 8.88 -7.37 -14.04
CA MET A 1220 9.31 -6.76 -12.78
C MET A 1220 8.80 -7.50 -11.56
N ASN A 1221 7.89 -8.46 -11.71
CA ASN A 1221 7.34 -9.14 -10.54
C ASN A 1221 8.25 -10.23 -10.00
N PHE A 1222 9.36 -10.53 -10.69
CA PHE A 1222 10.22 -11.61 -10.23
C PHE A 1222 11.07 -11.23 -9.05
N PHE A 1223 11.22 -9.93 -8.79
CA PHE A 1223 11.99 -9.48 -7.64
C PHE A 1223 11.30 -9.81 -6.33
N PHE A 1224 9.97 -9.72 -6.30
CA PHE A 1224 9.23 -9.61 -5.06
C PHE A 1224 8.76 -10.95 -4.53
N LEU A 1225 8.59 -11.02 -3.21
CA LEU A 1225 7.98 -12.15 -2.55
C LEU A 1225 6.62 -11.85 -1.95
N GLY A 1226 6.20 -10.60 -1.93
CA GLY A 1226 4.91 -10.24 -1.36
C GLY A 1226 4.09 -9.44 -2.35
N ALA A 1227 2.78 -9.71 -2.34
CA ALA A 1227 1.91 -9.05 -3.29
C ALA A 1227 1.67 -7.59 -2.92
N ALA A 1228 1.55 -7.29 -1.63
CA ALA A 1228 1.28 -5.93 -1.20
C ALA A 1228 2.51 -5.05 -1.27
N THR A 1229 3.69 -5.60 -1.03
CA THR A 1229 4.92 -4.84 -1.07
C THR A 1229 5.51 -4.72 -2.46
N ALA A 1230 4.86 -5.29 -3.47
CA ALA A 1230 5.24 -5.08 -4.85
C ALA A 1230 4.46 -3.97 -5.52
N TYR A 1231 3.20 -3.78 -5.12
CA TYR A 1231 2.44 -2.64 -5.58
C TYR A 1231 3.16 -1.34 -5.24
N THR A 1232 3.63 -1.21 -4.01
CA THR A 1232 4.17 0.06 -3.54
C THR A 1232 5.58 0.33 -4.05
N ARG A 1233 6.21 -0.61 -4.73
CA ARG A 1233 7.46 -0.34 -5.41
C ARG A 1233 7.32 -0.19 -6.91
N LEU A 1234 6.43 -0.96 -7.54
CA LEU A 1234 6.10 -0.69 -8.93
C LEU A 1234 5.41 0.66 -9.12
N THR A 1235 4.63 1.11 -8.14
CA THR A 1235 4.02 2.43 -8.27
C THR A 1235 5.07 3.55 -8.28
N ILE A 1236 6.11 3.42 -7.48
CA ILE A 1236 7.17 4.42 -7.47
C ILE A 1236 8.05 4.30 -8.70
N PHE A 1237 8.28 3.07 -9.19
CA PHE A 1237 8.96 2.92 -10.46
C PHE A 1237 8.19 3.57 -11.60
N ASN A 1238 6.86 3.55 -11.55
CA ASN A 1238 6.04 4.18 -12.57
C ASN A 1238 5.97 5.69 -12.43
N ILE A 1239 6.36 6.24 -11.28
CA ILE A 1239 6.39 7.68 -11.08
C ILE A 1239 7.73 8.27 -11.49
N LEU A 1240 8.83 7.66 -11.05
CA LEU A 1240 10.15 8.10 -11.49
C LEU A 1240 10.27 8.13 -13.01
N SER A 1241 9.93 7.03 -13.67
CA SER A 1241 10.10 6.93 -15.11
C SER A 1241 9.03 7.67 -15.88
N GLY A 1242 8.07 8.26 -15.18
CA GLY A 1242 6.95 8.96 -15.76
C GLY A 1242 7.03 10.45 -15.46
N ILE A 1243 6.40 10.81 -14.34
CA ILE A 1243 6.17 12.21 -14.00
C ILE A 1243 7.48 12.94 -13.82
N ALA A 1244 8.46 12.32 -13.18
CA ALA A 1244 9.71 13.02 -12.90
C ALA A 1244 10.39 13.47 -14.19
N THR A 1245 10.58 12.55 -15.12
CA THR A 1245 11.22 12.90 -16.40
C THR A 1245 10.38 13.84 -17.24
N PHE A 1246 9.05 13.62 -17.31
CA PHE A 1246 8.21 14.51 -18.09
C PHE A 1246 8.26 15.93 -17.53
N LEU A 1247 8.21 16.07 -16.21
CA LEU A 1247 8.29 17.35 -15.53
C LEU A 1247 9.63 18.02 -15.74
N MET A 1248 10.73 17.28 -15.71
CA MET A 1248 12.04 17.82 -16.00
C MET A 1248 12.16 18.33 -17.43
N VAL A 1249 11.70 17.54 -18.40
CA VAL A 1249 11.83 17.94 -19.80
C VAL A 1249 10.95 19.15 -20.12
N THR A 1250 9.75 19.24 -19.54
CA THR A 1250 8.92 20.42 -19.83
C THR A 1250 9.54 21.69 -19.25
N ILE A 1251 10.13 21.61 -18.05
CA ILE A 1251 10.80 22.77 -17.49
C ILE A 1251 12.01 23.15 -18.32
N MET A 1252 12.73 22.15 -18.84
CA MET A 1252 14.01 22.40 -19.47
C MET A 1252 13.88 22.72 -20.96
N ARG A 1253 12.74 23.27 -21.37
CA ARG A 1253 12.57 23.76 -22.75
C ARG A 1253 11.92 25.14 -22.78
N ILE A 1254 11.77 25.79 -21.64
CA ILE A 1254 11.24 27.16 -21.62
C ILE A 1254 12.21 28.07 -22.37
N PRO A 1255 11.73 28.98 -23.22
CA PRO A 1255 12.67 29.88 -23.93
C PRO A 1255 13.48 30.75 -22.99
N ALA A 1256 12.93 31.14 -21.85
CA ALA A 1256 13.62 32.06 -20.95
C ALA A 1256 14.94 31.47 -20.46
N VAL A 1257 14.92 30.23 -19.99
CA VAL A 1257 16.16 29.54 -19.68
C VAL A 1257 16.85 29.17 -20.98
N LYS A 1258 18.15 29.43 -21.07
CA LYS A 1258 18.86 29.22 -22.33
C LYS A 1258 19.47 27.83 -22.43
N LEU A 1259 18.66 26.80 -22.16
CA LEU A 1259 19.07 25.42 -22.39
C LEU A 1259 17.88 24.69 -23.01
N GLU A 1260 17.86 24.66 -24.33
CA GLU A 1260 16.86 23.91 -25.09
C GLU A 1260 17.45 22.75 -25.85
N GLU A 1261 18.71 22.85 -26.25
CA GLU A 1261 19.36 21.81 -27.04
C GLU A 1261 19.61 20.56 -26.23
N LEU A 1262 19.86 20.70 -24.92
CA LEU A 1262 20.04 19.54 -24.08
C LEU A 1262 18.74 18.76 -23.88
N SER A 1263 17.60 19.45 -23.95
CA SER A 1263 16.31 18.78 -23.91
C SER A 1263 16.03 17.97 -25.17
N LYS A 1264 16.99 17.91 -26.09
CA LYS A 1264 16.92 16.98 -27.22
C LYS A 1264 17.66 15.69 -26.90
N THR A 1265 18.91 15.81 -26.44
CA THR A 1265 19.66 14.62 -26.08
C THR A 1265 19.09 13.94 -24.85
N LEU A 1266 18.26 14.63 -24.07
CA LEU A 1266 17.56 13.93 -23.00
C LEU A 1266 16.29 13.26 -23.52
N ASP A 1267 15.54 13.96 -24.38
CA ASP A 1267 14.33 13.38 -24.93
C ASP A 1267 14.60 12.17 -25.80
N HIS A 1268 15.78 12.07 -26.42
CA HIS A 1268 16.15 10.87 -27.15
C HIS A 1268 16.52 9.72 -26.24
N VAL A 1269 16.97 9.98 -25.02
CA VAL A 1269 17.27 8.92 -24.09
C VAL A 1269 16.00 8.41 -23.42
N PHE A 1270 15.06 9.31 -23.15
CA PHE A 1270 13.85 8.91 -22.43
C PHE A 1270 12.80 8.27 -23.33
N LEU A 1271 13.13 7.88 -24.56
CA LEU A 1271 12.17 7.17 -25.38
C LEU A 1271 11.95 5.73 -24.93
N VAL A 1272 12.92 5.13 -24.26
CA VAL A 1272 12.80 3.73 -23.85
C VAL A 1272 11.94 3.54 -22.61
N LEU A 1273 11.34 4.63 -22.11
CA LEU A 1273 10.49 4.56 -20.92
C LEU A 1273 9.03 4.66 -21.32
N PRO A 1274 8.21 3.63 -21.10
CA PRO A 1274 6.84 3.65 -21.64
C PRO A 1274 5.90 4.63 -20.97
N ASN A 1275 6.22 5.13 -19.78
CA ASN A 1275 5.34 6.13 -19.16
C ASN A 1275 5.61 7.52 -19.70
N HIS A 1276 6.87 7.83 -19.99
CA HIS A 1276 7.23 9.11 -20.59
C HIS A 1276 6.60 9.26 -21.96
N CYS A 1277 6.60 8.19 -22.75
CA CYS A 1277 6.10 8.24 -24.12
C CYS A 1277 4.62 8.62 -24.16
N LEU A 1278 3.81 8.05 -23.28
CA LEU A 1278 2.39 8.36 -23.30
C LEU A 1278 2.12 9.82 -22.96
N GLY A 1279 2.82 10.34 -21.95
CA GLY A 1279 2.65 11.73 -21.58
C GLY A 1279 3.03 12.67 -22.71
N MET A 1280 4.19 12.44 -23.32
CA MET A 1280 4.58 13.30 -24.42
C MET A 1280 3.68 13.12 -25.63
N ALA A 1281 3.17 11.92 -25.87
CA ALA A 1281 2.26 11.70 -26.99
C ALA A 1281 0.98 12.49 -26.81
N VAL A 1282 0.40 12.45 -25.60
CA VAL A 1282 -0.83 13.20 -25.36
C VAL A 1282 -0.57 14.70 -25.45
N SER A 1283 0.53 15.18 -24.87
CA SER A 1283 0.84 16.60 -24.93
C SER A 1283 1.03 17.08 -26.37
N SER A 1284 1.79 16.33 -27.18
CA SER A 1284 2.02 16.73 -28.55
C SER A 1284 0.74 16.66 -29.38
N PHE A 1285 -0.08 15.63 -29.16
CA PHE A 1285 -1.34 15.54 -29.86
C PHE A 1285 -2.24 16.72 -29.54
N TYR A 1286 -2.19 17.23 -28.31
CA TYR A 1286 -3.00 18.39 -27.98
C TYR A 1286 -2.42 19.65 -28.59
N GLU A 1287 -1.10 19.82 -28.58
CA GLU A 1287 -0.51 21.05 -29.11
C GLU A 1287 -0.66 21.14 -30.62
N ASN A 1288 -0.49 20.02 -31.32
CA ASN A 1288 -0.62 20.02 -32.78
C ASN A 1288 -2.01 20.39 -33.25
N TYR A 1289 -3.06 19.93 -32.55
CA TYR A 1289 -4.41 20.30 -32.97
C TYR A 1289 -4.62 21.80 -32.90
N GLU A 1290 -4.16 22.44 -31.83
CA GLU A 1290 -4.34 23.88 -31.71
C GLU A 1290 -3.51 24.64 -32.73
N THR A 1291 -2.22 24.30 -32.87
CA THR A 1291 -1.42 25.00 -33.87
C THR A 1291 -1.87 24.73 -35.29
N ARG A 1292 -2.63 23.67 -35.53
CA ARG A 1292 -3.19 23.44 -36.85
C ARG A 1292 -4.51 24.17 -37.05
N ARG A 1293 -5.33 24.27 -36.01
CA ARG A 1293 -6.57 25.02 -36.08
C ARG A 1293 -6.34 26.52 -36.10
N TYR A 1294 -5.17 27.00 -35.71
CA TYR A 1294 -4.92 28.42 -35.73
C TYR A 1294 -4.31 28.92 -37.04
N CYS A 1295 -3.38 28.17 -37.63
CA CYS A 1295 -2.79 28.57 -38.89
C CYS A 1295 -3.67 28.25 -40.08
N THR A 1296 -4.95 28.00 -39.85
CA THR A 1296 -5.90 27.70 -40.91
C THR A 1296 -7.16 28.54 -40.85
N SER A 1297 -7.48 29.14 -39.70
CA SER A 1297 -8.76 29.85 -39.54
C SER A 1297 -8.89 30.98 -40.56
N SER A 1298 -7.82 31.72 -40.79
CA SER A 1298 -7.86 32.83 -41.75
C SER A 1298 -6.45 33.17 -42.18
N GLU A 1299 -6.35 33.82 -43.34
CA GLU A 1299 -5.05 34.21 -43.89
C GLU A 1299 -4.33 35.22 -43.02
N VAL A 1300 -5.06 35.99 -42.21
CA VAL A 1300 -4.41 36.98 -41.34
C VAL A 1300 -3.44 36.30 -40.37
N ALA A 1301 -3.72 35.06 -39.98
CA ALA A 1301 -2.84 34.31 -39.10
C ALA A 1301 -1.93 33.34 -39.83
N ALA A 1302 -2.27 32.98 -41.07
CA ALA A 1302 -1.44 32.06 -41.83
C ALA A 1302 -0.06 32.63 -42.08
N HIS A 1303 0.03 33.92 -42.43
CA HIS A 1303 1.33 34.54 -42.59
C HIS A 1303 2.06 34.71 -41.27
N TYR A 1304 1.34 34.98 -40.19
CA TYR A 1304 1.97 35.07 -38.88
C TYR A 1304 2.58 33.75 -38.46
N CYS A 1305 1.98 32.64 -38.86
CA CYS A 1305 2.54 31.34 -38.48
C CYS A 1305 3.91 31.09 -39.10
N LYS A 1306 4.11 31.47 -40.36
CA LYS A 1306 5.43 31.36 -40.97
C LYS A 1306 6.32 32.56 -40.70
N LYS A 1307 5.78 33.62 -40.10
CA LYS A 1307 6.61 34.70 -39.61
C LYS A 1307 7.63 34.20 -38.61
N TYR A 1308 7.17 33.40 -37.64
CA TYR A 1308 8.03 32.85 -36.60
C TYR A 1308 8.15 31.33 -36.65
N ASN A 1309 7.68 30.71 -37.74
CA ASN A 1309 7.78 29.27 -37.93
C ASN A 1309 7.11 28.50 -36.79
N ILE A 1310 5.79 28.65 -36.73
CA ILE A 1310 5.00 27.95 -35.72
C ILE A 1310 5.18 26.44 -35.86
N GLN A 1311 5.37 25.97 -37.09
CA GLN A 1311 5.80 24.59 -37.33
C GLN A 1311 4.82 23.55 -36.81
N TYR A 1312 3.62 23.48 -37.40
CA TYR A 1312 2.65 22.45 -37.07
C TYR A 1312 2.71 21.35 -38.13
N GLN A 1313 2.01 20.25 -37.86
CA GLN A 1313 1.98 19.10 -38.74
C GLN A 1313 0.55 18.84 -39.23
N GLU A 1314 0.45 18.30 -40.45
CA GLU A 1314 -0.82 17.97 -41.05
C GLU A 1314 -1.13 16.48 -40.97
N ASN A 1315 -0.14 15.64 -40.69
CA ASN A 1315 -0.32 14.19 -40.66
C ASN A 1315 -0.79 13.69 -39.30
N PHE A 1316 -0.34 14.35 -38.22
CA PHE A 1316 -0.63 13.98 -36.83
C PHE A 1316 0.15 12.74 -36.42
N TYR A 1317 0.88 12.14 -37.36
CA TYR A 1317 1.61 10.91 -37.10
C TYR A 1317 3.02 10.93 -37.66
N ALA A 1318 3.49 12.07 -38.15
CA ALA A 1318 4.80 12.16 -38.75
C ALA A 1318 5.90 11.98 -37.71
N TRP A 1319 7.13 11.87 -38.19
CA TRP A 1319 8.25 11.73 -37.29
C TRP A 1319 8.61 13.06 -36.64
N SER A 1320 8.41 14.14 -37.41
CA SER A 1320 8.83 15.47 -37.02
C SER A 1320 8.10 15.95 -35.76
N ALA A 1321 8.66 16.95 -35.09
CA ALA A 1321 8.42 17.28 -33.68
C ALA A 1321 6.95 17.23 -33.25
N PRO A 1322 6.05 18.07 -33.78
CA PRO A 1322 4.70 18.10 -33.20
C PRO A 1322 3.82 17.00 -33.75
N GLY A 1323 4.34 15.78 -33.86
CA GLY A 1323 3.62 14.65 -34.40
C GLY A 1323 4.11 13.38 -33.72
N VAL A 1324 3.16 12.55 -33.30
CA VAL A 1324 3.50 11.38 -32.52
C VAL A 1324 3.78 10.19 -33.42
N GLY A 1325 4.99 10.14 -33.97
CA GLY A 1325 5.37 8.99 -34.74
C GLY A 1325 6.32 8.11 -33.96
N ARG A 1326 7.36 8.72 -33.39
CA ARG A 1326 8.36 7.94 -32.68
C ARG A 1326 7.84 7.43 -31.35
N PHE A 1327 6.90 8.12 -30.73
CA PHE A 1327 6.28 7.60 -29.52
C PHE A 1327 5.46 6.36 -29.81
N VAL A 1328 4.66 6.38 -30.87
CA VAL A 1328 3.92 5.19 -31.28
C VAL A 1328 4.88 4.05 -31.62
N ALA A 1329 5.94 4.35 -32.36
CA ALA A 1329 6.90 3.32 -32.71
C ALA A 1329 7.58 2.71 -31.49
N SER A 1330 8.00 3.54 -30.54
CA SER A 1330 8.69 3.05 -29.35
C SER A 1330 7.78 2.36 -28.36
N MET A 1331 6.49 2.69 -28.34
CA MET A 1331 5.55 1.91 -27.54
C MET A 1331 5.19 0.59 -28.20
N ALA A 1332 5.16 0.54 -29.53
CA ALA A 1332 4.87 -0.72 -30.20
C ALA A 1332 6.07 -1.66 -30.21
N ALA A 1333 7.28 -1.14 -30.23
CA ALA A 1333 8.47 -1.98 -30.25
C ALA A 1333 8.94 -2.37 -28.85
N SER A 1334 8.22 -1.97 -27.80
CA SER A 1334 8.56 -2.36 -26.45
C SER A 1334 7.79 -3.56 -25.95
N GLY A 1335 6.51 -3.68 -26.31
CA GLY A 1335 5.75 -4.86 -25.93
C GLY A 1335 6.33 -6.12 -26.50
N CYS A 1336 6.78 -6.08 -27.76
CA CYS A 1336 7.40 -7.24 -28.35
C CYS A 1336 8.75 -7.56 -27.71
N ALA A 1337 9.58 -6.55 -27.48
CA ALA A 1337 10.86 -6.77 -26.85
C ALA A 1337 10.74 -7.23 -25.41
N TYR A 1338 9.60 -7.00 -24.76
CA TYR A 1338 9.36 -7.51 -23.42
C TYR A 1338 8.77 -8.91 -23.42
N LEU A 1339 7.85 -9.21 -24.34
CA LEU A 1339 7.35 -10.57 -24.45
C LEU A 1339 8.46 -11.54 -24.81
N ILE A 1340 9.34 -11.15 -25.74
CA ILE A 1340 10.45 -12.01 -26.12
C ILE A 1340 11.33 -12.30 -24.90
N LEU A 1341 11.64 -11.27 -24.13
CA LEU A 1341 12.53 -11.41 -23.00
C LEU A 1341 11.89 -12.18 -21.85
N LEU A 1342 10.56 -12.14 -21.75
CA LEU A 1342 9.87 -12.94 -20.75
C LEU A 1342 9.80 -14.41 -21.13
N PHE A 1343 9.59 -14.71 -22.41
CA PHE A 1343 9.61 -16.09 -22.86
C PHE A 1343 11.01 -16.68 -22.92
N LEU A 1344 12.04 -15.84 -23.00
CA LEU A 1344 13.40 -16.34 -22.90
C LEU A 1344 13.84 -16.61 -21.47
N ILE A 1345 13.16 -16.04 -20.49
CA ILE A 1345 13.49 -16.26 -19.08
C ILE A 1345 12.59 -17.28 -18.43
N GLU A 1346 11.40 -17.52 -18.99
CA GLU A 1346 10.51 -18.54 -18.45
C GLU A 1346 10.81 -19.94 -18.96
N THR A 1347 11.67 -20.09 -19.95
CA THR A 1347 12.10 -21.40 -20.41
C THR A 1347 13.56 -21.68 -20.08
N ASN A 1348 14.12 -20.95 -19.12
CA ASN A 1348 15.46 -21.22 -18.58
C ASN A 1348 16.51 -21.24 -19.70
N LEU A 1349 16.31 -20.40 -20.70
CA LEU A 1349 17.31 -20.23 -21.74
C LEU A 1349 18.36 -19.18 -21.36
N LEU A 1350 18.10 -18.39 -20.33
CA LEU A 1350 19.07 -17.44 -19.78
C LEU A 1350 19.69 -17.94 -18.49
N GLN A 1351 19.65 -19.25 -18.25
CA GLN A 1351 20.31 -19.88 -17.11
C GLN A 1351 21.69 -20.41 -17.45
N ARG A 1352 21.86 -20.98 -18.64
CA ARG A 1352 23.19 -21.36 -19.10
C ARG A 1352 24.06 -20.12 -19.36
N LEU A 1353 23.46 -19.03 -19.82
CA LEU A 1353 24.19 -17.78 -20.03
C LEU A 1353 24.28 -16.99 -18.74
N LEU A 1376 33.76 -46.26 5.85
CA LEU A 1376 32.45 -46.09 6.45
C LEU A 1376 31.64 -47.37 6.31
N PRO A 1377 31.52 -48.14 7.40
CA PRO A 1377 30.75 -49.41 7.38
C PRO A 1377 29.27 -49.27 7.73
N GLU A 1378 28.47 -48.81 6.77
CA GLU A 1378 27.04 -48.69 6.98
C GLU A 1378 26.37 -50.06 6.88
N ASP A 1379 25.04 -50.07 6.87
CA ASP A 1379 24.30 -51.31 6.74
C ASP A 1379 24.56 -51.94 5.38
N GLN A 1380 24.58 -53.27 5.34
CA GLN A 1380 24.80 -53.97 4.08
C GLN A 1380 23.65 -53.73 3.11
N ASP A 1381 22.41 -53.74 3.60
CA ASP A 1381 21.26 -53.60 2.71
C ASP A 1381 21.22 -52.22 2.07
N VAL A 1382 21.61 -51.19 2.83
CA VAL A 1382 21.68 -49.85 2.26
C VAL A 1382 22.80 -49.78 1.23
N ALA A 1383 23.93 -50.46 1.50
CA ALA A 1383 25.05 -50.43 0.58
C ALA A 1383 24.78 -51.23 -0.70
N ASP A 1384 23.88 -52.20 -0.66
CA ASP A 1384 23.61 -53.00 -1.84
C ASP A 1384 22.80 -52.23 -2.87
N GLU A 1385 21.96 -51.29 -2.43
CA GLU A 1385 21.20 -50.49 -3.36
C GLU A 1385 22.09 -49.51 -4.12
N ARG A 1386 23.16 -49.03 -3.47
CA ARG A 1386 24.11 -48.15 -4.13
C ARG A 1386 24.89 -48.86 -5.23
N THR A 1387 24.84 -50.19 -5.28
CA THR A 1387 25.53 -50.98 -6.28
C THR A 1387 24.61 -51.62 -7.30
N ARG A 1388 23.41 -52.04 -6.89
CA ARG A 1388 22.50 -52.69 -7.83
C ARG A 1388 22.09 -51.76 -8.97
N ILE A 1389 22.00 -50.46 -8.69
CA ILE A 1389 21.70 -49.50 -9.75
C ILE A 1389 22.97 -48.97 -10.43
N LEU A 1390 24.11 -49.03 -9.76
CA LEU A 1390 25.35 -48.53 -10.33
C LEU A 1390 26.11 -49.59 -11.11
N ALA A 1391 25.62 -50.83 -11.12
CA ALA A 1391 26.27 -51.91 -11.86
C ALA A 1391 25.27 -52.61 -12.78
N LEU A 1397 17.42 -50.74 -17.25
CA LEU A 1397 16.36 -50.07 -16.51
C LEU A 1397 15.40 -49.35 -17.45
N LEU A 1398 14.28 -50.01 -17.77
CA LEU A 1398 13.29 -49.45 -18.68
C LEU A 1398 11.91 -49.44 -18.04
N HIS A 1399 11.66 -50.39 -17.14
CA HIS A 1399 10.39 -50.50 -16.42
C HIS A 1399 10.47 -49.89 -15.02
N THR A 1400 11.26 -48.84 -14.86
CA THR A 1400 11.39 -48.15 -13.56
C THR A 1400 10.95 -46.71 -13.72
N PRO A 1401 9.84 -46.30 -13.11
CA PRO A 1401 9.42 -44.90 -13.22
C PRO A 1401 10.43 -43.92 -12.66
N LEU A 1402 11.18 -44.30 -11.63
CA LEU A 1402 12.03 -43.34 -10.93
C LEU A 1402 13.36 -44.01 -10.56
N ILE A 1403 14.44 -43.27 -10.78
CA ILE A 1403 15.81 -43.74 -10.53
C ILE A 1403 16.57 -42.59 -9.88
N ILE A 1404 17.13 -42.82 -8.70
CA ILE A 1404 17.96 -41.84 -8.02
C ILE A 1404 19.33 -42.44 -7.76
N LYS A 1405 20.37 -41.73 -8.17
CA LYS A 1405 21.73 -42.19 -7.94
C LYS A 1405 22.62 -41.03 -7.53
N GLU A 1406 23.37 -41.23 -6.44
CA GLU A 1406 24.42 -40.32 -5.98
C GLU A 1406 23.91 -38.88 -5.85
N LEU A 1407 22.76 -38.74 -5.20
CA LEU A 1407 22.09 -37.47 -5.09
C LEU A 1407 22.56 -36.70 -3.86
N SER A 1408 22.87 -35.42 -4.03
CA SER A 1408 23.43 -34.63 -2.94
C SER A 1408 22.83 -33.23 -2.93
N LYS A 1409 22.84 -32.60 -1.76
CA LYS A 1409 22.32 -31.24 -1.59
C LYS A 1409 23.00 -30.59 -0.41
N VAL A 1410 23.56 -29.40 -0.62
CA VAL A 1410 24.24 -28.65 0.44
C VAL A 1410 23.70 -27.22 0.42
N TYR A 1411 23.48 -26.67 1.62
CA TYR A 1411 23.00 -25.30 1.78
C TYR A 1411 24.15 -24.47 2.32
N GLU A 1412 24.66 -23.56 1.48
CA GLU A 1412 25.83 -22.76 1.85
C GLU A 1412 25.38 -21.49 2.56
N GLN A 1413 25.76 -21.38 3.84
CA GLN A 1413 25.38 -20.24 4.67
C GLN A 1413 26.54 -19.79 5.54
N ARG A 1414 27.74 -19.70 4.99
CA ARG A 1414 28.99 -19.47 5.72
C ARG A 1414 29.33 -20.64 6.65
N VAL A 1415 28.51 -21.69 6.60
CA VAL A 1415 28.72 -22.91 7.37
C VAL A 1415 27.89 -24.01 6.69
N PRO A 1416 28.41 -24.60 5.61
CA PRO A 1416 27.61 -25.51 4.79
C PRO A 1416 26.95 -26.64 5.57
N LEU A 1417 25.67 -26.88 5.29
CA LEU A 1417 24.88 -27.89 5.95
C LEU A 1417 24.45 -28.91 4.92
N LEU A 1418 24.75 -30.19 5.18
CA LEU A 1418 24.54 -31.25 4.21
C LEU A 1418 23.20 -31.91 4.48
N ALA A 1419 22.21 -31.66 3.62
CA ALA A 1419 20.87 -32.17 3.83
C ALA A 1419 20.63 -33.52 3.17
N VAL A 1420 21.42 -33.88 2.16
CA VAL A 1420 21.27 -35.15 1.46
C VAL A 1420 22.66 -35.71 1.18
N ASP A 1421 22.87 -37.00 1.42
CA ASP A 1421 24.17 -37.62 1.23
C ASP A 1421 24.06 -38.89 0.40
N ARG A 1422 24.10 -38.71 -0.92
CA ARG A 1422 24.23 -39.72 -1.97
C ARG A 1422 23.00 -40.58 -2.24
N LEU A 1423 22.09 -40.70 -1.26
CA LEU A 1423 20.67 -41.00 -1.42
C LEU A 1423 20.39 -41.78 -2.72
N SER A 1424 20.99 -42.96 -2.82
CA SER A 1424 20.88 -43.77 -4.03
C SER A 1424 19.81 -44.84 -3.87
N LEU A 1425 18.89 -44.91 -4.83
CA LEU A 1425 17.74 -45.80 -4.72
C LEU A 1425 16.95 -45.78 -6.03
N ALA A 1426 16.15 -46.83 -6.24
CA ALA A 1426 15.33 -46.97 -7.45
C ALA A 1426 14.00 -47.61 -7.07
N VAL A 1427 12.92 -47.16 -7.72
CA VAL A 1427 11.57 -47.62 -7.44
C VAL A 1427 10.95 -48.15 -8.72
N GLN A 1428 10.25 -49.28 -8.62
CA GLN A 1428 9.57 -49.89 -9.75
C GLN A 1428 8.08 -49.60 -9.69
N LYS A 1429 7.36 -50.06 -10.71
CA LYS A 1429 5.93 -49.85 -10.79
C LYS A 1429 5.20 -50.67 -9.73
N GLY A 1430 3.97 -50.27 -9.45
CA GLY A 1430 3.13 -50.99 -8.51
C GLY A 1430 3.73 -51.13 -7.13
N GLU A 1431 4.38 -50.08 -6.64
CA GLU A 1431 5.07 -50.12 -5.36
C GLU A 1431 4.67 -48.91 -4.53
N CYS A 1432 5.05 -48.94 -3.25
CA CYS A 1432 4.81 -47.82 -2.35
C CYS A 1432 5.99 -47.61 -1.42
N PHE A 1433 6.92 -46.74 -1.82
CA PHE A 1433 8.11 -46.49 -1.02
C PHE A 1433 7.76 -45.69 0.23
N GLY A 1434 8.48 -45.97 1.33
CA GLY A 1434 8.18 -45.36 2.61
C GLY A 1434 8.87 -44.04 2.92
N LEU A 1435 10.21 -44.02 2.90
CA LEU A 1435 11.00 -42.81 3.13
C LEU A 1435 10.65 -42.13 4.45
N LEU A 1436 10.95 -42.78 5.57
CA LEU A 1436 10.71 -42.20 6.88
C LEU A 1436 11.91 -41.38 7.34
N GLY A 1437 11.91 -40.95 8.59
CA GLY A 1437 13.01 -40.21 9.15
C GLY A 1437 12.57 -39.42 10.36
N PHE A 1438 13.49 -38.65 10.91
CA PHE A 1438 13.22 -37.74 12.00
C PHE A 1438 12.81 -36.38 11.46
N ASN A 1439 12.73 -35.38 12.33
CA ASN A 1439 12.42 -34.03 11.91
C ASN A 1439 13.66 -33.35 11.37
N GLY A 1440 13.54 -32.78 10.18
CA GLY A 1440 14.64 -32.07 9.58
C GLY A 1440 15.73 -32.94 9.01
N ALA A 1441 15.44 -34.16 8.60
CA ALA A 1441 16.50 -35.00 8.06
C ALA A 1441 16.76 -34.74 6.59
N GLY A 1442 15.88 -35.20 5.71
CA GLY A 1442 16.08 -34.95 4.30
C GLY A 1442 14.88 -34.99 3.37
N LYS A 1443 13.67 -35.13 3.91
CA LYS A 1443 12.57 -35.62 3.08
C LYS A 1443 12.04 -34.54 2.14
N THR A 1444 11.61 -33.41 2.70
CA THR A 1444 11.06 -32.35 1.87
C THR A 1444 12.10 -31.80 0.90
N THR A 1445 13.33 -31.62 1.38
CA THR A 1445 14.39 -31.13 0.51
C THR A 1445 14.79 -32.16 -0.53
N THR A 1446 14.36 -33.41 -0.39
CA THR A 1446 14.51 -34.39 -1.45
C THR A 1446 13.41 -34.23 -2.49
N PHE A 1447 12.15 -34.13 -2.02
CA PHE A 1447 11.04 -33.93 -2.94
C PHE A 1447 11.26 -32.68 -3.79
N LYS A 1448 11.83 -31.63 -3.20
CA LYS A 1448 12.06 -30.39 -3.94
C LYS A 1448 12.94 -30.63 -5.15
N MET A 1449 14.10 -31.25 -4.94
CA MET A 1449 15.00 -31.53 -6.05
C MET A 1449 14.37 -32.50 -7.05
N LEU A 1450 13.60 -33.47 -6.56
CA LEU A 1450 12.96 -34.42 -7.47
C LEU A 1450 11.98 -33.72 -8.40
N THR A 1451 11.22 -32.76 -7.89
CA THR A 1451 10.23 -32.08 -8.73
C THR A 1451 10.88 -30.96 -9.55
N GLY A 1452 11.72 -30.14 -8.92
CA GLY A 1452 12.43 -29.11 -9.65
C GLY A 1452 12.45 -27.78 -8.95
N GLU A 1453 11.93 -27.72 -7.72
CA GLU A 1453 11.94 -26.47 -6.97
C GLU A 1453 13.35 -25.96 -6.71
N GLU A 1454 14.24 -26.85 -6.25
CA GLU A 1454 15.58 -26.45 -5.87
C GLU A 1454 16.59 -27.00 -6.87
N SER A 1455 17.83 -26.51 -6.76
CA SER A 1455 18.88 -26.82 -7.71
C SER A 1455 19.67 -28.02 -7.26
N LEU A 1456 20.30 -28.69 -8.22
CA LEU A 1456 21.04 -29.91 -7.99
C LEU A 1456 22.52 -29.61 -7.77
N THR A 1457 23.19 -30.50 -7.03
CA THR A 1457 24.63 -30.41 -6.82
C THR A 1457 25.21 -31.82 -6.70
N SER A 1458 26.02 -32.21 -7.68
CA SER A 1458 26.74 -33.48 -7.67
C SER A 1458 25.78 -34.67 -7.52
N GLY A 1459 24.93 -34.81 -8.53
CA GLY A 1459 23.99 -35.92 -8.53
C GLY A 1459 23.19 -35.93 -9.81
N ASP A 1460 22.41 -36.99 -9.96
CA ASP A 1460 21.52 -37.16 -11.11
C ASP A 1460 20.36 -38.04 -10.71
N ALA A 1461 19.25 -37.91 -11.45
CA ALA A 1461 18.08 -38.73 -11.21
C ALA A 1461 17.21 -38.74 -12.46
N PHE A 1462 16.34 -39.73 -12.55
CA PHE A 1462 15.48 -39.91 -13.72
C PHE A 1462 14.08 -40.30 -13.25
N VAL A 1463 13.08 -39.51 -13.64
CA VAL A 1463 11.69 -39.84 -13.41
C VAL A 1463 11.02 -40.08 -14.76
N GLY A 1464 10.22 -41.14 -14.83
CA GLY A 1464 9.61 -41.50 -16.09
C GLY A 1464 10.60 -41.81 -17.19
N GLY A 1465 11.80 -42.19 -16.83
CA GLY A 1465 12.87 -42.45 -17.80
C GLY A 1465 13.70 -41.22 -18.14
N HIS A 1466 13.03 -40.12 -18.48
CA HIS A 1466 13.72 -38.93 -18.97
C HIS A 1466 14.39 -38.18 -17.83
N ARG A 1467 15.67 -37.86 -18.03
CA ARG A 1467 16.49 -37.25 -16.99
C ARG A 1467 15.97 -35.87 -16.62
N ILE A 1468 16.13 -35.50 -15.35
CA ILE A 1468 15.76 -34.18 -14.86
C ILE A 1468 16.95 -33.26 -14.70
N SER A 1469 18.17 -33.77 -14.70
CA SER A 1469 19.34 -32.92 -14.53
C SER A 1469 19.62 -32.05 -15.74
N SER A 1470 18.97 -32.32 -16.87
CA SER A 1470 19.12 -31.55 -18.10
C SER A 1470 17.80 -31.06 -18.66
N ASP A 1471 16.74 -31.86 -18.54
CA ASP A 1471 15.46 -31.52 -19.12
C ASP A 1471 14.51 -30.92 -18.08
N ARG A 1478 4.30 -37.30 -16.50
CA ARG A 1478 3.00 -37.18 -15.85
C ARG A 1478 3.08 -37.55 -14.38
N ILE A 1479 3.36 -36.56 -13.53
CA ILE A 1479 3.53 -36.78 -12.10
C ILE A 1479 2.58 -35.88 -11.33
N GLY A 1480 2.08 -36.37 -10.20
CA GLY A 1480 1.30 -35.58 -9.29
C GLY A 1480 2.14 -35.11 -8.13
N TYR A 1481 1.66 -34.06 -7.45
CA TYR A 1481 2.44 -33.45 -6.39
C TYR A 1481 1.52 -32.94 -5.31
N CYS A 1482 1.72 -33.41 -4.08
CA CYS A 1482 1.01 -32.94 -2.90
C CYS A 1482 2.04 -32.36 -1.94
N PRO A 1483 2.28 -31.04 -1.99
CA PRO A 1483 3.35 -30.46 -1.19
C PRO A 1483 3.06 -30.52 0.29
N GLN A 1484 4.10 -30.26 1.08
CA GLN A 1484 3.94 -30.33 2.54
C GLN A 1484 3.01 -29.24 3.03
N PHE A 1485 3.14 -28.03 2.52
CA PHE A 1485 2.33 -26.90 2.95
C PHE A 1485 1.35 -26.53 1.84
N ASP A 1486 0.11 -26.29 2.23
CA ASP A 1486 -0.97 -26.11 1.26
C ASP A 1486 -0.73 -24.91 0.37
N ALA A 1487 -0.75 -25.15 -0.94
CA ALA A 1487 -0.54 -24.12 -1.96
C ALA A 1487 -1.79 -24.09 -2.83
N LEU A 1488 -2.79 -23.33 -2.39
CA LEU A 1488 -4.07 -23.26 -3.06
C LEU A 1488 -4.44 -21.80 -3.30
N LEU A 1489 -5.30 -21.60 -4.30
CA LEU A 1489 -5.78 -20.26 -4.64
C LEU A 1489 -7.03 -19.97 -3.82
N ASP A 1490 -6.95 -18.97 -2.96
CA ASP A 1490 -8.03 -18.71 -2.01
C ASP A 1490 -9.30 -18.16 -2.66
N HIS A 1491 -9.24 -17.71 -3.92
CA HIS A 1491 -10.43 -17.16 -4.55
C HIS A 1491 -11.26 -18.21 -5.26
N MET A 1492 -10.78 -19.42 -5.39
CA MET A 1492 -11.51 -20.49 -6.06
C MET A 1492 -12.20 -21.36 -5.01
N THR A 1493 -13.21 -22.10 -5.43
CA THR A 1493 -13.91 -22.99 -4.53
C THR A 1493 -13.28 -24.38 -4.63
N GLY A 1494 -13.85 -25.35 -3.93
CA GLY A 1494 -13.29 -26.68 -3.93
C GLY A 1494 -13.43 -27.41 -5.25
N ARG A 1495 -14.58 -27.27 -5.90
CA ARG A 1495 -14.82 -28.01 -7.12
C ARG A 1495 -14.08 -27.39 -8.30
N GLU A 1496 -13.95 -26.06 -8.31
CA GLU A 1496 -13.22 -25.40 -9.38
C GLU A 1496 -11.74 -25.72 -9.36
N MET A 1497 -11.15 -25.86 -8.17
CA MET A 1497 -9.75 -26.25 -8.07
C MET A 1497 -9.52 -27.64 -8.62
N LEU A 1498 -10.52 -28.51 -8.56
CA LEU A 1498 -10.40 -29.85 -9.12
C LEU A 1498 -10.67 -29.87 -10.61
N VAL A 1499 -11.60 -29.04 -11.08
CA VAL A 1499 -11.88 -28.95 -12.51
C VAL A 1499 -10.66 -28.40 -13.24
N MET A 1500 -9.96 -27.44 -12.64
CA MET A 1500 -8.76 -26.90 -13.29
C MET A 1500 -7.74 -27.98 -13.55
N TYR A 1501 -7.45 -28.81 -12.54
CA TYR A 1501 -6.45 -29.85 -12.72
C TYR A 1501 -6.96 -31.02 -13.55
N ALA A 1502 -8.27 -31.24 -13.57
CA ALA A 1502 -8.80 -32.20 -14.54
C ALA A 1502 -8.56 -31.73 -15.96
N ARG A 1503 -8.71 -30.43 -16.22
CA ARG A 1503 -8.44 -29.91 -17.55
C ARG A 1503 -6.95 -29.91 -17.88
N LEU A 1504 -6.09 -29.65 -16.91
CA LEU A 1504 -4.66 -29.57 -17.21
C LEU A 1504 -4.09 -30.91 -17.65
N ARG A 1505 -4.76 -32.02 -17.38
CA ARG A 1505 -4.30 -33.36 -17.79
C ARG A 1505 -5.39 -34.03 -18.59
N GLY A 1506 -5.44 -33.77 -19.90
CA GLY A 1506 -6.40 -34.42 -20.77
C GLY A 1506 -7.83 -34.43 -20.26
N ILE A 1507 -8.38 -35.63 -20.04
CA ILE A 1507 -9.70 -35.83 -19.45
C ILE A 1507 -10.76 -35.04 -20.23
N PRO A 1508 -11.20 -35.55 -21.39
CA PRO A 1508 -12.19 -34.82 -22.19
C PRO A 1508 -13.36 -34.26 -21.40
N GLU A 1509 -13.93 -33.16 -21.89
CA GLU A 1509 -14.94 -32.42 -21.14
C GLU A 1509 -16.15 -33.29 -20.82
N ARG A 1510 -16.44 -34.25 -21.70
CA ARG A 1510 -17.58 -35.12 -21.48
C ARG A 1510 -17.40 -35.95 -20.21
N HIS A 1511 -16.22 -36.53 -20.05
CA HIS A 1511 -15.92 -37.43 -18.93
C HIS A 1511 -15.24 -36.69 -17.77
N ILE A 1512 -15.84 -35.60 -17.30
CA ILE A 1512 -15.23 -34.83 -16.22
C ILE A 1512 -16.11 -34.72 -14.98
N GLY A 1513 -17.43 -34.74 -15.11
CA GLY A 1513 -18.27 -34.73 -13.93
C GLY A 1513 -18.09 -35.98 -13.10
N ALA A 1514 -18.01 -37.14 -13.76
CA ALA A 1514 -17.75 -38.39 -13.06
C ALA A 1514 -16.39 -38.38 -12.38
N CYS A 1515 -15.37 -37.89 -13.06
CA CYS A 1515 -14.03 -37.86 -12.50
C CYS A 1515 -13.89 -36.87 -11.35
N VAL A 1516 -14.77 -35.87 -11.28
CA VAL A 1516 -14.74 -34.97 -10.13
C VAL A 1516 -15.58 -35.51 -8.98
N GLU A 1517 -16.72 -36.13 -9.26
CA GLU A 1517 -17.52 -36.72 -8.20
C GLU A 1517 -16.79 -37.88 -7.53
N ASN A 1518 -16.12 -38.72 -8.31
CA ASN A 1518 -15.39 -39.84 -7.73
C ASN A 1518 -14.29 -39.39 -6.79
N THR A 1519 -13.78 -38.16 -6.95
CA THR A 1519 -12.73 -37.65 -6.08
C THR A 1519 -13.26 -36.86 -4.91
N LEU A 1520 -14.38 -36.16 -5.08
CA LEU A 1520 -14.98 -35.45 -3.95
C LEU A 1520 -15.67 -36.41 -2.99
N ARG A 1521 -16.39 -37.41 -3.51
CA ARG A 1521 -17.09 -38.35 -2.64
C ARG A 1521 -16.13 -39.30 -1.95
N GLY A 1522 -15.19 -39.86 -2.69
CA GLY A 1522 -14.25 -40.79 -2.11
C GLY A 1522 -13.19 -40.18 -1.24
N LEU A 1523 -13.37 -38.94 -0.82
CA LEU A 1523 -12.43 -38.28 0.09
C LEU A 1523 -13.17 -37.45 1.12
N LEU A 1524 -14.50 -37.50 1.16
CA LEU A 1524 -15.33 -36.86 2.18
C LEU A 1524 -15.19 -35.33 2.12
N LEU A 1525 -15.49 -34.78 0.95
CA LEU A 1525 -15.51 -33.33 0.75
C LEU A 1525 -16.82 -32.85 0.15
N GLU A 1526 -17.83 -33.71 0.09
CA GLU A 1526 -19.12 -33.30 -0.45
C GLU A 1526 -19.74 -32.10 0.28
N PRO A 1527 -19.74 -32.02 1.61
CA PRO A 1527 -20.31 -30.83 2.25
C PRO A 1527 -19.63 -29.53 1.85
N HIS A 1528 -18.33 -29.58 1.59
CA HIS A 1528 -17.52 -28.40 1.31
C HIS A 1528 -17.16 -28.29 -0.16
N ALA A 1529 -18.01 -28.84 -1.03
CA ALA A 1529 -17.65 -28.95 -2.44
C ALA A 1529 -17.42 -27.58 -3.05
N ASN A 1530 -18.31 -26.64 -2.79
CA ASN A 1530 -18.22 -25.30 -3.38
C ASN A 1530 -18.35 -24.25 -2.28
N LYS A 1531 -17.23 -23.99 -1.60
CA LYS A 1531 -17.22 -23.06 -0.49
C LYS A 1531 -15.96 -22.19 -0.47
N LEU A 1532 -15.42 -21.84 -1.63
CA LEU A 1532 -14.44 -20.75 -1.65
C LEU A 1532 -13.20 -21.07 -0.84
N VAL A 1533 -12.25 -21.84 -1.37
CA VAL A 1533 -11.27 -22.47 -0.50
C VAL A 1533 -10.34 -21.40 0.07
N ARG A 1534 -10.93 -20.63 0.98
CA ARG A 1534 -10.30 -19.64 1.85
C ARG A 1534 -10.87 -19.70 3.24
N THR A 1535 -12.09 -20.22 3.38
CA THR A 1535 -12.78 -20.45 4.64
C THR A 1535 -12.74 -21.91 5.04
N TYR A 1536 -11.90 -22.71 4.38
CA TYR A 1536 -11.78 -24.10 4.74
C TYR A 1536 -11.12 -24.23 6.11
N SER A 1537 -10.96 -25.47 6.56
CA SER A 1537 -10.39 -25.76 7.86
C SER A 1537 -8.93 -26.16 7.71
N GLY A 1538 -8.33 -26.58 8.82
CA GLY A 1538 -6.95 -27.04 8.77
C GLY A 1538 -6.77 -28.33 8.01
N GLY A 1539 -7.71 -29.27 8.14
CA GLY A 1539 -7.60 -30.55 7.49
C GLY A 1539 -8.38 -30.63 6.20
N ASN A 1540 -9.41 -29.80 6.10
CA ASN A 1540 -10.18 -29.72 4.86
C ASN A 1540 -9.35 -29.17 3.72
N LYS A 1541 -8.19 -28.60 4.00
CA LYS A 1541 -7.26 -28.25 2.95
C LYS A 1541 -6.29 -29.37 2.61
N ARG A 1542 -5.92 -30.21 3.58
CA ARG A 1542 -5.13 -31.39 3.25
C ARG A 1542 -5.93 -32.36 2.39
N LYS A 1543 -7.22 -32.50 2.65
CA LYS A 1543 -8.04 -33.37 1.79
C LYS A 1543 -8.01 -32.89 0.36
N LEU A 1544 -8.16 -31.58 0.13
CA LEU A 1544 -8.17 -31.07 -1.23
C LEU A 1544 -6.79 -31.15 -1.86
N SER A 1545 -5.75 -30.81 -1.10
CA SER A 1545 -4.40 -30.84 -1.64
C SER A 1545 -3.98 -32.24 -2.02
N THR A 1546 -4.50 -33.25 -1.32
CA THR A 1546 -4.32 -34.63 -1.73
C THR A 1546 -5.17 -35.01 -2.93
N GLY A 1547 -6.43 -34.59 -2.98
CA GLY A 1547 -7.27 -34.88 -4.12
C GLY A 1547 -6.77 -34.28 -5.42
N ILE A 1548 -6.01 -33.19 -5.34
CA ILE A 1548 -5.42 -32.60 -6.54
C ILE A 1548 -4.37 -33.51 -7.15
N ALA A 1549 -3.58 -34.18 -6.32
CA ALA A 1549 -2.46 -34.98 -6.80
C ALA A 1549 -2.86 -36.33 -7.37
N LEU A 1550 -4.13 -36.71 -7.27
CA LEU A 1550 -4.56 -38.02 -7.76
C LEU A 1550 -5.53 -37.95 -8.93
N ILE A 1551 -6.24 -36.84 -9.11
CA ILE A 1551 -7.22 -36.75 -10.18
C ILE A 1551 -6.49 -36.72 -11.52
N GLY A 1552 -6.94 -37.55 -12.45
CA GLY A 1552 -6.35 -37.65 -13.78
C GLY A 1552 -5.48 -38.87 -13.99
N GLU A 1553 -5.22 -39.65 -12.96
CA GLU A 1553 -4.47 -40.90 -13.06
C GLU A 1553 -3.08 -40.67 -13.63
N PRO A 1554 -2.18 -40.01 -12.90
CA PRO A 1554 -0.82 -39.83 -13.40
C PRO A 1554 0.01 -41.08 -13.18
N ALA A 1555 1.25 -41.04 -13.69
CA ALA A 1555 2.13 -42.19 -13.61
C ALA A 1555 2.82 -42.28 -12.25
N VAL A 1556 3.60 -41.27 -11.89
CA VAL A 1556 4.29 -41.21 -10.62
C VAL A 1556 3.51 -40.26 -9.71
N ILE A 1557 3.58 -40.50 -8.40
CA ILE A 1557 2.88 -39.67 -7.43
C ILE A 1557 3.81 -39.38 -6.26
N PHE A 1558 3.96 -38.11 -5.92
CA PHE A 1558 4.78 -37.68 -4.78
C PHE A 1558 3.86 -37.13 -3.70
N LEU A 1559 3.68 -37.89 -2.63
CA LEU A 1559 2.93 -37.41 -1.48
C LEU A 1559 3.89 -37.03 -0.37
N ASP A 1560 3.64 -35.89 0.28
CA ASP A 1560 4.55 -35.33 1.27
C ASP A 1560 3.75 -35.01 2.53
N GLN A 1561 3.73 -35.95 3.46
CA GLN A 1561 2.88 -35.89 4.65
C GLN A 1561 1.47 -35.56 4.21
N PRO A 1562 0.80 -36.47 3.50
CA PRO A 1562 -0.56 -36.18 3.06
C PRO A 1562 -1.53 -36.00 4.21
N SER A 1563 -1.32 -36.71 5.32
CA SER A 1563 -2.26 -36.72 6.42
C SER A 1563 -1.55 -36.24 7.68
N THR A 1564 -1.73 -34.97 8.01
CA THR A 1564 -1.29 -34.44 9.29
C THR A 1564 -2.44 -33.91 10.13
N GLY A 1565 -3.33 -33.13 9.53
CA GLY A 1565 -4.43 -32.54 10.27
C GLY A 1565 -5.73 -33.28 10.07
N MET A 1566 -5.67 -34.54 9.66
CA MET A 1566 -6.88 -35.30 9.36
C MET A 1566 -7.24 -36.23 10.51
N ASP A 1567 -8.52 -36.27 10.83
CA ASP A 1567 -9.05 -37.13 11.87
C ASP A 1567 -9.04 -38.58 11.40
N PRO A 1568 -9.21 -39.54 12.31
CA PRO A 1568 -9.16 -40.96 11.92
C PRO A 1568 -10.10 -41.34 10.77
N VAL A 1569 -11.32 -40.83 10.74
CA VAL A 1569 -12.28 -41.26 9.73
C VAL A 1569 -11.80 -40.91 8.33
N ALA A 1570 -11.30 -39.70 8.14
CA ALA A 1570 -10.76 -39.28 6.85
C ALA A 1570 -9.38 -39.85 6.58
N ARG A 1571 -8.55 -39.99 7.62
CA ARG A 1571 -7.25 -40.63 7.45
C ARG A 1571 -7.40 -42.08 6.97
N ARG A 1572 -8.51 -42.74 7.29
CA ARG A 1572 -8.74 -44.06 6.73
C ARG A 1572 -9.18 -44.04 5.28
N LEU A 1573 -9.94 -43.04 4.86
CA LEU A 1573 -10.34 -42.96 3.46
C LEU A 1573 -9.15 -42.61 2.57
N LEU A 1574 -8.21 -41.83 3.10
CA LEU A 1574 -6.99 -41.55 2.35
C LEU A 1574 -6.23 -42.84 2.05
N TRP A 1575 -6.17 -43.76 3.00
CA TRP A 1575 -5.50 -45.04 2.77
C TRP A 1575 -6.19 -45.85 1.69
N ASP A 1576 -7.53 -45.88 1.69
CA ASP A 1576 -8.25 -46.58 0.64
C ASP A 1576 -7.96 -46.00 -0.73
N THR A 1577 -7.97 -44.68 -0.85
CA THR A 1577 -7.67 -44.07 -2.14
C THR A 1577 -6.24 -44.39 -2.59
N VAL A 1578 -5.27 -44.27 -1.68
CA VAL A 1578 -3.89 -44.57 -2.03
C VAL A 1578 -3.68 -46.03 -2.40
N ALA A 1579 -4.38 -46.96 -1.76
CA ALA A 1579 -4.26 -48.37 -2.10
C ALA A 1579 -4.93 -48.72 -3.43
N ARG A 1580 -6.14 -48.23 -3.67
CA ARG A 1580 -6.78 -48.48 -4.96
C ARG A 1580 -6.05 -47.81 -6.11
N ALA A 1581 -5.32 -46.72 -5.87
CA ALA A 1581 -4.50 -46.13 -6.92
C ALA A 1581 -3.21 -46.89 -7.16
N ARG A 1582 -2.76 -47.70 -6.20
CA ARG A 1582 -1.51 -48.43 -6.35
C ARG A 1582 -1.72 -49.84 -6.87
N GLU A 1583 -2.88 -50.44 -6.60
CA GLU A 1583 -3.14 -51.76 -7.14
C GLU A 1583 -3.32 -51.73 -8.65
N SER A 1584 -3.48 -50.55 -9.24
CA SER A 1584 -3.58 -50.39 -10.68
C SER A 1584 -2.26 -50.01 -11.32
N GLY A 1585 -1.14 -50.34 -10.69
CA GLY A 1585 0.17 -50.12 -11.28
C GLY A 1585 0.61 -48.69 -11.38
N LYS A 1586 0.88 -48.05 -10.25
CA LYS A 1586 1.40 -46.68 -10.22
C LYS A 1586 2.46 -46.57 -9.15
N ALA A 1587 3.65 -46.10 -9.51
CA ALA A 1587 4.67 -45.84 -8.51
C ALA A 1587 4.20 -44.73 -7.57
N ILE A 1588 4.42 -44.93 -6.28
CA ILE A 1588 3.98 -43.98 -5.26
C ILE A 1588 5.08 -43.88 -4.20
N ILE A 1589 5.37 -42.66 -3.78
CA ILE A 1589 6.39 -42.39 -2.77
C ILE A 1589 5.79 -41.45 -1.73
N ILE A 1590 5.27 -42.01 -0.64
CA ILE A 1590 4.73 -41.18 0.43
C ILE A 1590 5.87 -40.81 1.38
N THR A 1591 5.60 -39.85 2.26
CA THR A 1591 6.54 -39.47 3.31
C THR A 1591 5.72 -39.03 4.51
N SER A 1592 5.71 -39.83 5.57
CA SER A 1592 4.81 -39.59 6.68
C SER A 1592 5.57 -39.73 8.00
N HIS A 1593 4.86 -39.47 9.10
CA HIS A 1593 5.41 -39.59 10.44
C HIS A 1593 4.70 -40.62 11.30
N SER A 1594 3.38 -40.77 11.15
CA SER A 1594 2.67 -41.81 11.84
C SER A 1594 3.04 -43.18 11.24
N MET A 1595 2.77 -44.24 12.00
CA MET A 1595 3.25 -45.56 11.65
C MET A 1595 2.17 -46.51 11.19
N GLU A 1596 0.94 -46.35 11.67
CA GLU A 1596 -0.14 -47.25 11.30
C GLU A 1596 -0.44 -47.21 9.81
N GLU A 1597 -0.07 -46.14 9.11
CA GLU A 1597 -0.18 -46.12 7.66
C GLU A 1597 1.07 -46.67 6.98
N CYS A 1598 2.23 -46.51 7.60
CA CYS A 1598 3.46 -47.03 7.03
C CYS A 1598 3.51 -48.54 7.06
N GLU A 1599 2.59 -49.19 7.77
CA GLU A 1599 2.45 -50.63 7.75
C GLU A 1599 1.17 -51.09 7.10
N ALA A 1600 0.26 -50.17 6.74
CA ALA A 1600 -1.00 -50.53 6.13
C ALA A 1600 -1.01 -50.37 4.61
N LEU A 1601 -0.13 -49.54 4.06
CA LEU A 1601 -0.10 -49.36 2.62
C LEU A 1601 1.31 -49.29 2.04
N CYS A 1602 2.35 -49.52 2.83
CA CYS A 1602 3.70 -49.47 2.31
C CYS A 1602 4.22 -50.86 1.97
N THR A 1603 5.29 -50.87 1.17
CA THR A 1603 5.91 -52.10 0.71
C THR A 1603 7.42 -52.12 0.88
N ARG A 1604 8.10 -50.99 0.89
CA ARG A 1604 9.55 -50.94 1.01
C ARG A 1604 9.91 -49.73 1.86
N LEU A 1605 10.20 -49.93 3.14
CA LEU A 1605 10.46 -48.83 4.05
C LEU A 1605 11.91 -48.36 3.92
N ALA A 1606 12.17 -47.18 4.50
CA ALA A 1606 13.53 -46.66 4.55
C ALA A 1606 13.60 -45.60 5.64
N ILE A 1607 14.32 -45.90 6.71
CA ILE A 1607 14.53 -44.94 7.80
C ILE A 1607 15.84 -44.20 7.52
N MET A 1608 15.73 -42.89 7.27
CA MET A 1608 16.90 -42.08 6.99
C MET A 1608 17.08 -41.03 8.09
N VAL A 1609 18.34 -40.77 8.44
CA VAL A 1609 18.68 -39.78 9.45
C VAL A 1609 19.86 -38.97 8.95
N GLN A 1610 19.87 -37.69 9.29
CA GLN A 1610 20.96 -36.77 8.97
C GLN A 1610 21.21 -36.66 7.46
N GLY A 1611 20.28 -37.10 6.63
CA GLY A 1611 20.41 -36.97 5.20
C GLY A 1611 20.94 -38.17 4.48
N GLN A 1612 20.85 -39.37 5.07
CA GLN A 1612 21.26 -40.59 4.40
C GLN A 1612 20.45 -41.75 4.95
N PHE A 1613 20.28 -42.77 4.11
CA PHE A 1613 19.50 -43.94 4.51
C PHE A 1613 20.25 -44.76 5.55
N LYS A 1614 19.48 -45.44 6.40
CA LYS A 1614 20.05 -46.36 7.37
C LYS A 1614 19.42 -47.75 7.37
N CYS A 1615 18.31 -47.96 6.67
CA CYS A 1615 17.73 -49.28 6.53
C CYS A 1615 16.80 -49.27 5.33
N LEU A 1616 16.69 -50.42 4.67
CA LEU A 1616 15.71 -50.61 3.60
C LEU A 1616 15.05 -51.96 3.81
N GLY A 1617 14.31 -52.40 2.80
CA GLY A 1617 13.64 -53.69 2.85
C GLY A 1617 12.21 -53.60 3.35
N SER A 1618 11.49 -54.69 3.12
CA SER A 1618 10.08 -54.76 3.46
C SER A 1618 9.90 -54.60 4.97
N PRO A 1619 8.73 -54.13 5.42
CA PRO A 1619 8.52 -53.98 6.87
C PRO A 1619 8.68 -55.28 7.63
N GLN A 1620 8.29 -56.41 7.04
CA GLN A 1620 8.54 -57.70 7.67
C GLN A 1620 10.02 -57.98 7.82
N HIS A 1621 10.83 -57.61 6.82
CA HIS A 1621 12.28 -57.75 6.92
C HIS A 1621 12.81 -57.00 8.15
N LEU A 1622 12.42 -55.74 8.30
CA LEU A 1622 12.89 -54.96 9.44
C LEU A 1622 12.41 -55.56 10.76
N LYS A 1623 11.15 -55.98 10.81
CA LYS A 1623 10.59 -56.48 12.07
C LYS A 1623 11.26 -57.79 12.48
N SER A 1624 11.51 -58.67 11.51
CA SER A 1624 12.20 -59.93 11.78
C SER A 1624 13.70 -59.76 11.54
N LYS A 1625 14.26 -58.73 12.18
CA LYS A 1625 15.69 -58.49 12.17
C LYS A 1625 16.36 -59.21 13.34
N PHE A 1626 15.97 -58.86 14.55
CA PHE A 1626 16.47 -59.48 15.78
C PHE A 1626 15.42 -60.35 16.46
N GLY A 1627 14.37 -60.73 15.75
CA GLY A 1627 13.40 -61.67 16.27
C GLY A 1627 12.71 -61.16 17.51
N SER A 1628 12.48 -62.06 18.47
CA SER A 1628 11.81 -61.75 19.73
C SER A 1628 10.45 -61.10 19.48
N GLY A 1629 9.67 -61.73 18.61
CA GLY A 1629 8.42 -61.14 18.16
C GLY A 1629 7.33 -61.16 19.20
N TYR A 1630 7.52 -60.41 20.28
CA TYR A 1630 6.49 -60.28 21.32
C TYR A 1630 6.76 -59.01 22.11
N SER A 1631 5.73 -58.20 22.29
CA SER A 1631 5.83 -56.95 23.04
C SER A 1631 4.59 -56.82 23.94
N LEU A 1632 4.60 -55.80 24.80
CA LEU A 1632 3.49 -55.55 25.70
C LEU A 1632 3.48 -54.08 26.07
N ARG A 1633 2.33 -53.62 26.59
CA ARG A 1633 2.20 -52.26 27.07
C ARG A 1633 1.04 -52.21 28.06
N ALA A 1634 1.35 -51.92 29.32
CA ALA A 1634 0.34 -51.88 30.37
C ALA A 1634 0.02 -50.43 30.73
N LYS A 1635 -0.90 -50.26 31.68
CA LYS A 1635 -1.24 -48.93 32.18
C LYS A 1635 -1.99 -49.07 33.50
N VAL A 1636 -1.52 -48.35 34.51
CA VAL A 1636 -2.17 -48.35 35.82
C VAL A 1636 -3.16 -47.20 35.94
N GLN A 1642 3.94 -45.09 42.39
CA GLN A 1642 5.27 -45.69 42.54
C GLN A 1642 5.16 -47.10 43.13
N GLU A 1643 4.48 -47.21 44.27
CA GLU A 1643 4.35 -48.50 44.94
C GLU A 1643 3.54 -49.47 44.09
N ALA A 1644 2.42 -49.00 43.52
CA ALA A 1644 1.58 -49.87 42.72
C ALA A 1644 2.31 -50.36 41.47
N LEU A 1645 3.00 -49.45 40.78
CA LEU A 1645 3.75 -49.84 39.59
C LEU A 1645 4.90 -50.78 39.95
N GLU A 1646 5.59 -50.52 41.07
CA GLU A 1646 6.68 -51.38 41.49
C GLU A 1646 6.18 -52.79 41.82
N GLU A 1647 5.03 -52.88 42.49
CA GLU A 1647 4.46 -54.19 42.80
C GLU A 1647 3.94 -54.90 41.56
N PHE A 1648 3.38 -54.17 40.59
CA PHE A 1648 2.91 -54.78 39.35
C PHE A 1648 4.05 -55.18 38.42
N LYS A 1649 5.24 -54.58 38.58
CA LYS A 1649 6.40 -55.03 37.83
C LYS A 1649 6.90 -56.39 38.29
N ALA A 1650 6.66 -56.76 39.56
CA ALA A 1650 7.13 -58.04 40.06
C ALA A 1650 6.46 -59.21 39.34
N PHE A 1651 5.15 -59.11 39.10
CA PHE A 1651 4.43 -60.19 38.43
C PHE A 1651 4.99 -60.44 37.02
N VAL A 1652 5.19 -59.38 36.25
CA VAL A 1652 5.70 -59.52 34.89
C VAL A 1652 7.20 -59.71 34.83
N ASP A 1653 7.91 -59.53 35.94
CA ASP A 1653 9.33 -59.87 35.97
C ASP A 1653 9.58 -61.31 36.38
N LEU A 1654 8.82 -61.83 37.34
CA LEU A 1654 8.89 -63.23 37.72
C LEU A 1654 8.07 -64.13 36.81
N THR A 1655 7.28 -63.54 35.91
CA THR A 1655 6.55 -64.30 34.90
C THR A 1655 7.16 -64.23 33.52
N PHE A 1656 7.85 -63.12 33.20
CA PHE A 1656 8.49 -62.92 31.90
C PHE A 1656 9.95 -62.55 32.13
N PRO A 1657 10.81 -63.53 32.38
CA PRO A 1657 12.23 -63.24 32.57
C PRO A 1657 12.88 -62.77 31.28
N GLY A 1658 13.97 -62.02 31.44
CA GLY A 1658 14.68 -61.48 30.29
C GLY A 1658 14.07 -60.22 29.72
N SER A 1659 13.32 -59.47 30.52
CA SER A 1659 12.64 -58.28 30.04
C SER A 1659 13.65 -57.19 29.69
N VAL A 1660 13.30 -56.40 28.67
CA VAL A 1660 14.15 -55.30 28.21
C VAL A 1660 13.30 -54.04 28.30
N LEU A 1661 12.46 -53.96 29.33
CA LEU A 1661 11.46 -52.90 29.44
C LEU A 1661 12.10 -51.51 29.38
N GLU A 1662 11.39 -50.59 28.73
CA GLU A 1662 11.86 -49.22 28.59
C GLU A 1662 10.67 -48.32 28.31
N ASP A 1663 10.90 -47.01 28.40
CA ASP A 1663 9.94 -45.99 27.99
C ASP A 1663 8.62 -46.12 28.78
N GLU A 1664 8.74 -45.86 30.09
CA GLU A 1664 7.59 -45.81 30.98
C GLU A 1664 7.13 -44.38 31.16
N HIS A 1665 5.81 -44.20 31.28
CA HIS A 1665 5.17 -42.89 31.40
C HIS A 1665 4.28 -42.85 32.64
N GLN A 1666 4.82 -43.26 33.78
CA GLN A 1666 4.06 -43.37 35.04
C GLN A 1666 2.83 -44.25 34.85
N GLY A 1667 3.05 -45.41 34.23
CA GLY A 1667 1.96 -46.32 33.94
C GLY A 1667 2.12 -46.99 32.60
N MET A 1668 2.84 -46.34 31.69
CA MET A 1668 3.00 -46.83 30.32
C MET A 1668 4.29 -47.64 30.18
N VAL A 1669 4.63 -48.44 31.18
CA VAL A 1669 5.75 -49.36 31.10
C VAL A 1669 5.60 -50.20 29.84
N HIS A 1670 6.59 -50.11 28.95
CA HIS A 1670 6.56 -50.79 27.67
C HIS A 1670 7.50 -51.99 27.73
N TYR A 1671 6.98 -53.16 27.38
CA TYR A 1671 7.69 -54.42 27.53
C TYR A 1671 8.01 -55.01 26.16
N HIS A 1672 9.28 -55.32 25.94
CA HIS A 1672 9.74 -56.02 24.74
C HIS A 1672 10.17 -57.42 25.18
N LEU A 1673 9.22 -58.34 25.25
CA LEU A 1673 9.52 -59.69 25.68
C LEU A 1673 10.44 -60.37 24.68
N PRO A 1674 11.43 -61.15 25.15
CA PRO A 1674 12.40 -61.81 24.28
C PRO A 1674 11.81 -63.01 23.53
N TRP A 1680 0.80 -66.99 21.72
CA TRP A 1680 0.10 -65.72 21.81
C TRP A 1680 -1.05 -65.83 22.80
N ALA A 1681 -1.69 -67.00 22.82
CA ALA A 1681 -2.71 -67.29 23.81
C ALA A 1681 -2.12 -67.62 25.18
N LYS A 1682 -0.81 -67.77 25.28
CA LYS A 1682 -0.13 -68.05 26.53
C LYS A 1682 0.25 -66.78 27.28
N VAL A 1683 0.05 -65.60 26.69
CA VAL A 1683 0.27 -64.34 27.38
C VAL A 1683 -1.02 -63.54 27.53
N PHE A 1684 -2.00 -63.74 26.66
CA PHE A 1684 -3.30 -63.10 26.83
C PHE A 1684 -4.10 -63.78 27.93
N GLY A 1685 -3.98 -65.10 28.05
CA GLY A 1685 -4.67 -65.81 29.11
C GLY A 1685 -4.11 -65.52 30.49
N ILE A 1686 -2.86 -65.06 30.57
CA ILE A 1686 -2.28 -64.71 31.87
C ILE A 1686 -3.04 -63.56 32.50
N LEU A 1687 -3.36 -62.54 31.70
CA LEU A 1687 -4.06 -61.37 32.19
C LEU A 1687 -5.56 -61.55 32.33
N GLU A 1688 -6.04 -62.81 32.32
CA GLU A 1688 -7.43 -63.10 32.59
C GLU A 1688 -7.76 -63.15 34.07
N LYS A 1689 -6.74 -63.10 34.93
CA LYS A 1689 -6.95 -62.99 36.38
C LYS A 1689 -6.03 -62.00 37.06
N ALA A 1690 -4.97 -61.51 36.41
CA ALA A 1690 -4.00 -60.62 37.04
C ALA A 1690 -4.34 -59.16 36.75
N LYS A 1691 -5.56 -58.77 37.13
CA LYS A 1691 -5.97 -57.39 37.04
C LYS A 1691 -6.57 -56.92 38.37
N GLU A 1692 -7.21 -57.83 39.09
CA GLU A 1692 -7.78 -57.48 40.39
C GLU A 1692 -6.68 -57.20 41.41
N LYS A 1693 -5.61 -57.98 41.40
CA LYS A 1693 -4.48 -57.80 42.30
C LYS A 1693 -3.30 -57.13 41.62
N TYR A 1694 -3.51 -56.55 40.44
CA TYR A 1694 -2.47 -55.81 39.74
C TYR A 1694 -2.80 -54.35 39.52
N GLY A 1695 -4.05 -53.94 39.69
CA GLY A 1695 -4.42 -52.54 39.60
C GLY A 1695 -4.28 -51.90 38.24
N VAL A 1696 -4.70 -52.60 37.19
CA VAL A 1696 -4.66 -52.07 35.83
C VAL A 1696 -6.08 -51.93 35.31
N ASP A 1697 -6.22 -51.14 34.25
CA ASP A 1697 -7.50 -51.00 33.56
C ASP A 1697 -7.42 -51.28 32.06
N ASP A 1698 -6.23 -51.27 31.46
CA ASP A 1698 -6.10 -51.62 30.05
C ASP A 1698 -4.69 -52.13 29.79
N TYR A 1699 -4.56 -52.87 28.68
CA TYR A 1699 -3.33 -53.55 28.31
C TYR A 1699 -3.43 -53.96 26.84
N SER A 1700 -2.28 -54.05 26.18
CA SER A 1700 -2.22 -54.46 24.78
C SER A 1700 -1.00 -55.33 24.56
N VAL A 1701 -1.22 -56.56 24.12
CA VAL A 1701 -0.14 -57.48 23.77
C VAL A 1701 -0.21 -57.74 22.27
N SER A 1702 0.94 -57.61 21.61
CA SER A 1702 0.97 -57.71 20.15
C SER A 1702 2.38 -58.05 19.71
N GLN A 1703 2.48 -58.50 18.46
CA GLN A 1703 3.77 -58.77 17.85
C GLN A 1703 4.59 -57.49 17.78
N ILE A 1704 5.91 -57.64 17.63
CA ILE A 1704 6.83 -56.53 17.87
C ILE A 1704 6.44 -55.32 17.04
N SER A 1705 6.56 -54.14 17.65
CA SER A 1705 6.09 -52.89 17.06
C SER A 1705 7.12 -52.29 16.11
N LEU A 1706 6.63 -51.73 15.01
CA LEU A 1706 7.50 -51.00 14.10
C LEU A 1706 8.12 -49.78 14.78
N GLU A 1707 7.38 -49.15 15.69
CA GLU A 1707 7.89 -47.97 16.36
C GLU A 1707 9.11 -48.29 17.21
N GLN A 1708 9.22 -49.52 17.71
CA GLN A 1708 10.41 -49.91 18.44
C GLN A 1708 11.63 -49.96 17.52
N VAL A 1709 11.44 -50.50 16.31
CA VAL A 1709 12.52 -50.48 15.32
C VAL A 1709 12.90 -49.05 15.00
N PHE A 1710 11.90 -48.17 14.89
CA PHE A 1710 12.18 -46.76 14.61
C PHE A 1710 12.95 -46.11 15.75
N LEU A 1711 12.57 -46.39 16.99
CA LEU A 1711 13.24 -45.83 18.16
C LEU A 1711 14.62 -46.42 18.37
N SER A 1712 14.89 -47.59 17.78
CA SER A 1712 16.22 -48.18 17.90
C SER A 1712 17.31 -47.31 17.30
N PHE A 1713 16.96 -46.45 16.34
CA PHE A 1713 17.90 -45.57 15.69
C PHE A 1713 18.02 -44.22 16.38
N ALA A 1714 17.33 -44.04 17.52
CA ALA A 1714 17.29 -42.73 18.16
C ALA A 1714 18.66 -42.28 18.63
N HIS A 1715 19.35 -43.13 19.40
CA HIS A 1715 20.64 -42.74 19.97
C HIS A 1715 21.71 -42.79 18.89
N LEU A 1716 21.55 -41.90 17.91
CA LEU A 1716 22.49 -41.79 16.81
C LEU A 1716 22.80 -40.32 16.55
PG ATP B . -9.55 -28.91 12.11
O1G ATP B . -9.95 -30.12 12.90
O2G ATP B . -9.12 -29.20 10.70
O3G ATP B . -8.64 -27.96 12.86
PB ATP B . -11.38 -27.10 13.11
O1B ATP B . -11.65 -27.97 14.29
O2B ATP B . -10.42 -25.95 13.20
O3B ATP B . -10.90 -28.06 11.93
PA ATP B . -13.10 -24.99 12.38
O1A ATP B . -12.06 -24.39 11.48
O2A ATP B . -13.38 -24.35 13.70
O3A ATP B . -12.79 -26.54 12.57
O5' ATP B . -14.47 -25.05 11.57
C5' ATP B . -15.54 -24.17 11.85
C4' ATP B . -16.50 -24.21 10.68
O4' ATP B . -16.79 -22.87 10.31
C3' ATP B . -15.85 -24.88 9.49
O3' ATP B . -16.75 -25.81 8.93
C2' ATP B . -15.59 -23.80 8.48
O2' ATP B . -16.07 -24.24 7.21
C1' ATP B . -16.40 -22.61 8.97
N9 ATP B . -15.53 -21.42 8.93
C8 ATP B . -14.35 -21.29 9.57
N7 ATP B . -13.81 -20.07 9.33
C5 ATP B . -14.64 -19.40 8.53
C6 ATP B . -14.68 -18.07 7.90
N6 ATP B . -13.68 -17.18 8.09
N1 ATP B . -15.73 -17.77 7.12
C2 ATP B . -16.74 -18.64 6.92
N3 ATP B . -16.78 -19.86 7.47
C4 ATP B . -15.77 -20.30 8.26
PG ATP C . 9.89 -32.41 8.59
O1G ATP C . 9.80 -32.41 10.09
O2G ATP C . 8.93 -31.50 7.87
O3G ATP C . 9.98 -33.78 7.97
PB ATP C . 12.11 -32.16 6.94
O1B ATP C . 12.75 -33.52 7.13
O2B ATP C . 11.19 -31.93 5.79
O3B ATP C . 11.31 -31.77 8.29
PA ATP C . 14.11 -30.74 5.61
O1A ATP C . 13.30 -29.85 4.72
O2A ATP C . 14.67 -32.05 5.11
O3A ATP C . 13.26 -31.05 6.93
O5' ATP C . 15.31 -29.88 6.25
C5' ATP C . 16.64 -30.08 5.81
C4' ATP C . 17.58 -29.32 6.74
O4' ATP C . 18.16 -28.24 6.01
C3' ATP C . 16.86 -28.75 7.93
O3' ATP C . 17.51 -29.18 9.12
C2' ATP C . 16.97 -27.24 7.82
O2' ATP C . 17.58 -26.71 9.00
C1' ATP C . 17.86 -26.99 6.62
N9 ATP C . 17.14 -26.19 5.60
C8 ATP C . 15.92 -26.47 5.10
N7 ATP C . 15.55 -25.56 4.18
C5 ATP C . 16.54 -24.66 4.09
C6 ATP C . 16.80 -23.44 3.30
N6 ATP C . 15.89 -22.99 2.41
N1 ATP C . 17.97 -22.81 3.49
C2 ATP C . 18.89 -23.25 4.37
N3 ATP C . 18.72 -24.35 5.12
C4 ATP C . 17.59 -25.08 5.02
MG MG D . -8.55 -26.02 13.90
MG MG E . 9.13 -31.74 5.71
C1 NAG F . -25.67 47.33 -34.96
C2 NAG F . -27.16 46.99 -35.02
C3 NAG F . -27.75 47.46 -36.35
C4 NAG F . -27.44 48.94 -36.59
C5 NAG F . -25.94 49.20 -36.44
C6 NAG F . -25.59 50.66 -36.53
C7 NAG F . -28.55 45.05 -34.45
C8 NAG F . -28.59 43.55 -34.31
N2 NAG F . -27.38 45.57 -34.84
O3 NAG F . -29.17 47.26 -36.35
O4 NAG F . -27.85 49.31 -37.90
O5 NAG F . -25.49 48.74 -35.15
O6 NAG F . -24.40 50.96 -35.81
O7 NAG F . -29.52 45.75 -34.21
C1 NAG G . -30.02 68.31 -1.27
C2 NAG G . -31.15 67.32 -0.97
C3 NAG G . -31.09 66.86 0.49
C4 NAG G . -29.70 66.38 0.85
C5 NAG G . -28.66 67.41 0.46
C6 NAG G . -27.23 66.97 0.70
C7 NAG G . -33.58 67.22 -1.42
C8 NAG G . -34.81 68.01 -1.71
N2 NAG G . -32.45 67.92 -1.26
O3 NAG G . -32.04 65.82 0.70
O4 NAG G . -29.61 66.13 2.25
O5 NAG G . -28.77 67.71 -0.94
O6 NAG G . -26.43 68.04 1.18
O7 NAG G . -33.59 66.00 -1.33
#